data_3JZK
# 
_entry.id   3JZK 
# 
_audit_conform.dict_name       mmcif_pdbx.dic 
_audit_conform.dict_version    5.378 
_audit_conform.dict_location   http://mmcif.pdb.org/dictionaries/ascii/mmcif_pdbx.dic 
# 
loop_
_database_2.database_id 
_database_2.database_code 
_database_2.pdbx_database_accession 
_database_2.pdbx_DOI 
PDB   3JZK         pdb_00003jzk 10.2210/pdb3jzk/pdb 
RCSB  RCSB055357   ?            ?                   
WWPDB D_1000055357 ?            ?                   
# 
_pdbx_database_status.status_code                     REL 
_pdbx_database_status.entry_id                        3JZK 
_pdbx_database_status.recvd_initial_deposition_date   2009-09-23 
_pdbx_database_status.deposit_site                    RCSB 
_pdbx_database_status.process_site                    RCSB 
_pdbx_database_status.status_code_sf                  REL 
_pdbx_database_status.status_code_mr                  ? 
_pdbx_database_status.SG_entry                        ? 
_pdbx_database_status.pdb_format_compatible           Y 
_pdbx_database_status.status_code_cs                  ? 
_pdbx_database_status.status_code_nmr_data            ? 
_pdbx_database_status.methods_development_category    ? 
# 
_audit_author.name           'Huang, X.' 
_audit_author.pdbx_ordinal   1 
# 
_citation.id                        primary 
_citation.title                     
;Discovery and optimization of chromenotriazolopyrimidines as potent inhibitors of the mouse double minute 2-tumor protein 53 protein-protein interaction.
;
_citation.journal_abbrev            J.Med.Chem. 
_citation.journal_volume            52 
_citation.page_first                7044 
_citation.page_last                 7053 
_citation.year                      2009 
_citation.journal_id_ASTM           JMCMAR 
_citation.country                   US 
_citation.journal_id_ISSN           0022-2623 
_citation.journal_id_CSD            0151 
_citation.book_publisher            ? 
_citation.pdbx_database_id_PubMed   19856920 
_citation.pdbx_database_id_DOI      10.1021/jm900681h 
# 
loop_
_citation_author.citation_id 
_citation_author.name 
_citation_author.ordinal 
_citation_author.identifier_ORCID 
primary 'Allen, J.G.'      1  ? 
primary 'Bourbeau, M.P.'   2  ? 
primary 'Wohlhieter, G.E.' 3  ? 
primary 'Bartberger, M.D.' 4  ? 
primary 'Michelsen, K.'    5  ? 
primary 'Hungate, R.'      6  ? 
primary 'Gadwood, R.C.'    7  ? 
primary 'Gaston, R.D.'     8  ? 
primary 'Evans, B.'        9  ? 
primary 'Mann, L.W.'       10 ? 
primary 'Matison, M.E.'    11 ? 
primary 'Schneider, S.'    12 ? 
primary 'Huang, X.'        13 ? 
primary 'Yu, D.'           14 ? 
primary 'Andrews, P.S.'    15 ? 
primary 'Reichelt, A.'     16 ? 
primary 'Long, A.M.'       17 ? 
primary 'Yakowec, P.'      18 ? 
primary 'Yang, E.Y.'       19 ? 
primary 'Lee, T.A.'        20 ? 
primary 'Oliner, J.D.'     21 ? 
# 
_cell.entry_id           3JZK 
_cell.length_a           34.530 
_cell.length_b           34.530 
_cell.length_c           161.251 
_cell.angle_alpha        90.0 
_cell.angle_beta         90.0 
_cell.angle_gamma        90.0 
_cell.Z_PDB              8 
_cell.pdbx_unique_axis   ? 
_cell.length_a_esd       ? 
_cell.length_b_esd       ? 
_cell.length_c_esd       ? 
_cell.angle_alpha_esd    ? 
_cell.angle_beta_esd     ? 
_cell.angle_gamma_esd    ? 
# 
_symmetry.entry_id                         3JZK 
_symmetry.space_group_name_H-M             'P 41 21 2' 
_symmetry.pdbx_full_space_group_name_H-M   ? 
_symmetry.cell_setting                     ? 
_symmetry.Int_Tables_number                92 
_symmetry.space_group_name_Hall            ? 
# 
loop_
_entity.id 
_entity.type 
_entity.src_method 
_entity.pdbx_description 
_entity.formula_weight 
_entity.pdbx_number_of_molecules 
_entity.pdbx_ec 
_entity.pdbx_mutation 
_entity.pdbx_fragment 
_entity.details 
1 polymer     man 'E3 ubiquitin-protein ligase Mdm2'                                                               11156.052 1  
6.3.2.- ? 'MDM2 N-terminal domain, residues 17-111' ? 
2 non-polymer syn '(6R,7S)-6,7-bis(4-bromophenyl)-7,11-dihydro-6H-chromeno[4,3-d][1,2,4]triazolo[1,5-a]pyrimidine' 536.218   1  ? 
? ?                                         ? 
3 water       nat water                                                                                            18.015    45 ? 
? ?                                         ? 
# 
_entity_name_com.entity_id   1 
_entity_name_com.name        'p53-binding protein Mdm2, Oncoprotein Mdm2, Double minute 2 protein, Hdm2' 
# 
_entity_poly.entity_id                      1 
_entity_poly.type                           'polypeptide(L)' 
_entity_poly.nstd_linkage                   no 
_entity_poly.nstd_monomer                   no 
_entity_poly.pdbx_seq_one_letter_code       
;GSQIPASEQETLVRPKPLLLKLLKSVGAQKDTYTMKEVLFYLGQYIMTKRLYDEKQQHIVYCSNDLLGDLFGVPSFSVKE
HRKIYTMIYRNLVVVN
;
_entity_poly.pdbx_seq_one_letter_code_can   
;GSQIPASEQETLVRPKPLLLKLLKSVGAQKDTYTMKEVLFYLGQYIMTKRLYDEKQQHIVYCSNDLLGDLFGVPSFSVKE
HRKIYTMIYRNLVVVN
;
_entity_poly.pdbx_strand_id                 A 
_entity_poly.pdbx_target_identifier         ? 
# 
loop_
_entity_poly_seq.entity_id 
_entity_poly_seq.num 
_entity_poly_seq.mon_id 
_entity_poly_seq.hetero 
1 1  GLY n 
1 2  SER n 
1 3  GLN n 
1 4  ILE n 
1 5  PRO n 
1 6  ALA n 
1 7  SER n 
1 8  GLU n 
1 9  GLN n 
1 10 GLU n 
1 11 THR n 
1 12 LEU n 
1 13 VAL n 
1 14 ARG n 
1 15 PRO n 
1 16 LYS n 
1 17 PRO n 
1 18 LEU n 
1 19 LEU n 
1 20 LEU n 
1 21 LYS n 
1 22 LEU n 
1 23 LEU n 
1 24 LYS n 
1 25 SER n 
1 26 VAL n 
1 27 GLY n 
1 28 ALA n 
1 29 GLN n 
1 30 LYS n 
1 31 ASP n 
1 32 THR n 
1 33 TYR n 
1 34 THR n 
1 35 MET n 
1 36 LYS n 
1 37 GLU n 
1 38 VAL n 
1 39 LEU n 
1 40 PHE n 
1 41 TYR n 
1 42 LEU n 
1 43 GLY n 
1 44 GLN n 
1 45 TYR n 
1 46 ILE n 
1 47 MET n 
1 48 THR n 
1 49 LYS n 
1 50 ARG n 
1 51 LEU n 
1 52 TYR n 
1 53 ASP n 
1 54 GLU n 
1 55 LYS n 
1 56 GLN n 
1 57 GLN n 
1 58 HIS n 
1 59 ILE n 
1 60 VAL n 
1 61 TYR n 
1 62 CYS n 
1 63 SER n 
1 64 ASN n 
1 65 ASP n 
1 66 LEU n 
1 67 LEU n 
1 68 GLY n 
1 69 ASP n 
1 70 LEU n 
1 71 PHE n 
1 72 GLY n 
1 73 VAL n 
1 74 PRO n 
1 75 SER n 
1 76 PHE n 
1 77 SER n 
1 78 VAL n 
1 79 LYS n 
1 80 GLU n 
1 81 HIS n 
1 82 ARG n 
1 83 LYS n 
1 84 ILE n 
1 85 TYR n 
1 86 THR n 
1 87 MET n 
1 88 ILE n 
1 89 TYR n 
1 90 ARG n 
1 91 ASN n 
1 92 LEU n 
1 93 VAL n 
1 94 VAL n 
1 95 VAL n 
1 96 ASN n 
# 
_entity_src_gen.entity_id                          1 
_entity_src_gen.pdbx_src_id                        1 
_entity_src_gen.pdbx_alt_source_flag               sample 
_entity_src_gen.pdbx_seq_type                      ? 
_entity_src_gen.pdbx_beg_seq_num                   ? 
_entity_src_gen.pdbx_end_seq_num                   ? 
_entity_src_gen.gene_src_common_name               human 
_entity_src_gen.gene_src_genus                     ? 
_entity_src_gen.pdbx_gene_src_gene                 MDM2 
_entity_src_gen.gene_src_species                   ? 
_entity_src_gen.gene_src_strain                    ? 
_entity_src_gen.gene_src_tissue                    ? 
_entity_src_gen.gene_src_tissue_fraction           ? 
_entity_src_gen.gene_src_details                   ? 
_entity_src_gen.pdbx_gene_src_fragment             ? 
_entity_src_gen.pdbx_gene_src_scientific_name      'Homo sapiens' 
_entity_src_gen.pdbx_gene_src_ncbi_taxonomy_id     9606 
_entity_src_gen.pdbx_gene_src_variant              ? 
_entity_src_gen.pdbx_gene_src_cell_line            ? 
_entity_src_gen.pdbx_gene_src_atcc                 ? 
_entity_src_gen.pdbx_gene_src_organ                ? 
_entity_src_gen.pdbx_gene_src_organelle            ? 
_entity_src_gen.pdbx_gene_src_cell                 ? 
_entity_src_gen.pdbx_gene_src_cellular_location    ? 
_entity_src_gen.host_org_common_name               ? 
_entity_src_gen.pdbx_host_org_scientific_name      'Escherichia coli' 
_entity_src_gen.pdbx_host_org_ncbi_taxonomy_id     562 
_entity_src_gen.host_org_genus                     ? 
_entity_src_gen.pdbx_host_org_gene                 ? 
_entity_src_gen.pdbx_host_org_organ                ? 
_entity_src_gen.host_org_species                   ? 
_entity_src_gen.pdbx_host_org_tissue               ? 
_entity_src_gen.pdbx_host_org_tissue_fraction      ? 
_entity_src_gen.pdbx_host_org_strain               ? 
_entity_src_gen.pdbx_host_org_variant              ? 
_entity_src_gen.pdbx_host_org_cell_line            ? 
_entity_src_gen.pdbx_host_org_atcc                 ? 
_entity_src_gen.pdbx_host_org_culture_collection   ? 
_entity_src_gen.pdbx_host_org_cell                 ? 
_entity_src_gen.pdbx_host_org_organelle            ? 
_entity_src_gen.pdbx_host_org_cellular_location    ? 
_entity_src_gen.pdbx_host_org_vector_type          ? 
_entity_src_gen.pdbx_host_org_vector               ? 
_entity_src_gen.host_org_details                   ? 
_entity_src_gen.expression_system_id               ? 
_entity_src_gen.plasmid_name                       ? 
_entity_src_gen.plasmid_details                    ? 
_entity_src_gen.pdbx_description                   ? 
# 
_struct_ref.id                         1 
_struct_ref.db_name                    UNP 
_struct_ref.db_code                    MDM2_HUMAN 
_struct_ref.pdbx_db_accession          Q00987 
_struct_ref.entity_id                  1 
_struct_ref.pdbx_seq_one_letter_code   
;SQIPASEQETLVRPKPLLLKLLKSVGAQKDTYTMKEVLFYLGQYIMTKRLYDEKQQHIVYCSNDLLGDLFGVPSFSVKEH
RKIYTMIYRNLVVVN
;
_struct_ref.pdbx_align_begin           17 
_struct_ref.pdbx_db_isoform            ? 
# 
_struct_ref_seq.align_id                      1 
_struct_ref_seq.ref_id                        1 
_struct_ref_seq.pdbx_PDB_id_code              3JZK 
_struct_ref_seq.pdbx_strand_id                A 
_struct_ref_seq.seq_align_beg                 2 
_struct_ref_seq.pdbx_seq_align_beg_ins_code   ? 
_struct_ref_seq.seq_align_end                 96 
_struct_ref_seq.pdbx_seq_align_end_ins_code   ? 
_struct_ref_seq.pdbx_db_accession             Q00987 
_struct_ref_seq.db_align_beg                  17 
_struct_ref_seq.pdbx_db_align_beg_ins_code    ? 
_struct_ref_seq.db_align_end                  111 
_struct_ref_seq.pdbx_db_align_end_ins_code    ? 
_struct_ref_seq.pdbx_auth_seq_align_beg       17 
_struct_ref_seq.pdbx_auth_seq_align_end       111 
# 
_struct_ref_seq_dif.align_id                     1 
_struct_ref_seq_dif.pdbx_pdb_id_code             3JZK 
_struct_ref_seq_dif.mon_id                       GLY 
_struct_ref_seq_dif.pdbx_pdb_strand_id           A 
_struct_ref_seq_dif.seq_num                      1 
_struct_ref_seq_dif.pdbx_pdb_ins_code            ? 
_struct_ref_seq_dif.pdbx_seq_db_name             UNP 
_struct_ref_seq_dif.pdbx_seq_db_accession_code   Q00987 
_struct_ref_seq_dif.db_mon_id                    ? 
_struct_ref_seq_dif.pdbx_seq_db_seq_num          ? 
_struct_ref_seq_dif.details                      'expression tag' 
_struct_ref_seq_dif.pdbx_auth_seq_num            16 
_struct_ref_seq_dif.pdbx_ordinal                 1 
# 
loop_
_chem_comp.id 
_chem_comp.type 
_chem_comp.mon_nstd_flag 
_chem_comp.name 
_chem_comp.pdbx_synonyms 
_chem_comp.formula 
_chem_comp.formula_weight 
ALA 'L-peptide linking' y ALANINE                                                                                          ? 
'C3 H7 N O2'       89.093  
ARG 'L-peptide linking' y ARGININE                                                                                         ? 
'C6 H15 N4 O2 1'   175.209 
ASN 'L-peptide linking' y ASPARAGINE                                                                                       ? 
'C4 H8 N2 O3'      132.118 
ASP 'L-peptide linking' y 'ASPARTIC ACID'                                                                                  ? 
'C4 H7 N O4'       133.103 
CYS 'L-peptide linking' y CYSTEINE                                                                                         ? 
'C3 H7 N O2 S'     121.158 
GLN 'L-peptide linking' y GLUTAMINE                                                                                        ? 
'C5 H10 N2 O3'     146.144 
GLU 'L-peptide linking' y 'GLUTAMIC ACID'                                                                                  ? 
'C5 H9 N O4'       147.129 
GLY 'peptide linking'   y GLYCINE                                                                                          ? 
'C2 H5 N O2'       75.067  
HIS 'L-peptide linking' y HISTIDINE                                                                                        ? 
'C6 H10 N3 O2 1'   156.162 
HOH non-polymer         . WATER                                                                                            ? 
'H2 O'             18.015  
ILE 'L-peptide linking' y ISOLEUCINE                                                                                       ? 
'C6 H13 N O2'      131.173 
LEU 'L-peptide linking' y LEUCINE                                                                                          ? 
'C6 H13 N O2'      131.173 
LYS 'L-peptide linking' y LYSINE                                                                                           ? 
'C6 H15 N2 O2 1'   147.195 
MET 'L-peptide linking' y METHIONINE                                                                                       ? 
'C5 H11 N O2 S'    149.211 
PHE 'L-peptide linking' y PHENYLALANINE                                                                                    ? 
'C9 H11 N O2'      165.189 
PRO 'L-peptide linking' y PROLINE                                                                                          ? 
'C5 H9 N O2'       115.130 
SER 'L-peptide linking' y SERINE                                                                                           ? 
'C3 H7 N O3'       105.093 
THR 'L-peptide linking' y THREONINE                                                                                        ? 
'C4 H9 N O3'       119.119 
TYR 'L-peptide linking' y TYROSINE                                                                                         ? 
'C9 H11 N O3'      181.189 
VAL 'L-peptide linking' y VALINE                                                                                           ? 
'C5 H11 N O2'      117.146 
YIN non-polymer         . '(6R,7S)-6,7-bis(4-bromophenyl)-7,11-dihydro-6H-chromeno[4,3-d][1,2,4]triazolo[1,5-a]pyrimidine' 
'chromenotriazolopyrimidine 1' 'C24 H16 Br2 N4 O' 536.218 
# 
_exptl.entry_id          3JZK 
_exptl.method            'X-RAY DIFFRACTION' 
_exptl.crystals_number   1 
# 
_exptl_crystal.id                    1 
_exptl_crystal.density_meas          ? 
_exptl_crystal.density_Matthews      2.15 
_exptl_crystal.density_percent_sol   42.90 
_exptl_crystal.description           ? 
_exptl_crystal.F_000                 ? 
_exptl_crystal.preparation           ? 
# 
_exptl_crystal_grow.crystal_id      1 
_exptl_crystal_grow.method          'VAPOR DIFFUSION, HANGING DROP' 
_exptl_crystal_grow.temp            277 
_exptl_crystal_grow.temp_details    ? 
_exptl_crystal_grow.pH              7.0 
_exptl_crystal_grow.pdbx_details    '2.4 M (NH4)2SO4, pH 7.0, VAPOR DIFFUSION, HANGING DROP, temperature 277K' 
_exptl_crystal_grow.pdbx_pH_range   ? 
# 
_diffrn.id                     1 
_diffrn.ambient_temp           100 
_diffrn.ambient_temp_details   ? 
_diffrn.crystal_id             1 
# 
_diffrn_detector.diffrn_id              1 
_diffrn_detector.detector               'IMAGE PLATE' 
_diffrn_detector.type                   'RIGAKU RAXIS IV' 
_diffrn_detector.pdbx_collection_date   ? 
_diffrn_detector.details                ? 
# 
_diffrn_radiation.diffrn_id                        1 
_diffrn_radiation.wavelength_id                    1 
_diffrn_radiation.pdbx_monochromatic_or_laue_m_l   M 
_diffrn_radiation.monochromator                    ? 
_diffrn_radiation.pdbx_diffrn_protocol             'SINGLE WAVELENGTH' 
_diffrn_radiation.pdbx_scattering_type             x-ray 
# 
_diffrn_radiation_wavelength.id           1 
_diffrn_radiation_wavelength.wavelength   1.5418 
_diffrn_radiation_wavelength.wt           1.0 
# 
_diffrn_source.diffrn_id                   1 
_diffrn_source.source                      'ROTATING ANODE' 
_diffrn_source.type                        'RIGAKU FR-E DW' 
_diffrn_source.pdbx_synchrotron_site       ? 
_diffrn_source.pdbx_synchrotron_beamline   ? 
_diffrn_source.pdbx_wavelength             ? 
_diffrn_source.pdbx_wavelength_list        1.5418 
# 
_reflns.entry_id                     3JZK 
_reflns.observed_criterion_sigma_I   -3.0 
_reflns.observed_criterion_sigma_F   ? 
_reflns.d_resolution_low             30.0 
_reflns.d_resolution_high            2.10 
_reflns.number_obs                   5900 
_reflns.number_all                   6315 
_reflns.percent_possible_obs         93.4 
_reflns.pdbx_Rmerge_I_obs            0.059 
_reflns.pdbx_Rsym_value              ? 
_reflns.pdbx_netI_over_sigmaI        19.0 
_reflns.B_iso_Wilson_estimate        ? 
_reflns.pdbx_redundancy              3.73 
_reflns.R_free_details               ? 
_reflns.limit_h_max                  ? 
_reflns.limit_h_min                  ? 
_reflns.limit_k_max                  ? 
_reflns.limit_k_min                  ? 
_reflns.limit_l_max                  ? 
_reflns.limit_l_min                  ? 
_reflns.observed_criterion_F_max     ? 
_reflns.observed_criterion_F_min     ? 
_reflns.pdbx_chi_squared             ? 
_reflns.pdbx_scaling_rejects         ? 
_reflns.pdbx_diffrn_id               1 
_reflns.pdbx_ordinal                 1 
# 
_reflns_shell.d_res_high             2.10 
_reflns_shell.d_res_low              2.18 
_reflns_shell.percent_possible_all   82 
_reflns_shell.Rmerge_I_obs           0.290 
_reflns_shell.pdbx_Rsym_value        ? 
_reflns_shell.meanI_over_sigI_obs    3.80 
_reflns_shell.pdbx_redundancy        ? 
_reflns_shell.percent_possible_obs   ? 
_reflns_shell.number_unique_all      ? 
_reflns_shell.number_measured_all    ? 
_reflns_shell.number_measured_obs    ? 
_reflns_shell.number_unique_obs      ? 
_reflns_shell.pdbx_chi_squared       ? 
_reflns_shell.pdbx_diffrn_id         ? 
_reflns_shell.pdbx_ordinal           1 
# 
_refine.entry_id                                 3JZK 
_refine.ls_number_reflns_obs                     5900 
_refine.ls_number_reflns_all                     6315 
_refine.pdbx_ls_sigma_I                          ? 
_refine.pdbx_ls_sigma_F                          0.00 
_refine.pdbx_data_cutoff_high_absF               ? 
_refine.pdbx_data_cutoff_low_absF                ? 
_refine.pdbx_data_cutoff_high_rms_absF           ? 
_refine.ls_d_res_low                             30.0 
_refine.ls_d_res_high                            2.10 
_refine.ls_percent_reflns_obs                    ? 
_refine.ls_R_factor_obs                          ? 
_refine.ls_R_factor_all                          ? 
_refine.ls_R_factor_R_work                       0.30 
_refine.ls_R_factor_R_free                       0.32 
_refine.ls_R_factor_R_free_error                 ? 
_refine.ls_R_factor_R_free_error_details         ? 
_refine.ls_percent_reflns_R_free                 ? 
_refine.ls_number_reflns_R_free                  279 
_refine.ls_number_parameters                     ? 
_refine.ls_number_restraints                     ? 
_refine.occupancy_min                            ? 
_refine.occupancy_max                            ? 
_refine.correlation_coeff_Fo_to_Fc               ? 
_refine.correlation_coeff_Fo_to_Fc_free          ? 
_refine.B_iso_mean                               ? 
_refine.aniso_B[1][1]                            ? 
_refine.aniso_B[2][2]                            ? 
_refine.aniso_B[3][3]                            ? 
_refine.aniso_B[1][2]                            ? 
_refine.aniso_B[1][3]                            ? 
_refine.aniso_B[2][3]                            ? 
_refine.solvent_model_details                    ? 
_refine.solvent_model_param_ksol                 ? 
_refine.solvent_model_param_bsol                 ? 
_refine.pdbx_solvent_vdw_probe_radii             ? 
_refine.pdbx_solvent_ion_probe_radii             ? 
_refine.pdbx_solvent_shrinkage_radii             ? 
_refine.pdbx_ls_cross_valid_method               ? 
_refine.details                                  ? 
_refine.pdbx_starting_model                      'PDB ENTRY 1T4E' 
_refine.pdbx_method_to_determine_struct          'MOLECULAR REPLACEMENT' 
_refine.pdbx_isotropic_thermal_model             ? 
_refine.pdbx_stereochemistry_target_values       'Engh & Huber' 
_refine.pdbx_stereochem_target_val_spec_case     ? 
_refine.pdbx_R_Free_selection_details            RANDOM 
_refine.pdbx_overall_ESU_R                       ? 
_refine.pdbx_overall_ESU_R_Free                  ? 
_refine.overall_SU_ML                            ? 
_refine.overall_SU_B                             ? 
_refine.ls_redundancy_reflns_obs                 ? 
_refine.B_iso_min                                ? 
_refine.B_iso_max                                ? 
_refine.overall_SU_R_Cruickshank_DPI             ? 
_refine.overall_SU_R_free                        ? 
_refine.ls_wR_factor_R_free                      ? 
_refine.ls_wR_factor_R_work                      ? 
_refine.overall_FOM_free_R_set                   ? 
_refine.overall_FOM_work_R_set                   ? 
_refine.pdbx_overall_phase_error                 ? 
_refine.pdbx_refine_id                           'X-RAY DIFFRACTION' 
_refine.pdbx_diffrn_id                           1 
_refine.pdbx_TLS_residual_ADP_flag               ? 
_refine.pdbx_overall_SU_R_free_Cruickshank_DPI   ? 
_refine.pdbx_overall_SU_R_Blow_DPI               ? 
_refine.pdbx_overall_SU_R_free_Blow_DPI          ? 
# 
_refine_hist.pdbx_refine_id                   'X-RAY DIFFRACTION' 
_refine_hist.cycle_id                         LAST 
_refine_hist.pdbx_number_atoms_protein        753 
_refine_hist.pdbx_number_atoms_nucleic_acid   0 
_refine_hist.pdbx_number_atoms_ligand         31 
_refine_hist.number_atoms_solvent             45 
_refine_hist.number_atoms_total               829 
_refine_hist.d_res_high                       2.10 
_refine_hist.d_res_low                        30.0 
# 
loop_
_refine_ls_restr.type 
_refine_ls_restr.dev_ideal 
_refine_ls_restr.dev_ideal_target 
_refine_ls_restr.weight 
_refine_ls_restr.number 
_refine_ls_restr.pdbx_refine_id 
_refine_ls_restr.pdbx_restraint_function 
c_bond_d    0.011 ? ? ? 'X-RAY DIFFRACTION' ? 
c_angle_deg 1.73  ? ? ? 'X-RAY DIFFRACTION' ? 
# 
_struct.entry_id                  3JZK 
_struct.title                     'crystal structure of MDM2 with chromenotriazolopyrimidine 1' 
_struct.pdbx_model_details        ? 
_struct.pdbx_CASP_flag            ? 
_struct.pdbx_model_type_details   ? 
# 
_struct_keywords.entry_id        3JZK 
_struct_keywords.pdbx_keywords   LIGASE 
_struct_keywords.text            
;MDM2, p53, inhibitor, Alternative splicing, Cytoplasm, Host-virus interaction, Ligase, Metal-binding, Nucleus, Phosphoprotein, Proto-oncogene, Ubl conjugation, Ubl conjugation pathway, Zinc, Zinc-finger
;
# 
loop_
_struct_asym.id 
_struct_asym.pdbx_blank_PDB_chainid_flag 
_struct_asym.pdbx_modified 
_struct_asym.entity_id 
_struct_asym.details 
A N N 1 ? 
B N N 2 ? 
C N N 3 ? 
# 
_struct_biol.id        1 
_struct_biol.details   'the biological assembly is a monomer as observed' 
# 
loop_
_struct_conf.conf_type_id 
_struct_conf.id 
_struct_conf.pdbx_PDB_helix_id 
_struct_conf.beg_label_comp_id 
_struct_conf.beg_label_asym_id 
_struct_conf.beg_label_seq_id 
_struct_conf.pdbx_beg_PDB_ins_code 
_struct_conf.end_label_comp_id 
_struct_conf.end_label_asym_id 
_struct_conf.end_label_seq_id 
_struct_conf.pdbx_end_PDB_ins_code 
_struct_conf.beg_auth_comp_id 
_struct_conf.beg_auth_asym_id 
_struct_conf.beg_auth_seq_id 
_struct_conf.end_auth_comp_id 
_struct_conf.end_auth_asym_id 
_struct_conf.end_auth_seq_id 
_struct_conf.pdbx_PDB_helix_class 
_struct_conf.details 
_struct_conf.pdbx_PDB_helix_length 
HELX_P HELX_P1 1 LEU A 18 ? SER A 25 ? LEU A 33 SER A 40  1 ? 8  
HELX_P HELX_P2 2 THR A 34 ? LYS A 49 ? THR A 49 LYS A 64  1 ? 16 
HELX_P HELX_P3 3 ASP A 65 ? GLY A 72 ? ASP A 80 GLY A 87  1 ? 8  
HELX_P HELX_P4 4 GLU A 80 ? ARG A 90 ? GLU A 95 ARG A 105 1 ? 11 
# 
_struct_conf_type.id          HELX_P 
_struct_conf_type.criteria    ? 
_struct_conf_type.reference   ? 
# 
loop_
_struct_sheet.id 
_struct_sheet.type 
_struct_sheet.number_strands 
_struct_sheet.details 
A ? 2 ? 
B ? 2 ? 
# 
loop_
_struct_sheet_order.sheet_id 
_struct_sheet_order.range_id_1 
_struct_sheet_order.range_id_2 
_struct_sheet_order.offset 
_struct_sheet_order.sense 
A 1 2 ? anti-parallel 
B 1 2 ? anti-parallel 
# 
loop_
_struct_sheet_range.sheet_id 
_struct_sheet_range.id 
_struct_sheet_range.beg_label_comp_id 
_struct_sheet_range.beg_label_asym_id 
_struct_sheet_range.beg_label_seq_id 
_struct_sheet_range.pdbx_beg_PDB_ins_code 
_struct_sheet_range.end_label_comp_id 
_struct_sheet_range.end_label_asym_id 
_struct_sheet_range.end_label_seq_id 
_struct_sheet_range.pdbx_end_PDB_ins_code 
_struct_sheet_range.beg_auth_comp_id 
_struct_sheet_range.beg_auth_asym_id 
_struct_sheet_range.beg_auth_seq_id 
_struct_sheet_range.end_auth_comp_id 
_struct_sheet_range.end_auth_asym_id 
_struct_sheet_range.end_auth_seq_id 
A 1 ARG A 14 ? PRO A 15 ? ARG A 29  PRO A 30  
A 2 LEU A 92 ? VAL A 93 ? LEU A 107 VAL A 108 
B 1 ILE A 59 ? TYR A 61 ? ILE A 74  TYR A 76  
B 2 SER A 75 ? SER A 77 ? SER A 90  SER A 92  
# 
loop_
_pdbx_struct_sheet_hbond.sheet_id 
_pdbx_struct_sheet_hbond.range_id_1 
_pdbx_struct_sheet_hbond.range_id_2 
_pdbx_struct_sheet_hbond.range_1_label_atom_id 
_pdbx_struct_sheet_hbond.range_1_label_comp_id 
_pdbx_struct_sheet_hbond.range_1_label_asym_id 
_pdbx_struct_sheet_hbond.range_1_label_seq_id 
_pdbx_struct_sheet_hbond.range_1_PDB_ins_code 
_pdbx_struct_sheet_hbond.range_1_auth_atom_id 
_pdbx_struct_sheet_hbond.range_1_auth_comp_id 
_pdbx_struct_sheet_hbond.range_1_auth_asym_id 
_pdbx_struct_sheet_hbond.range_1_auth_seq_id 
_pdbx_struct_sheet_hbond.range_2_label_atom_id 
_pdbx_struct_sheet_hbond.range_2_label_comp_id 
_pdbx_struct_sheet_hbond.range_2_label_asym_id 
_pdbx_struct_sheet_hbond.range_2_label_seq_id 
_pdbx_struct_sheet_hbond.range_2_PDB_ins_code 
_pdbx_struct_sheet_hbond.range_2_auth_atom_id 
_pdbx_struct_sheet_hbond.range_2_auth_comp_id 
_pdbx_struct_sheet_hbond.range_2_auth_asym_id 
_pdbx_struct_sheet_hbond.range_2_auth_seq_id 
A 1 2 N ARG A 14 ? N ARG A 29 O VAL A 93 ? O VAL A 108 
B 1 2 N VAL A 60 ? N VAL A 75 O PHE A 76 ? O PHE A 91  
# 
_struct_site.id                   AC1 
_struct_site.pdbx_evidence_code   Software 
_struct_site.pdbx_auth_asym_id    A 
_struct_site.pdbx_auth_comp_id    YIN 
_struct_site.pdbx_auth_seq_id     1 
_struct_site.pdbx_auth_ins_code   ? 
_struct_site.pdbx_num_residues    11 
_struct_site.details              'BINDING SITE FOR RESIDUE YIN A 1' 
# 
loop_
_struct_site_gen.id 
_struct_site_gen.site_id 
_struct_site_gen.pdbx_num_res 
_struct_site_gen.label_comp_id 
_struct_site_gen.label_asym_id 
_struct_site_gen.label_seq_id 
_struct_site_gen.pdbx_auth_ins_code 
_struct_site_gen.auth_comp_id 
_struct_site_gen.auth_asym_id 
_struct_site_gen.auth_seq_id 
_struct_site_gen.label_atom_id 
_struct_site_gen.label_alt_id 
_struct_site_gen.symmetry 
_struct_site_gen.details 
1  AC1 11 LEU A 39 ? LEU A 54  . ? 1_555 ? 
2  AC1 11 GLY A 43 ? GLY A 58  . ? 1_555 ? 
3  AC1 11 ILE A 46 ? ILE A 61  . ? 1_555 ? 
4  AC1 11 MET A 47 ? MET A 62  . ? 1_555 ? 
5  AC1 11 TYR A 61 ? TYR A 76  . ? 5_545 ? 
6  AC1 11 SER A 63 ? SER A 78  . ? 5_545 ? 
7  AC1 11 ASN A 64 ? ASN A 79  . ? 5_545 ? 
8  AC1 11 PRO A 74 ? PRO A 89  . ? 5_545 ? 
9  AC1 11 VAL A 78 ? VAL A 93  . ? 1_555 ? 
10 AC1 11 HIS A 81 ? HIS A 96  . ? 1_555 ? 
11 AC1 11 TYR A 85 ? TYR A 100 . ? 1_555 ? 
# 
_atom_sites.entry_id                    3JZK 
_atom_sites.fract_transf_matrix[1][1]   -0.01590021 
_atom_sites.fract_transf_matrix[1][2]   0.02399817 
_atom_sites.fract_transf_matrix[1][3]   0.00315481 
_atom_sites.fract_transf_matrix[2][1]   -0.01873890 
_atom_sites.fract_transf_matrix[2][2]   -0.00981554 
_atom_sites.fract_transf_matrix[2][3]   -0.01977854 
_atom_sites.fract_transf_matrix[3][1]   -0.00328101 
_atom_sites.fract_transf_matrix[3][2]   -0.00276275 
_atom_sites.fract_transf_matrix[3][3]   0.00447962 
_atom_sites.fract_transf_vector[1]      0.094101 
_atom_sites.fract_transf_vector[2]      -0.309376 
_atom_sites.fract_transf_vector[3]      0.181455 
# 
loop_
_atom_type.symbol 
BR 
C  
N  
O  
S  
# 
loop_
_atom_site.group_PDB 
_atom_site.id 
_atom_site.type_symbol 
_atom_site.label_atom_id 
_atom_site.label_alt_id 
_atom_site.label_comp_id 
_atom_site.label_asym_id 
_atom_site.label_entity_id 
_atom_site.label_seq_id 
_atom_site.pdbx_PDB_ins_code 
_atom_site.Cartn_x 
_atom_site.Cartn_y 
_atom_site.Cartn_z 
_atom_site.occupancy 
_atom_site.B_iso_or_equiv 
_atom_site.pdbx_formal_charge 
_atom_site.auth_seq_id 
_atom_site.auth_comp_id 
_atom_site.auth_asym_id 
_atom_site.auth_atom_id 
_atom_site.pdbx_PDB_model_num 
ATOM   1   N  N   . GLN A 1 3  ? -4.514  12.219  7.604   1.00 55.89 ? 18  GLN A N   1 
ATOM   2   C  CA  . GLN A 1 3  ? -5.830  12.206  8.301   1.00 55.80 ? 18  GLN A CA  1 
ATOM   3   C  C   . GLN A 1 3  ? -6.131  10.928  9.090   1.00 54.60 ? 18  GLN A C   1 
ATOM   4   O  O   . GLN A 1 3  ? -7.306  10.618  9.391   1.00 55.05 ? 18  GLN A O   1 
ATOM   5   C  CB  . GLN A 1 3  ? -6.951  12.474  7.267   1.00 55.63 ? 18  GLN A CB  1 
ATOM   6   N  N   . ILE A 1 4  ? -5.077  10.179  9.413   1.00 53.76 ? 19  ILE A N   1 
ATOM   7   C  CA  . ILE A 1 4  ? -5.233  8.934   10.159  1.00 53.27 ? 19  ILE A CA  1 
ATOM   8   C  C   . ILE A 1 4  ? -4.518  9.090   11.508  1.00 54.09 ? 19  ILE A C   1 
ATOM   9   O  O   . ILE A 1 4  ? -3.323  9.326   11.546  1.00 54.16 ? 19  ILE A O   1 
ATOM   10  C  CB  . ILE A 1 4  ? -4.676  7.717   9.336   1.00 51.52 ? 19  ILE A CB  1 
ATOM   11  C  CG1 . ILE A 1 4  ? -5.542  7.551   8.082   1.00 50.68 ? 19  ILE A CG1 1 
ATOM   12  C  CG2 . ILE A 1 4  ? -4.678  6.450   10.183  1.00 50.43 ? 19  ILE A CG2 1 
ATOM   13  C  CD1 . ILE A 1 4  ? -5.058  6.594   7.084   1.00 50.51 ? 19  ILE A CD1 1 
ATOM   14  N  N   . PRO A 1 5  ? -5.248  8.979   12.639  1.00 55.90 ? 20  PRO A N   1 
ATOM   15  C  CA  . PRO A 1 5  ? -4.624  9.112   13.967  1.00 55.73 ? 20  PRO A CA  1 
ATOM   16  C  C   . PRO A 1 5  ? -3.390  8.174   14.033  1.00 55.34 ? 20  PRO A C   1 
ATOM   17  O  O   . PRO A 1 5  ? -3.443  7.049   13.536  1.00 54.24 ? 20  PRO A O   1 
ATOM   18  C  CB  . PRO A 1 5  ? -5.755  8.661   14.905  1.00 55.86 ? 20  PRO A CB  1 
ATOM   19  C  CG  . PRO A 1 5  ? -7.000  9.172   14.160  1.00 56.85 ? 20  PRO A CG  1 
ATOM   20  C  CD  . PRO A 1 5  ? -6.680  8.650   12.773  1.00 56.54 ? 20  PRO A CD  1 
ATOM   21  N  N   . ALA A 1 6  ? -2.301  8.629   14.657  1.00 55.83 ? 21  ALA A N   1 
ATOM   22  C  CA  . ALA A 1 6  ? -1.064  7.850   14.790  1.00 55.53 ? 21  ALA A CA  1 
ATOM   23  C  C   . ALA A 1 6  ? -1.267  6.535   15.546  1.00 55.41 ? 21  ALA A C   1 
ATOM   24  O  O   . ALA A 1 6  ? -0.471  5.606   15.426  1.00 55.66 ? 21  ALA A O   1 
ATOM   25  C  CB  . ALA A 1 6  ? -0.005  8.704   15.465  1.00 56.12 ? 21  ALA A CB  1 
ATOM   26  N  N   . SER A 1 7  ? -2.352  6.456   16.301  1.00 56.60 ? 22  SER A N   1 
ATOM   27  C  CA  . SER A 1 7  ? -2.685  5.259   17.050  1.00 57.01 ? 22  SER A CA  1 
ATOM   28  C  C   . SER A 1 7  ? -3.216  4.195   16.079  1.00 56.64 ? 22  SER A C   1 
ATOM   29  O  O   . SER A 1 7  ? -3.391  3.039   16.463  1.00 56.63 ? 22  SER A O   1 
ATOM   30  C  CB  . SER A 1 7  ? -3.753  5.583   18.097  1.00 57.76 ? 22  SER A CB  1 
ATOM   31  O  OG  . SER A 1 7  ? -5.008  5.764   17.483  1.00 59.72 ? 22  SER A OG  1 
ATOM   32  N  N   . GLU A 1 8  ? -3.476  4.561   14.821  1.00 55.37 ? 23  GLU A N   1 
ATOM   33  C  CA  . GLU A 1 8  ? -3.989  3.562   13.875  1.00 54.75 ? 23  GLU A CA  1 
ATOM   34  C  C   . GLU A 1 8  ? -2.917  3.005   12.931  1.00 55.11 ? 23  GLU A C   1 
ATOM   35  O  O   . GLU A 1 8  ? -3.062  1.872   12.443  1.00 55.60 ? 23  GLU A O   1 
ATOM   36  C  CB  . GLU A 1 8  ? -5.170  4.112   13.055  1.00 52.52 ? 23  GLU A CB  1 
ATOM   37  C  CG  . GLU A 1 8  ? -5.691  3.130   11.984  1.00 49.19 ? 23  GLU A CG  1 
ATOM   38  C  CD  . GLU A 1 8  ? -6.937  3.603   11.274  1.00 47.80 ? 23  GLU A CD  1 
ATOM   39  O  OE1 . GLU A 1 8  ? -7.191  4.823   11.307  1.00 51.81 ? 23  GLU A OE1 1 
ATOM   40  O  OE2 . GLU A 1 8  ? -7.649  2.763   10.676  1.00 42.98 ? 23  GLU A OE2 1 
ATOM   41  N  N   . GLN A 1 9  ? -1.852  3.782   12.680  1.00 56.34 ? 24  GLN A N   1 
ATOM   42  C  CA  . GLN A 1 9  ? -0.746  3.334   11.807  1.00 57.12 ? 24  GLN A CA  1 
ATOM   43  C  C   . GLN A 1 9  ? 0.294   2.436   12.470  1.00 57.82 ? 24  GLN A C   1 
ATOM   44  O  O   . GLN A 1 9  ? 1.280   2.016   11.854  1.00 58.73 ? 24  GLN A O   1 
ATOM   45  C  CB  . GLN A 1 9  ? -0.055  4.533   11.100  1.00 57.01 ? 24  GLN A CB  1 
ATOM   46  C  CG  . GLN A 1 9  ? 0.147   5.832   11.878  1.00 57.42 ? 24  GLN A CG  1 
ATOM   47  C  CD  . GLN A 1 9  ? 0.311   7.003   10.907  1.00 57.46 ? 24  GLN A CD  1 
ATOM   48  O  OE1 . GLN A 1 9  ? -0.660  7.439   10.284  1.00 58.69 ? 24  GLN A OE1 1 
ATOM   49  N  NE2 . GLN A 1 9  ? 1.544   7.475   10.732  1.00 56.05 ? 24  GLN A NE2 1 
ATOM   50  N  N   . GLU A 1 10 ? 0.056   2.151   13.737  1.00 57.58 ? 25  GLU A N   1 
ATOM   51  C  CA  . GLU A 1 10 ? 0.950   1.303   14.492  1.00 58.87 ? 25  GLU A CA  1 
ATOM   52  C  C   . GLU A 1 10 ? 0.259   -0.017  14.710  1.00 58.32 ? 25  GLU A C   1 
ATOM   53  O  O   . GLU A 1 10 ? 0.791   -0.944  15.316  1.00 58.30 ? 25  GLU A O   1 
ATOM   54  C  CB  . GLU A 1 10 ? 1.323   1.960   15.825  1.00 60.08 ? 25  GLU A CB  1 
ATOM   55  C  CG  . GLU A 1 10 ? 2.595   2.772   15.739  1.00 62.79 ? 25  GLU A CG  1 
ATOM   56  C  CD  . GLU A 1 10 ? 2.564   4.010   16.587  1.00 65.29 ? 25  GLU A CD  1 
ATOM   57  O  OE1 . GLU A 1 10 ? 1.609   4.179   17.381  1.00 66.21 ? 25  GLU A OE1 1 
ATOM   58  O  OE2 . GLU A 1 10 ? 3.510   4.820   16.453  1.00 67.05 ? 25  GLU A OE2 1 
ATOM   59  N  N   . THR A 1 11 ? -0.945  -0.110  14.170  1.00 58.55 ? 26  THR A N   1 
ATOM   60  C  CA  . THR A 1 11 ? -1.710  -1.326  14.316  1.00 57.61 ? 26  THR A CA  1 
ATOM   61  C  C   . THR A 1 11 ? -0.916  -2.481  13.782  1.00 56.42 ? 26  THR A C   1 
ATOM   62  O  O   . THR A 1 11 ? -0.698  -2.604  12.578  1.00 56.31 ? 26  THR A O   1 
ATOM   63  C  CB  . THR A 1 11 ? -3.030  -1.289  13.561  1.00 57.86 ? 26  THR A CB  1 
ATOM   64  O  OG1 . THR A 1 11 ? -3.933  -0.398  14.225  1.00 57.47 ? 26  THR A OG1 1 
ATOM   65  C  CG2 . THR A 1 11 ? -3.646  -2.682  13.531  1.00 58.24 ? 26  THR A CG2 1 
ATOM   66  N  N   . LEU A 1 12 ? -0.476  -3.331  14.693  1.00 55.48 ? 27  LEU A N   1 
ATOM   67  C  CA  . LEU A 1 12 ? 0.281   -4.481  14.289  1.00 54.22 ? 27  LEU A CA  1 
ATOM   68  C  C   . LEU A 1 12 ? -0.618  -5.249  13.337  1.00 52.24 ? 27  LEU A C   1 
ATOM   69  O  O   . LEU A 1 12 ? -1.794  -5.508  13.624  1.00 52.70 ? 27  LEU A O   1 
ATOM   70  C  CB  . LEU A 1 12 ? 0.650   -5.323  15.511  1.00 54.63 ? 27  LEU A CB  1 
ATOM   71  C  CG  . LEU A 1 12 ? 1.896   -6.182  15.306  1.00 54.90 ? 27  LEU A CG  1 
ATOM   72  C  CD1 . LEU A 1 12 ? 2.986   -5.332  14.676  1.00 55.38 ? 27  LEU A CD1 1 
ATOM   73  C  CD2 . LEU A 1 12 ? 2.354   -6.762  16.632  1.00 54.48 ? 27  LEU A CD2 1 
ATOM   74  N  N   . VAL A 1 13 ? -0.068  -5.578  12.179  1.00 51.23 ? 28  VAL A N   1 
ATOM   75  C  CA  . VAL A 1 13 ? -0.806  -6.313  11.152  1.00 50.85 ? 28  VAL A CA  1 
ATOM   76  C  C   . VAL A 1 13 ? 0.138   -7.241  10.407  1.00 51.81 ? 28  VAL A C   1 
ATOM   77  O  O   . VAL A 1 13 ? 1.349   -7.184  10.595  1.00 53.31 ? 28  VAL A O   1 
ATOM   78  C  CB  . VAL A 1 13 ? -1.390  -5.364  10.097  1.00 49.86 ? 28  VAL A CB  1 
ATOM   79  C  CG1 . VAL A 1 13 ? -2.341  -4.379  10.725  1.00 49.24 ? 28  VAL A CG1 1 
ATOM   80  C  CG2 . VAL A 1 13 ? -0.272  -4.660  9.387   1.00 48.87 ? 28  VAL A CG2 1 
ATOM   81  N  N   . ARG A 1 14 ? -0.436  -8.097  9.571   1.00 54.63 ? 29  ARG A N   1 
ATOM   82  C  CA  . ARG A 1 14 ? 0.329   -8.994  8.744   1.00 56.34 ? 29  ARG A CA  1 
ATOM   83  C  C   . ARG A 1 14 ? -0.474  -9.309  7.469   1.00 57.87 ? 29  ARG A C   1 
ATOM   84  O  O   . ARG A 1 14 ? -1.608  -9.793  7.517   1.00 58.06 ? 29  ARG A O   1 
ATOM   85  C  CB  . ARG A 1 14 ? 0.744   -10.268 9.523   1.00 58.06 ? 29  ARG A CB  1 
ATOM   86  C  CG  . ARG A 1 14 ? -0.402  -11.099 10.143  1.00 59.86 ? 29  ARG A CG  1 
ATOM   87  C  CD  . ARG A 1 14 ? 0.028   -12.578 10.288  1.00 60.97 ? 29  ARG A CD  1 
ATOM   88  N  NE  . ARG A 1 14 ? 0.378   -12.996 11.652  1.00 60.94 ? 29  ARG A NE  1 
ATOM   89  C  CZ  . ARG A 1 14 ? 1.364   -13.838 11.974  1.00 61.43 ? 29  ARG A CZ  1 
ATOM   90  N  NH1 . ARG A 1 14 ? 2.151   -14.351 11.035  1.00 62.16 ? 29  ARG A NH1 1 
ATOM   91  N  NH2 . ARG A 1 14 ? 1.510   -14.246 13.235  1.00 61.97 ? 29  ARG A NH2 1 
ATOM   92  N  N   . PRO A 1 15 ? 0.116   -8.997  6.307   1.00 59.40 ? 30  PRO A N   1 
ATOM   93  C  CA  . PRO A 1 15 ? -0.277  -9.116  4.893   1.00 60.32 ? 30  PRO A CA  1 
ATOM   94  C  C   . PRO A 1 15 ? -0.534  -10.531 4.375   1.00 61.05 ? 30  PRO A C   1 
ATOM   95  O  O   . PRO A 1 15 ? 0.124   -11.512 4.769   1.00 61.39 ? 30  PRO A O   1 
ATOM   96  C  CB  . PRO A 1 15 ? 0.901   -8.476  4.143   1.00 59.81 ? 30  PRO A CB  1 
ATOM   97  C  CG  . PRO A 1 15 ? 1.474   -7.543  5.155   1.00 60.71 ? 30  PRO A CG  1 
ATOM   98  C  CD  . PRO A 1 15 ? 1.438   -8.356  6.399   1.00 59.42 ? 30  PRO A CD  1 
ATOM   99  N  N   . LYS A 1 16 ? -1.476  -10.604 3.447   1.00 62.18 ? 31  LYS A N   1 
ATOM   100 C  CA  . LYS A 1 16 ? -1.839  -11.863 2.858   1.00 63.40 ? 31  LYS A CA  1 
ATOM   101 C  C   . LYS A 1 16 ? -0.850  -12.212 1.756   1.00 63.84 ? 31  LYS A C   1 
ATOM   102 O  O   . LYS A 1 16 ? -0.215  -11.342 1.165   1.00 64.10 ? 31  LYS A O   1 
ATOM   103 C  CB  . LYS A 1 16 ? -3.270  -11.808 2.307   1.00 64.49 ? 31  LYS A CB  1 
ATOM   104 C  CG  . LYS A 1 16 ? -4.336  -11.592 3.388   1.00 65.64 ? 31  LYS A CG  1 
ATOM   105 C  CD  . LYS A 1 16 ? -5.766  -11.576 2.812   1.00 67.48 ? 31  LYS A CD  1 
ATOM   106 C  CE  . LYS A 1 16 ? -6.819  -11.392 3.920   1.00 68.93 ? 31  LYS A CE  1 
ATOM   107 N  NZ  . LYS A 1 16 ? -8.216  -11.246 3.397   1.00 70.01 ? 31  LYS A NZ  1 
ATOM   108 N  N   . PRO A 1 17 ? -0.689  -13.514 1.488   1.00 64.39 ? 32  PRO A N   1 
ATOM   109 C  CA  . PRO A 1 17 ? 0.170   -14.177 0.510   1.00 64.94 ? 32  PRO A CA  1 
ATOM   110 C  C   . PRO A 1 17 ? 0.966   -13.365 -0.534  1.00 65.74 ? 32  PRO A C   1 
ATOM   111 O  O   . PRO A 1 17 ? 2.160   -13.609 -0.724  1.00 66.93 ? 32  PRO A O   1 
ATOM   112 C  CB  . PRO A 1 17 ? -0.802  -15.187 -0.108  1.00 64.32 ? 32  PRO A CB  1 
ATOM   113 C  CG  . PRO A 1 17 ? -1.528  -15.696 1.129   1.00 64.59 ? 32  PRO A CG  1 
ATOM   114 C  CD  . PRO A 1 17 ? -1.612  -14.504 2.085   1.00 64.74 ? 32  PRO A CD  1 
ATOM   115 N  N   . LEU A 1 18 ? 0.326   -12.380 -1.164  1.00 65.52 ? 33  LEU A N   1 
ATOM   116 C  CA  . LEU A 1 18 ? 0.975   -11.579 -2.202  1.00 65.36 ? 33  LEU A CA  1 
ATOM   117 C  C   . LEU A 1 18 ? 1.008   -10.049 -1.989  1.00 63.84 ? 33  LEU A C   1 
ATOM   118 O  O   . LEU A 1 18 ? 1.582   -9.314  -2.797  1.00 63.16 ? 33  LEU A O   1 
ATOM   119 C  CB  . LEU A 1 18 ? 0.379   -11.954 -3.591  1.00 66.41 ? 33  LEU A CB  1 
ATOM   120 C  CG  . LEU A 1 18 ? -1.105  -11.814 -3.932  1.00 67.73 ? 33  LEU A CG  1 
ATOM   121 C  CD1 . LEU A 1 18 ? -1.397  -12.629 -5.194  1.00 67.38 ? 33  LEU A CD1 1 
ATOM   122 C  CD2 . LEU A 1 18 ? -1.958  -12.322 -2.794  1.00 67.70 ? 33  LEU A CD2 1 
ATOM   123 N  N   . LEU A 1 19 ? 0.328   -9.567  -0.951  1.00 62.22 ? 34  LEU A N   1 
ATOM   124 C  CA  . LEU A 1 19 ? 0.394   -8.152  -0.604  1.00 61.39 ? 34  LEU A CA  1 
ATOM   125 C  C   . LEU A 1 19 ? 1.714   -8.201  0.166   1.00 61.00 ? 34  LEU A C   1 
ATOM   126 O  O   . LEU A 1 19 ? 2.303   -7.182  0.511   1.00 59.52 ? 34  LEU A O   1 
ATOM   127 C  CB  . LEU A 1 19 ? -0.711  -7.717  0.368   1.00 60.34 ? 34  LEU A CB  1 
ATOM   128 C  CG  . LEU A 1 19 ? -0.295  -6.524  1.276   1.00 59.41 ? 34  LEU A CG  1 
ATOM   129 C  CD1 . LEU A 1 19 ? 0.047   -5.318  0.400   1.00 58.95 ? 34  LEU A CD1 1 
ATOM   130 C  CD2 . LEU A 1 19 ? -1.367  -6.173  2.292   1.00 58.47 ? 34  LEU A CD2 1 
ATOM   131 N  N   . LEU A 1 20 ? 2.158   -9.432  0.420   1.00 61.88 ? 35  LEU A N   1 
ATOM   132 C  CA  . LEU A 1 20 ? 3.407   -9.726  1.118   1.00 62.55 ? 35  LEU A CA  1 
ATOM   133 C  C   . LEU A 1 20 ? 4.459   -9.801  0.023   1.00 62.89 ? 35  LEU A C   1 
ATOM   134 O  O   . LEU A 1 20 ? 5.576   -9.291  0.171   1.00 63.32 ? 35  LEU A O   1 
ATOM   135 C  CB  . LEU A 1 20 ? 3.315   -11.085 1.813   1.00 63.04 ? 35  LEU A CB  1 
ATOM   136 C  CG  . LEU A 1 20 ? 4.219   -11.318 3.020   1.00 63.10 ? 35  LEU A CG  1 
ATOM   137 C  CD1 . LEU A 1 20 ? 4.541   -12.799 3.135   1.00 63.99 ? 35  LEU A CD1 1 
ATOM   138 C  CD2 . LEU A 1 20 ? 5.493   -10.511 2.861   1.00 62.89 ? 35  LEU A CD2 1 
ATOM   139 N  N   . LYS A 1 21 ? 4.083   -10.446 -1.081  1.00 63.27 ? 36  LYS A N   1 
ATOM   140 C  CA  . LYS A 1 21 ? 4.961   -10.589 -2.230  1.00 63.54 ? 36  LYS A CA  1 
ATOM   141 C  C   . LYS A 1 21 ? 5.339   -9.207  -2.712  1.00 63.52 ? 36  LYS A C   1 
ATOM   142 O  O   . LYS A 1 21 ? 6.474   -8.955  -3.116  1.00 64.30 ? 36  LYS A O   1 
ATOM   143 C  CB  . LYS A 1 21 ? 4.251   -11.316 -3.366  1.00 64.78 ? 36  LYS A CB  1 
ATOM   144 C  CG  . LYS A 1 21 ? 4.958   -11.140 -4.710  1.00 65.75 ? 36  LYS A CG  1 
ATOM   145 C  CD  . LYS A 1 21 ? 4.158   -11.708 -5.864  1.00 66.95 ? 36  LYS A CD  1 
ATOM   146 C  CE  . LYS A 1 21 ? 4.428   -13.195 -6.066  1.00 68.14 ? 36  LYS A CE  1 
ATOM   147 N  NZ  . LYS A 1 21 ? 4.349   -13.966 -4.797  1.00 69.61 ? 36  LYS A NZ  1 
ATOM   148 N  N   . LEU A 1 22 ? 4.347   -8.323  -2.694  1.00 62.81 ? 37  LEU A N   1 
ATOM   149 C  CA  . LEU A 1 22 ? 4.512   -6.939  -3.108  1.00 60.94 ? 37  LEU A CA  1 
ATOM   150 C  C   . LEU A 1 22 ? 5.571   -6.290  -2.224  1.00 59.69 ? 37  LEU A C   1 
ATOM   151 O  O   . LEU A 1 22 ? 6.510   -5.668  -2.720  1.00 59.67 ? 37  LEU A O   1 
ATOM   152 C  CB  . LEU A 1 22 ? 3.177   -6.191  -2.947  1.00 62.36 ? 37  LEU A CB  1 
ATOM   153 C  CG  . LEU A 1 22 ? 2.930   -4.789  -3.533  1.00 63.33 ? 37  LEU A CG  1 
ATOM   154 C  CD1 . LEU A 1 22 ? 4.002   -3.808  -3.082  1.00 63.88 ? 37  LEU A CD1 1 
ATOM   155 C  CD2 . LEU A 1 22 ? 2.901   -4.881  -5.049  1.00 64.95 ? 37  LEU A CD2 1 
ATOM   156 N  N   . LEU A 1 23 ? 5.427   -6.454  -0.914  1.00 57.67 ? 38  LEU A N   1 
ATOM   157 C  CA  . LEU A 1 23 ? 6.360   -5.844  0.024   1.00 57.13 ? 38  LEU A CA  1 
ATOM   158 C  C   . LEU A 1 23 ? 7.796   -6.358  -0.053  1.00 57.78 ? 38  LEU A C   1 
ATOM   159 O  O   . LEU A 1 23 ? 8.736   -5.569  -0.117  1.00 58.11 ? 38  LEU A O   1 
ATOM   160 C  CB  . LEU A 1 23 ? 5.847   -6.004  1.452   1.00 55.26 ? 38  LEU A CB  1 
ATOM   161 C  CG  . LEU A 1 23 ? 4.398   -5.591  1.689   1.00 54.23 ? 38  LEU A CG  1 
ATOM   162 C  CD1 . LEU A 1 23 ? 4.053   -5.824  3.139   1.00 52.42 ? 38  LEU A CD1 1 
ATOM   163 C  CD2 . LEU A 1 23 ? 4.192   -4.132  1.295   1.00 53.96 ? 38  LEU A CD2 1 
ATOM   164 N  N   . LYS A 1 24 ? 7.978   -7.673  -0.039  1.00 58.85 ? 39  LYS A N   1 
ATOM   165 C  CA  . LYS A 1 24 ? 9.328   -8.223  -0.090  1.00 59.42 ? 39  LYS A CA  1 
ATOM   166 C  C   . LYS A 1 24 ? 10.020  -7.957  -1.418  1.00 59.79 ? 39  LYS A C   1 
ATOM   167 O  O   . LYS A 1 24 ? 11.254  -7.986  -1.493  1.00 61.90 ? 39  LYS A O   1 
ATOM   168 C  CB  . LYS A 1 24 ? 9.303   -9.724  0.217   1.00 60.16 ? 39  LYS A CB  1 
ATOM   169 C  CG  . LYS A 1 24 ? 8.864   -10.039 1.654   1.00 60.83 ? 39  LYS A CG  1 
ATOM   170 C  CD  . LYS A 1 24 ? 8.799   -11.527 1.926   1.00 60.88 ? 39  LYS A CD  1 
ATOM   171 C  CE  . LYS A 1 24 ? 8.512   -11.812 3.386   1.00 60.67 ? 39  LYS A CE  1 
ATOM   172 N  NZ  . LYS A 1 24 ? 8.516   -13.285 3.680   1.00 62.02 ? 39  LYS A NZ  1 
ATOM   173 N  N   . SER A 1 25 ? 9.242   -7.674  -2.461  1.00 58.62 ? 40  SER A N   1 
ATOM   174 C  CA  . SER A 1 25 ? 9.835   -7.399  -3.763  1.00 58.32 ? 40  SER A CA  1 
ATOM   175 C  C   . SER A 1 25 ? 10.519  -6.034  -3.771  1.00 57.85 ? 40  SER A C   1 
ATOM   176 O  O   . SER A 1 25 ? 11.285  -5.714  -4.685  1.00 58.05 ? 40  SER A O   1 
ATOM   177 C  CB  . SER A 1 25 ? 8.772   -7.442  -4.858  1.00 59.96 ? 40  SER A CB  1 
ATOM   178 O  OG  . SER A 1 25 ? 7.966   -6.275  -4.831  1.00 61.88 ? 40  SER A OG  1 
ATOM   179 N  N   . VAL A 1 26 ? 10.235  -5.223  -2.761  1.00 56.86 ? 41  VAL A N   1 
ATOM   180 C  CA  . VAL A 1 26 ? 10.841  -3.905  -2.671  1.00 56.19 ? 41  VAL A CA  1 
ATOM   181 C  C   . VAL A 1 26 ? 11.768  -3.790  -1.464  1.00 56.32 ? 41  VAL A C   1 
ATOM   182 O  O   . VAL A 1 26 ? 12.103  -2.688  -1.043  1.00 55.82 ? 41  VAL A O   1 
ATOM   183 C  CB  . VAL A 1 26 ? 9.762   -2.783  -2.614  1.00 55.56 ? 41  VAL A CB  1 
ATOM   184 C  CG1 . VAL A 1 26 ? 9.065   -2.683  -3.954  1.00 56.04 ? 41  VAL A CG1 1 
ATOM   185 C  CG2 . VAL A 1 26 ? 8.746   -3.061  -1.516  1.00 53.97 ? 41  VAL A CG2 1 
ATOM   186 N  N   . GLY A 1 27 ? 12.164  -4.932  -0.903  1.00 57.37 ? 42  GLY A N   1 
ATOM   187 C  CA  . GLY A 1 27 ? 13.079  -4.927  0.226   1.00 59.10 ? 42  GLY A CA  1 
ATOM   188 C  C   . GLY A 1 27 ? 12.571  -5.367  1.591   1.00 61.11 ? 42  GLY A C   1 
ATOM   189 O  O   . GLY A 1 27 ? 13.220  -5.107  2.600   1.00 60.67 ? 42  GLY A O   1 
ATOM   190 N  N   . ALA A 1 28 ? 11.416  -6.018  1.653   1.00 62.54 ? 43  ALA A N   1 
ATOM   191 C  CA  . ALA A 1 28 ? 10.876  -6.481  2.935   1.00 63.13 ? 43  ALA A CA  1 
ATOM   192 C  C   . ALA A 1 28 ? 11.511  -7.825  3.306   1.00 63.73 ? 43  ALA A C   1 
ATOM   193 O  O   . ALA A 1 28 ? 12.094  -8.499  2.451   1.00 63.55 ? 43  ALA A O   1 
ATOM   194 C  CB  . ALA A 1 28 ? 9.372   -6.643  2.835   1.00 64.23 ? 43  ALA A CB  1 
ATOM   195 N  N   . GLN A 1 29 ? 11.415  -8.199  4.583   1.00 64.54 ? 44  GLN A N   1 
ATOM   196 C  CA  . GLN A 1 29 ? 11.948  -9.476  5.072   1.00 65.09 ? 44  GLN A CA  1 
ATOM   197 C  C   . GLN A 1 29 ? 11.304  -9.888  6.399   1.00 64.71 ? 44  GLN A C   1 
ATOM   198 O  O   . GLN A 1 29 ? 11.848  -10.724 7.126   1.00 66.08 ? 44  GLN A O   1 
ATOM   199 C  CB  . GLN A 1 29 ? 13.496  -9.419  5.208   1.00 65.53 ? 44  GLN A CB  1 
ATOM   200 N  N   . LYS A 1 30 ? 10.158  -9.294  6.727   1.00 63.42 ? 45  LYS A N   1 
ATOM   201 C  CA  . LYS A 1 30 ? 9.449   -9.664  7.959   1.00 62.57 ? 45  LYS A CA  1 
ATOM   202 C  C   . LYS A 1 30 ? 8.041   -10.090 7.538   1.00 62.23 ? 45  LYS A C   1 
ATOM   203 O  O   . LYS A 1 30 ? 7.664   -9.911  6.380   1.00 62.93 ? 45  LYS A O   1 
ATOM   204 C  CB  . LYS A 1 30 ? 9.392   -8.486  8.929   1.00 63.34 ? 45  LYS A CB  1 
ATOM   205 N  N   . ASP A 1 31 ? 7.266   -10.664 8.448   1.00 60.73 ? 46  ASP A N   1 
ATOM   206 C  CA  . ASP A 1 31 ? 5.927   -11.105 8.088   1.00 58.97 ? 46  ASP A CA  1 
ATOM   207 C  C   . ASP A 1 31 ? 4.873   -10.370 8.879   1.00 58.20 ? 46  ASP A C   1 
ATOM   208 O  O   . ASP A 1 31 ? 3.685   -10.455 8.596   1.00 56.48 ? 46  ASP A O   1 
ATOM   209 C  CB  . ASP A 1 31 ? 5.796   -12.619 8.295   1.00 59.31 ? 46  ASP A CB  1 
ATOM   210 C  CG  . ASP A 1 31 ? 6.537   -13.416 7.244   1.00 59.71 ? 46  ASP A CG  1 
ATOM   211 O  OD1 . ASP A 1 31 ? 7.315   -12.815 6.476   1.00 61.18 ? 46  ASP A OD1 1 
ATOM   212 O  OD2 . ASP A 1 31 ? 6.345   -14.647 7.195   1.00 59.70 ? 46  ASP A OD2 1 
ATOM   213 N  N   . THR A 1 32 ? 5.315   -9.627  9.874   1.00 58.64 ? 47  THR A N   1 
ATOM   214 C  CA  . THR A 1 32 ? 4.386   -8.881  10.686  1.00 58.01 ? 47  THR A CA  1 
ATOM   215 C  C   . THR A 1 32 ? 4.855   -7.442  10.698  1.00 56.75 ? 47  THR A C   1 
ATOM   216 O  O   . THR A 1 32 ? 5.980   -7.146  11.111  1.00 54.59 ? 47  THR A O   1 
ATOM   217 C  CB  . THR A 1 32 ? 4.324   -9.437  12.079  1.00 59.40 ? 47  THR A CB  1 
ATOM   218 O  OG1 . THR A 1 32 ? 4.083   -10.850 12.003  1.00 63.31 ? 47  THR A OG1 1 
ATOM   219 C  CG2 . THR A 1 32 ? 3.197   -8.764  12.847  1.00 60.11 ? 47  THR A CG2 1 
ATOM   220 N  N   . TYR A 1 33 ? 3.980   -6.559  10.216  1.00 55.94 ? 48  TYR A N   1 
ATOM   221 C  CA  . TYR A 1 33 ? 4.286   -5.137  10.090  1.00 54.40 ? 48  TYR A CA  1 
ATOM   222 C  C   . TYR A 1 33 ? 3.297   -4.247  10.759  1.00 53.94 ? 48  TYR A C   1 
ATOM   223 O  O   . TYR A 1 33 ? 2.207   -4.663  11.109  1.00 55.55 ? 48  TYR A O   1 
ATOM   224 C  CB  . TYR A 1 33 ? 4.284   -4.707  8.625   1.00 53.16 ? 48  TYR A CB  1 
ATOM   225 C  CG  . TYR A 1 33 ? 5.179   -5.505  7.728   1.00 53.36 ? 48  TYR A CG  1 
ATOM   226 C  CD1 . TYR A 1 33 ? 4.860   -6.811  7.344   1.00 52.80 ? 48  TYR A CD1 1 
ATOM   227 C  CD2 . TYR A 1 33 ? 6.367   -4.962  7.286   1.00 54.46 ? 48  TYR A CD2 1 
ATOM   228 C  CE1 . TYR A 1 33 ? 5.728   -7.552  6.536   1.00 52.88 ? 48  TYR A CE1 1 
ATOM   229 C  CE2 . TYR A 1 33 ? 7.229   -5.681  6.492   1.00 55.09 ? 48  TYR A CE2 1 
ATOM   230 C  CZ  . TYR A 1 33 ? 6.912   -6.970  6.119   1.00 54.14 ? 48  TYR A CZ  1 
ATOM   231 O  OH  . TYR A 1 33 ? 7.800   -7.666  5.339   1.00 56.29 ? 48  TYR A OH  1 
ATOM   232 N  N   . THR A 1 34 ? 3.681   -2.985  10.894  1.00 53.73 ? 49  THR A N   1 
ATOM   233 C  CA  . THR A 1 34 ? 2.799   -1.965  11.451  1.00 52.61 ? 49  THR A CA  1 
ATOM   234 C  C   . THR A 1 34 ? 2.240   -1.287  10.190  1.00 51.14 ? 49  THR A C   1 
ATOM   235 O  O   . THR A 1 34 ? 2.808   -1.447  9.100   1.00 49.59 ? 49  THR A O   1 
ATOM   236 C  CB  . THR A 1 34 ? 3.580   -0.963  12.314  1.00 52.16 ? 49  THR A CB  1 
ATOM   237 O  OG1 . THR A 1 34 ? 4.480   -0.206  11.494  1.00 49.43 ? 49  THR A OG1 1 
ATOM   238 C  CG2 . THR A 1 34 ? 4.394   -1.730  13.347  1.00 54.38 ? 49  THR A CG2 1 
ATOM   239 N  N   . MET A 1 35 ? 1.138   -0.551  10.318  1.00 50.66 ? 50  MET A N   1 
ATOM   240 C  CA  . MET A 1 35 ? 0.525   0.078   9.146   1.00 49.98 ? 50  MET A CA  1 
ATOM   241 C  C   . MET A 1 35 ? 1.442   0.990   8.354   1.00 48.51 ? 50  MET A C   1 
ATOM   242 O  O   . MET A 1 35 ? 1.440   0.946   7.130   1.00 48.56 ? 50  MET A O   1 
ATOM   243 C  CB  . MET A 1 35 ? -0.767  0.815   9.530   1.00 48.28 ? 50  MET A CB  1 
ATOM   244 C  CG  . MET A 1 35 ? -1.952  -0.126  9.730   1.00 48.09 ? 50  MET A CG  1 
ATOM   245 S  SD  . MET A 1 35 ? -2.108  -1.349  8.403   1.00 49.31 ? 50  MET A SD  1 
ATOM   246 C  CE  . MET A 1 35 ? -3.077  -0.449  7.152   1.00 48.21 ? 50  MET A CE  1 
ATOM   247 N  N   . LYS A 1 36 ? 2.251   1.798   9.024   1.00 49.09 ? 51  LYS A N   1 
ATOM   248 C  CA  . LYS A 1 36 ? 3.123   2.675   8.265   1.00 48.77 ? 51  LYS A CA  1 
ATOM   249 C  C   . LYS A 1 36 ? 4.305   1.968   7.644   1.00 47.19 ? 51  LYS A C   1 
ATOM   250 O  O   . LYS A 1 36 ? 4.866   2.455   6.671   1.00 47.71 ? 51  LYS A O   1 
ATOM   251 C  CB  . LYS A 1 36 ? 3.579   3.867   9.109   1.00 50.28 ? 51  LYS A CB  1 
ATOM   252 C  CG  . LYS A 1 36 ? 4.015   3.537   10.515  1.00 51.70 ? 51  LYS A CG  1 
ATOM   253 C  CD  . LYS A 1 36 ? 4.426   4.858   11.141  1.00 53.65 ? 51  LYS A CD  1 
ATOM   254 C  CE  . LYS A 1 36 ? 4.743   4.781   12.619  1.00 55.01 ? 51  LYS A CE  1 
ATOM   255 N  NZ  . LYS A 1 36 ? 5.159   6.139   13.069  1.00 56.19 ? 51  LYS A NZ  1 
ATOM   256 N  N   . GLU A 1 37 ? 4.704   0.831   8.206   1.00 45.25 ? 52  GLU A N   1 
ATOM   257 C  CA  . GLU A 1 37 ? 5.805   0.094   7.600   1.00 44.17 ? 52  GLU A CA  1 
ATOM   258 C  C   . GLU A 1 37 ? 5.245   -0.294  6.232   1.00 41.87 ? 52  GLU A C   1 
ATOM   259 O  O   . GLU A 1 37 ? 5.844   -0.014  5.194   1.00 42.79 ? 52  GLU A O   1 
ATOM   260 C  CB  . GLU A 1 37 ? 6.180   -1.177  8.396   1.00 45.44 ? 52  GLU A CB  1 
ATOM   261 C  CG  . GLU A 1 37 ? 6.726   -0.913  9.784   1.00 48.06 ? 52  GLU A CG  1 
ATOM   262 C  CD  . GLU A 1 37 ? 7.595   -2.018  10.333  1.00 48.12 ? 52  GLU A CD  1 
ATOM   263 O  OE1 . GLU A 1 37 ? 7.407   -3.201  9.977   1.00 52.72 ? 52  GLU A OE1 1 
ATOM   264 O  OE2 . GLU A 1 37 ? 8.481   -1.684  11.138  1.00 50.08 ? 52  GLU A OE2 1 
ATOM   265 N  N   . VAL A 1 38 ? 4.078   -0.930  6.249   1.00 40.24 ? 53  VAL A N   1 
ATOM   266 C  CA  . VAL A 1 38 ? 3.392   -1.349  5.029   1.00 40.97 ? 53  VAL A CA  1 
ATOM   267 C  C   . VAL A 1 38 ? 3.269   -0.191  4.037   1.00 40.74 ? 53  VAL A C   1 
ATOM   268 O  O   . VAL A 1 38 ? 3.678   -0.303  2.872   1.00 40.66 ? 53  VAL A O   1 
ATOM   269 C  CB  . VAL A 1 38 ? 1.965   -1.861  5.342   1.00 41.86 ? 53  VAL A CB  1 
ATOM   270 C  CG1 . VAL A 1 38 ? 1.242   -2.207  4.044   1.00 41.06 ? 53  VAL A CG1 1 
ATOM   271 C  CG2 . VAL A 1 38 ? 2.028   -3.079  6.270   1.00 41.38 ? 53  VAL A CG2 1 
ATOM   272 N  N   . LEU A 1 39 ? 2.715   0.925   4.506   1.00 38.98 ? 54  LEU A N   1 
ATOM   273 C  CA  . LEU A 1 39 ? 2.537   2.087   3.640   1.00 38.74 ? 54  LEU A CA  1 
ATOM   274 C  C   . LEU A 1 39 ? 3.872   2.616   3.088   1.00 38.12 ? 54  LEU A C   1 
ATOM   275 O  O   . LEU A 1 39 ? 3.969   2.969   1.921   1.00 38.20 ? 54  LEU A O   1 
ATOM   276 C  CB  . LEU A 1 39 ? 1.745   3.178   4.375   1.00 39.34 ? 54  LEU A CB  1 
ATOM   277 C  CG  . LEU A 1 39 ? 0.207   3.034   4.293   1.00 40.01 ? 54  LEU A CG  1 
ATOM   278 C  CD1 . LEU A 1 39 ? -0.242  3.233   2.858   1.00 37.18 ? 54  LEU A CD1 1 
ATOM   279 C  CD2 . LEU A 1 39 ? -0.239  1.668   4.799   1.00 40.79 ? 54  LEU A CD2 1 
ATOM   280 N  N   . PHE A 1 40 ? 4.907   2.626   3.924   1.00 39.01 ? 55  PHE A N   1 
ATOM   281 C  CA  . PHE A 1 40 ? 6.241   3.061   3.520   1.00 38.50 ? 55  PHE A CA  1 
ATOM   282 C  C   . PHE A 1 40 ? 6.751   2.178   2.376   1.00 37.43 ? 55  PHE A C   1 
ATOM   283 O  O   . PHE A 1 40 ? 7.294   2.668   1.402   1.00 37.93 ? 55  PHE A O   1 
ATOM   284 C  CB  . PHE A 1 40 ? 7.260   2.938   4.669   1.00 37.37 ? 55  PHE A CB  1 
ATOM   285 C  CG  . PHE A 1 40 ? 8.702   3.022   4.190   1.00 38.50 ? 55  PHE A CG  1 
ATOM   286 C  CD1 . PHE A 1 40 ? 9.208   4.231   3.706   1.00 38.04 ? 55  PHE A CD1 1 
ATOM   287 C  CD2 . PHE A 1 40 ? 9.509   1.875   4.091   1.00 39.20 ? 55  PHE A CD2 1 
ATOM   288 C  CE1 . PHE A 1 40 ? 10.474  4.305   3.129   1.00 39.74 ? 55  PHE A CE1 1 
ATOM   289 C  CE2 . PHE A 1 40 ? 10.792  1.943   3.506   1.00 40.39 ? 55  PHE A CE2 1 
ATOM   290 C  CZ  . PHE A 1 40 ? 11.267  3.158   3.026   1.00 38.39 ? 55  PHE A CZ  1 
ATOM   291 N  N   . TYR A 1 41 ? 6.612   0.865   2.517   1.00 36.66 ? 56  TYR A N   1 
ATOM   292 C  CA  . TYR A 1 41 ? 7.094   -0.041  1.476   1.00 37.55 ? 56  TYR A CA  1 
ATOM   293 C  C   . TYR A 1 41 ? 6.236   0.133   0.214   1.00 36.96 ? 56  TYR A C   1 
ATOM   294 O  O   . TYR A 1 41 ? 6.774   0.230   -0.888  1.00 37.65 ? 56  TYR A O   1 
ATOM   295 C  CB  . TYR A 1 41 ? 7.094   -1.504  1.975   1.00 37.14 ? 56  TYR A CB  1 
ATOM   296 C  CG  . TYR A 1 41 ? 8.251   -1.875  2.918   1.00 41.52 ? 56  TYR A CG  1 
ATOM   297 C  CD1 . TYR A 1 41 ? 9.570   -1.989  2.444   1.00 42.33 ? 56  TYR A CD1 1 
ATOM   298 C  CD2 . TYR A 1 41 ? 8.029   -2.101  4.288   1.00 41.49 ? 56  TYR A CD2 1 
ATOM   299 C  CE1 . TYR A 1 41 ? 10.634  -2.318  3.311   1.00 40.86 ? 56  TYR A CE1 1 
ATOM   300 C  CE2 . TYR A 1 41 ? 9.077   -2.428  5.152   1.00 42.66 ? 56  TYR A CE2 1 
ATOM   301 C  CZ  . TYR A 1 41 ? 10.376  -2.535  4.664   1.00 43.95 ? 56  TYR A CZ  1 
ATOM   302 O  OH  . TYR A 1 41 ? 11.396  -2.855  5.545   1.00 44.34 ? 56  TYR A OH  1 
ATOM   303 N  N   . LEU A 1 42 ? 4.915   0.209   0.371   1.00 38.03 ? 57  LEU A N   1 
ATOM   304 C  CA  . LEU A 1 42 ? 4.028   0.404   -0.778  1.00 39.38 ? 57  LEU A CA  1 
ATOM   305 C  C   . LEU A 1 42 ? 4.398   1.709   -1.458  1.00 40.67 ? 57  LEU A C   1 
ATOM   306 O  O   . LEU A 1 42 ? 4.207   1.869   -2.660  1.00 40.87 ? 57  LEU A O   1 
ATOM   307 C  CB  . LEU A 1 42 ? 2.576   0.473   -0.331  1.00 39.57 ? 57  LEU A CB  1 
ATOM   308 C  CG  . LEU A 1 42 ? 1.921   -0.883  -0.095  1.00 38.28 ? 57  LEU A CG  1 
ATOM   309 C  CD1 . LEU A 1 42 ? 0.594   -0.694  0.603   1.00 36.97 ? 57  LEU A CD1 1 
ATOM   310 C  CD2 . LEU A 1 42 ? 1.736   -1.591  -1.426  1.00 40.26 ? 57  LEU A CD2 1 
ATOM   311 N  N   . GLY A 1 43 ? 4.927   2.643   -0.673  1.00 41.04 ? 58  GLY A N   1 
ATOM   312 C  CA  . GLY A 1 43 ? 5.329   3.920   -1.220  1.00 39.45 ? 58  GLY A CA  1 
ATOM   313 C  C   . GLY A 1 43 ? 6.570   3.737   -2.069  1.00 38.80 ? 58  GLY A C   1 
ATOM   314 O  O   . GLY A 1 43 ? 6.687   4.286   -3.165  1.00 37.50 ? 58  GLY A O   1 
ATOM   315 N  N   . GLN A 1 44 ? 7.513   2.960   -1.556  1.00 39.14 ? 59  GLN A N   1 
ATOM   316 C  CA  . GLN A 1 44 ? 8.736   2.689   -2.296  1.00 40.00 ? 59  GLN A CA  1 
ATOM   317 C  C   . GLN A 1 44 ? 8.369   1.977   -3.586  1.00 40.57 ? 59  GLN A C   1 
ATOM   318 O  O   . GLN A 1 44 ? 8.950   2.229   -4.641  1.00 39.91 ? 59  GLN A O   1 
ATOM   319 C  CB  . GLN A 1 44 ? 9.677   1.823   -1.462  1.00 42.55 ? 59  GLN A CB  1 
ATOM   320 C  CG  . GLN A 1 44 ? 10.306  2.604   -0.328  1.00 43.16 ? 59  GLN A CG  1 
ATOM   321 C  CD  . GLN A 1 44 ? 10.895  3.905   -0.830  1.00 44.31 ? 59  GLN A CD  1 
ATOM   322 O  OE1 . GLN A 1 44 ? 11.711  3.905   -1.750  1.00 46.66 ? 59  GLN A OE1 1 
ATOM   323 N  NE2 . GLN A 1 44 ? 10.479  5.021   -0.243  1.00 43.50 ? 59  GLN A NE2 1 
ATOM   324 N  N   . TYR A 1 45 ? 7.381   1.094   -3.483  1.00 40.31 ? 60  TYR A N   1 
ATOM   325 C  CA  . TYR A 1 45 ? 6.893   0.337   -4.623  1.00 39.95 ? 60  TYR A CA  1 
ATOM   326 C  C   . TYR A 1 45 ? 6.346   1.249   -5.728  1.00 40.26 ? 60  TYR A C   1 
ATOM   327 O  O   . TYR A 1 45 ? 6.643   1.066   -6.918  1.00 38.41 ? 60  TYR A O   1 
ATOM   328 C  CB  . TYR A 1 45 ? 5.788   -0.604  -4.168  1.00 39.86 ? 60  TYR A CB  1 
ATOM   329 C  CG  . TYR A 1 45 ? 5.209   -1.419  -5.285  1.00 37.60 ? 60  TYR A CG  1 
ATOM   330 C  CD1 . TYR A 1 45 ? 5.900   -2.510  -5.791  1.00 37.46 ? 60  TYR A CD1 1 
ATOM   331 C  CD2 . TYR A 1 45 ? 3.962   -1.104  -5.837  1.00 38.52 ? 60  TYR A CD2 1 
ATOM   332 C  CE1 . TYR A 1 45 ? 5.374   -3.281  -6.813  1.00 39.49 ? 60  TYR A CE1 1 
ATOM   333 C  CE2 . TYR A 1 45 ? 3.419   -1.869  -6.871  1.00 37.88 ? 60  TYR A CE2 1 
ATOM   334 C  CZ  . TYR A 1 45 ? 4.139   -2.964  -7.353  1.00 39.69 ? 60  TYR A CZ  1 
ATOM   335 O  OH  . TYR A 1 45 ? 3.656   -3.757  -8.367  1.00 39.37 ? 60  TYR A OH  1 
ATOM   336 N  N   . ILE A 1 46 ? 5.523   2.214   -5.332  1.00 39.94 ? 61  ILE A N   1 
ATOM   337 C  CA  . ILE A 1 46 ? 4.945   3.131   -6.297  1.00 38.95 ? 61  ILE A CA  1 
ATOM   338 C  C   . ILE A 1 46 ? 6.040   3.963   -6.944  1.00 40.33 ? 61  ILE A C   1 
ATOM   339 O  O   . ILE A 1 46 ? 6.050   4.205   -8.150  1.00 38.44 ? 61  ILE A O   1 
ATOM   340 C  CB  . ILE A 1 46 ? 3.944   4.067   -5.618  1.00 39.24 ? 61  ILE A CB  1 
ATOM   341 C  CG1 . ILE A 1 46 ? 2.733   3.255   -5.159  1.00 39.34 ? 61  ILE A CG1 1 
ATOM   342 C  CG2 . ILE A 1 46 ? 3.569   5.205   -6.562  1.00 36.07 ? 61  ILE A CG2 1 
ATOM   343 C  CD1 . ILE A 1 46 ? 1.695   4.047   -4.409  1.00 40.25 ? 61  ILE A CD1 1 
ATOM   344 N  N   . MET A 1 47 ? 6.967   4.394   -6.109  1.00 41.65 ? 62  MET A N   1 
ATOM   345 C  CA  . MET A 1 47 ? 8.077   5.205   -6.546  1.00 42.96 ? 62  MET A CA  1 
ATOM   346 C  C   . MET A 1 47 ? 8.973   4.491   -7.560  1.00 43.32 ? 62  MET A C   1 
ATOM   347 O  O   . MET A 1 47 ? 9.298   5.049   -8.603  1.00 42.48 ? 62  MET A O   1 
ATOM   348 C  CB  . MET A 1 47 ? 8.901   5.621   -5.327  1.00 45.08 ? 62  MET A CB  1 
ATOM   349 C  CG  . MET A 1 47 ? 9.565   6.944   -5.498  1.00 48.49 ? 62  MET A CG  1 
ATOM   350 S  SD  . MET A 1 47 ? 8.341   8.143   -6.028  1.00 51.22 ? 62  MET A SD  1 
ATOM   351 C  CE  . MET A 1 47 ? 8.027   9.045   -4.597  1.00 51.36 ? 62  MET A CE  1 
ATOM   352 N  N   . THR A 1 48 ? 9.346   3.248   -7.266  1.00 44.98 ? 63  THR A N   1 
ATOM   353 C  CA  . THR A 1 48 ? 10.240  2.493   -8.133  1.00 46.32 ? 63  THR A CA  1 
ATOM   354 C  C   . THR A 1 48 ? 9.661   2.047   -9.481  1.00 47.49 ? 63  THR A C   1 
ATOM   355 O  O   . THR A 1 48 ? 10.387  1.950   -10.470 1.00 47.61 ? 63  THR A O   1 
ATOM   356 C  CB  . THR A 1 48 ? 10.840  1.271   -7.370  1.00 48.96 ? 63  THR A CB  1 
ATOM   357 O  OG1 . THR A 1 48 ? 12.266  1.298   -7.492  1.00 53.20 ? 63  THR A OG1 1 
ATOM   358 C  CG2 . THR A 1 48 ? 10.336  -0.043  -7.949  1.00 51.12 ? 63  THR A CG2 1 
ATOM   359 N  N   . LYS A 1 49 ? 8.371   1.754   -9.535  1.00 47.46 ? 64  LYS A N   1 
ATOM   360 C  CA  . LYS A 1 49 ? 7.768   1.350   -10.801 1.00 47.36 ? 64  LYS A CA  1 
ATOM   361 C  C   . LYS A 1 49 ? 7.136   2.575   -11.422 1.00 46.97 ? 64  LYS A C   1 
ATOM   362 O  O   . LYS A 1 49 ? 6.508   2.490   -12.461 1.00 49.40 ? 64  LYS A O   1 
ATOM   363 C  CB  . LYS A 1 49 ? 6.695   0.268   -10.610 1.00 48.47 ? 64  LYS A CB  1 
ATOM   364 C  CG  . LYS A 1 49 ? 7.185   -0.980  -9.889  1.00 48.23 ? 64  LYS A CG  1 
ATOM   365 C  CD  . LYS A 1 49 ? 6.279   -2.181  -10.135 1.00 48.31 ? 64  LYS A CD  1 
ATOM   366 C  CE  . LYS A 1 49 ? 6.586   -2.857  -11.474 1.00 50.56 ? 64  LYS A CE  1 
ATOM   367 N  NZ  . LYS A 1 49 ? 5.976   -4.217  -11.583 1.00 47.78 ? 64  LYS A NZ  1 
ATOM   368 N  N   . ARG A 1 50 ? 7.329   3.725   -10.792 1.00 47.22 ? 65  ARG A N   1 
ATOM   369 C  CA  . ARG A 1 50 ? 6.766   4.972   -11.289 1.00 47.08 ? 65  ARG A CA  1 
ATOM   370 C  C   . ARG A 1 50 ? 5.299   4.786   -11.688 1.00 44.53 ? 65  ARG A C   1 
ATOM   371 O  O   . ARG A 1 50 ? 4.921   4.959   -12.847 1.00 42.73 ? 65  ARG A O   1 
ATOM   372 C  CB  . ARG A 1 50 ? 7.600   5.475   -12.469 1.00 51.12 ? 65  ARG A CB  1 
ATOM   373 C  CG  . ARG A 1 50 ? 9.096   5.489   -12.156 1.00 55.37 ? 65  ARG A CG  1 
ATOM   374 C  CD  . ARG A 1 50 ? 9.921   6.018   -13.314 1.00 60.90 ? 65  ARG A CD  1 
ATOM   375 N  NE  . ARG A 1 50 ? 11.364  5.920   -13.068 1.00 65.22 ? 65  ARG A NE  1 
ATOM   376 C  CZ  . ARG A 1 50 ? 12.299  6.460   -13.852 1.00 67.00 ? 65  ARG A CZ  1 
ATOM   377 N  NH1 . ARG A 1 50 ? 11.955  7.149   -14.940 1.00 67.13 ? 65  ARG A NH1 1 
ATOM   378 N  NH2 . ARG A 1 50 ? 13.583  6.307   -13.558 1.00 67.98 ? 65  ARG A NH2 1 
ATOM   379 N  N   . LEU A 1 51 ? 4.477   4.439   -10.701 1.00 42.47 ? 66  LEU A N   1 
ATOM   380 C  CA  . LEU A 1 51 ? 3.054   4.210   -10.927 1.00 41.82 ? 66  LEU A CA  1 
ATOM   381 C  C   . LEU A 1 51 ? 2.248   5.497   -10.851 1.00 41.11 ? 66  LEU A C   1 
ATOM   382 O  O   . LEU A 1 51 ? 1.036   5.494   -11.083 1.00 41.22 ? 66  LEU A O   1 
ATOM   383 C  CB  . LEU A 1 51 ? 2.515   3.212   -9.908  1.00 40.53 ? 66  LEU A CB  1 
ATOM   384 C  CG  . LEU A 1 51 ? 3.163   1.830   -9.939  1.00 39.35 ? 66  LEU A CG  1 
ATOM   385 C  CD1 . LEU A 1 51 ? 2.459   0.927   -8.944  1.00 36.95 ? 66  LEU A CD1 1 
ATOM   386 C  CD2 . LEU A 1 51 ? 3.088   1.261   -11.350 1.00 37.99 ? 66  LEU A CD2 1 
ATOM   387 N  N   . TYR A 1 52 ? 2.936   6.594   -10.547 1.00 39.74 ? 67  TYR A N   1 
ATOM   388 C  CA  . TYR A 1 52 ? 2.292   7.898   -10.422 1.00 39.64 ? 67  TYR A CA  1 
ATOM   389 C  C   . TYR A 1 52 ? 2.280   8.734   -11.697 1.00 38.63 ? 67  TYR A C   1 
ATOM   390 O  O   . TYR A 1 52 ? 3.130   8.573   -12.574 1.00 37.09 ? 67  TYR A O   1 
ATOM   391 C  CB  . TYR A 1 52 ? 2.961   8.714   -9.310  1.00 39.48 ? 67  TYR A CB  1 
ATOM   392 C  CG  . TYR A 1 52 ? 4.426   9.065   -9.557  1.00 40.96 ? 67  TYR A CG  1 
ATOM   393 C  CD1 . TYR A 1 52 ? 5.451   8.168   -9.243  1.00 41.34 ? 67  TYR A CD1 1 
ATOM   394 C  CD2 . TYR A 1 52 ? 4.778   10.306  -10.097 1.00 42.47 ? 67  TYR A CD2 1 
ATOM   395 C  CE1 . TYR A 1 52 ? 6.794   8.510   -9.452  1.00 45.04 ? 67  TYR A CE1 1 
ATOM   396 C  CE2 . TYR A 1 52 ? 6.104   10.653  -10.321 1.00 42.43 ? 67  TYR A CE2 1 
ATOM   397 C  CZ  . TYR A 1 52 ? 7.106   9.757   -9.997  1.00 45.95 ? 67  TYR A CZ  1 
ATOM   398 O  OH  . TYR A 1 52 ? 8.415   10.107  -10.222 1.00 47.41 ? 67  TYR A OH  1 
ATOM   399 N  N   . ASP A 1 53 ? 1.315   9.650   -11.774 1.00 40.71 ? 68  ASP A N   1 
ATOM   400 C  CA  . ASP A 1 53 ? 1.183   10.546  -12.917 1.00 41.09 ? 68  ASP A CA  1 
ATOM   401 C  C   . ASP A 1 53 ? 2.322   11.550  -12.862 1.00 41.98 ? 68  ASP A C   1 
ATOM   402 O  O   . ASP A 1 53 ? 2.506   12.214  -11.846 1.00 43.04 ? 68  ASP A O   1 
ATOM   403 C  CB  . ASP A 1 53 ? -0.167  11.275  -12.873 1.00 40.55 ? 68  ASP A CB  1 
ATOM   404 C  CG  . ASP A 1 53 ? -0.359  12.203  -14.050 1.00 41.70 ? 68  ASP A CG  1 
ATOM   405 O  OD1 . ASP A 1 53 ? 0.278   13.273  -14.052 1.00 41.40 ? 68  ASP A OD1 1 
ATOM   406 O  OD2 . ASP A 1 53 ? -1.118  11.856  -14.985 1.00 43.68 ? 68  ASP A OD2 1 
ATOM   407 N  N   . GLU A 1 54 ? 3.093   11.644  -13.946 1.00 43.07 ? 69  GLU A N   1 
ATOM   408 C  CA  . GLU A 1 54 ? 4.231   12.568  -14.025 1.00 45.92 ? 69  GLU A CA  1 
ATOM   409 C  C   . GLU A 1 54 ? 3.946   14.078  -13.828 1.00 46.24 ? 69  GLU A C   1 
ATOM   410 O  O   . GLU A 1 54 ? 4.852   14.821  -13.517 1.00 48.09 ? 69  GLU A O   1 
ATOM   411 C  CB  . GLU A 1 54 ? 5.020   12.329  -15.334 1.00 47.91 ? 69  GLU A CB  1 
ATOM   412 C  CG  . GLU A 1 54 ? 5.948   11.089  -15.342 1.00 52.84 ? 69  GLU A CG  1 
ATOM   413 C  CD  . GLU A 1 54 ? 7.094   11.173  -14.322 1.00 58.19 ? 69  GLU A CD  1 
ATOM   414 O  OE1 . GLU A 1 54 ? 7.454   12.308  -13.918 1.00 60.07 ? 69  GLU A OE1 1 
ATOM   415 O  OE2 . GLU A 1 54 ? 7.653   10.103  -13.942 1.00 61.82 ? 69  GLU A OE2 1 
ATOM   416 N  N   . LYS A 1 55 ? 2.701   14.528  -13.972 1.00 47.03 ? 70  LYS A N   1 
ATOM   417 C  CA  . LYS A 1 55 ? 2.347   15.951  -13.794 1.00 48.00 ? 70  LYS A CA  1 
ATOM   418 C  C   . LYS A 1 55 ? 1.574   16.327  -12.534 1.00 48.18 ? 70  LYS A C   1 
ATOM   419 O  O   . LYS A 1 55 ? 1.697   17.427  -12.024 1.00 49.01 ? 70  LYS A O   1 
ATOM   420 C  CB  . LYS A 1 55 ? 1.533   16.457  -14.990 1.00 48.70 ? 70  LYS A CB  1 
ATOM   421 C  CG  . LYS A 1 55 ? 0.820   17.807  -14.702 1.00 49.87 ? 70  LYS A CG  1 
ATOM   422 C  CD  . LYS A 1 55 ? 1.576   19.054  -15.195 1.00 50.33 ? 70  LYS A CD  1 
ATOM   423 C  CE  . LYS A 1 55 ? 0.577   20.199  -15.216 1.00 51.11 ? 70  LYS A CE  1 
ATOM   424 N  NZ  . LYS A 1 55 ? -0.780  19.547  -15.366 1.00 55.62 ? 70  LYS A NZ  1 
ATOM   425 N  N   . GLN A 1 56 ? 0.710   15.413  -12.120 1.00 47.23 ? 71  GLN A N   1 
ATOM   426 C  CA  . GLN A 1 56 ? -0.156  15.520  -10.949 1.00 47.05 ? 71  GLN A CA  1 
ATOM   427 C  C   . GLN A 1 56 ? 0.088   14.248  -10.115 1.00 46.08 ? 71  GLN A C   1 
ATOM   428 O  O   . GLN A 1 56 ? -0.818  13.430  -9.890  1.00 45.13 ? 71  GLN A O   1 
ATOM   429 C  CB  . GLN A 1 56 ? -1.627  15.600  -11.391 1.00 47.90 ? 71  GLN A CB  1 
ATOM   430 C  CG  . GLN A 1 56 ? -2.073  16.967  -11.915 1.00 51.76 ? 71  GLN A CG  1 
ATOM   431 C  CD  . GLN A 1 56 ? -2.411  17.893  -10.779 1.00 52.46 ? 71  GLN A CD  1 
ATOM   432 O  OE1 . GLN A 1 56 ? -1.631  18.019  -9.842  1.00 53.49 ? 71  GLN A OE1 1 
ATOM   433 N  NE2 . GLN A 1 56 ? -3.579  18.538  -10.842 1.00 53.84 ? 71  GLN A NE2 1 
ATOM   434 N  N   . GLN A 1 57 ? 1.339   14.160  -9.657  1.00 45.02 ? 72  GLN A N   1 
ATOM   435 C  CA  . GLN A 1 57 ? 1.969   13.091  -8.871  1.00 44.19 ? 72  GLN A CA  1 
ATOM   436 C  C   . GLN A 1 57 ? 1.277   12.578  -7.604  1.00 43.56 ? 72  GLN A C   1 
ATOM   437 O  O   . GLN A 1 57 ? 1.837   11.763  -6.871  1.00 43.95 ? 72  GLN A O   1 
ATOM   438 C  CB  . GLN A 1 57 ? 3.379   13.567  -8.544  1.00 45.06 ? 72  GLN A CB  1 
ATOM   439 C  CG  . GLN A 1 57 ? 3.952   14.507  -9.642  1.00 46.31 ? 72  GLN A CG  1 
ATOM   440 C  CD  . GLN A 1 57 ? 5.434   14.795  -9.454  1.00 45.89 ? 72  GLN A CD  1 
ATOM   441 O  OE1 . GLN A 1 57 ? 5.905   14.882  -8.332  1.00 49.13 ? 72  GLN A OE1 1 
ATOM   442 N  NE2 . GLN A 1 57 ? 6.168   14.948  -10.553 1.00 47.29 ? 72  GLN A NE2 1 
ATOM   443 N  N   . HIS A 1 58 ? 0.071   13.066  -7.350  1.00 41.89 ? 73  HIS A N   1 
ATOM   444 C  CA  . HIS A 1 58 ? -0.713  12.634  -6.209  1.00 39.91 ? 73  HIS A CA  1 
ATOM   445 C  C   . HIS A 1 58 ? -1.700  11.548  -6.700  1.00 39.79 ? 73  HIS A C   1 
ATOM   446 O  O   . HIS A 1 58 ? -2.454  10.961  -5.923  1.00 39.40 ? 73  HIS A O   1 
ATOM   447 C  CB  . HIS A 1 58 ? -1.437  13.846  -5.625  1.00 38.97 ? 73  HIS A CB  1 
ATOM   448 C  CG  . HIS A 1 58 ? -2.524  14.401  -6.498  1.00 40.71 ? 73  HIS A CG  1 
ATOM   449 N  ND1 . HIS A 1 58 ? -3.779  13.832  -6.562  1.00 40.65 ? 73  HIS A ND1 1 
ATOM   450 C  CD2 . HIS A 1 58 ? -2.585  15.533  -7.235  1.00 38.97 ? 73  HIS A CD2 1 
ATOM   451 C  CE1 . HIS A 1 58 ? -4.565  14.600  -7.292  1.00 41.37 ? 73  HIS A CE1 1 
ATOM   452 N  NE2 . HIS A 1 58 ? -3.870  15.640  -7.711  1.00 39.38 ? 73  HIS A NE2 1 
ATOM   453 N  N   . ILE A 1 59 ? -1.666  11.275  -8.004  1.00 38.63 ? 74  ILE A N   1 
ATOM   454 C  CA  . ILE A 1 59 ? -2.523  10.260  -8.610  1.00 38.34 ? 74  ILE A CA  1 
ATOM   455 C  C   . ILE A 1 59 ? -1.668  9.049   -9.001  1.00 39.36 ? 74  ILE A C   1 
ATOM   456 O  O   . ILE A 1 59 ? -0.619  9.191   -9.611  1.00 40.92 ? 74  ILE A O   1 
ATOM   457 C  CB  . ILE A 1 59 ? -3.257  10.811  -9.868  1.00 39.73 ? 74  ILE A CB  1 
ATOM   458 C  CG1 . ILE A 1 59 ? -4.262  11.885  -9.443  1.00 38.29 ? 74  ILE A CG1 1 
ATOM   459 C  CG2 . ILE A 1 59 ? -3.968  9.665   -10.632 1.00 37.17 ? 74  ILE A CG2 1 
ATOM   460 C  CD1 . ILE A 1 59 ? -5.352  11.373  -8.527  1.00 42.28 ? 74  ILE A CD1 1 
ATOM   461 N  N   . VAL A 1 60 ? -2.116  7.853   -8.645  1.00 38.34 ? 75  VAL A N   1 
ATOM   462 C  CA  . VAL A 1 60 ? -1.370  6.642   -8.968  1.00 36.32 ? 75  VAL A CA  1 
ATOM   463 C  C   . VAL A 1 60 ? -2.120  5.760   -9.991  1.00 37.01 ? 75  VAL A C   1 
ATOM   464 O  O   . VAL A 1 60 ? -3.340  5.634   -9.938  1.00 32.49 ? 75  VAL A O   1 
ATOM   465 C  CB  . VAL A 1 60 ? -1.081  5.824   -7.673  1.00 35.00 ? 75  VAL A CB  1 
ATOM   466 C  CG1 . VAL A 1 60 ? -0.431  4.497   -8.004  1.00 33.37 ? 75  VAL A CG1 1 
ATOM   467 C  CG2 . VAL A 1 60 ? -0.171  6.626   -6.757  1.00 33.74 ? 75  VAL A CG2 1 
ATOM   468 N  N   . TYR A 1 61 ? -1.368  5.184   -10.926 1.00 38.42 ? 76  TYR A N   1 
ATOM   469 C  CA  . TYR A 1 61 ? -1.907  4.285   -11.941 1.00 40.44 ? 76  TYR A CA  1 
ATOM   470 C  C   . TYR A 1 61 ? -1.463  2.870   -11.534 1.00 41.37 ? 76  TYR A C   1 
ATOM   471 O  O   . TYR A 1 61 ? -0.286  2.613   -11.275 1.00 42.11 ? 76  TYR A O   1 
ATOM   472 C  CB  . TYR A 1 61 ? -1.381  4.668   -13.339 1.00 37.95 ? 76  TYR A CB  1 
ATOM   473 C  CG  . TYR A 1 61 ? -1.837  6.052   -13.794 1.00 36.46 ? 76  TYR A CG  1 
ATOM   474 C  CD1 . TYR A 1 61 ? -3.184  6.409   -13.751 1.00 35.62 ? 76  TYR A CD1 1 
ATOM   475 C  CD2 . TYR A 1 61 ? -0.917  7.016   -14.214 1.00 36.92 ? 76  TYR A CD2 1 
ATOM   476 C  CE1 . TYR A 1 61 ? -3.607  7.689   -14.106 1.00 35.29 ? 76  TYR A CE1 1 
ATOM   477 C  CE2 . TYR A 1 61 ? -1.323  8.300   -14.568 1.00 35.66 ? 76  TYR A CE2 1 
ATOM   478 C  CZ  . TYR A 1 61 ? -2.670  8.630   -14.511 1.00 34.21 ? 76  TYR A CZ  1 
ATOM   479 O  OH  . TYR A 1 61 ? -3.070  9.897   -14.856 1.00 35.35 ? 76  TYR A OH  1 
ATOM   480 N  N   . CYS A 1 62 ? -2.427  1.965   -11.438 1.00 42.66 ? 77  CYS A N   1 
ATOM   481 C  CA  . CYS A 1 62 ? -2.162  0.581   -11.042 1.00 43.82 ? 77  CYS A CA  1 
ATOM   482 C  C   . CYS A 1 62 ? -3.082  -0.353  -11.810 1.00 43.93 ? 77  CYS A C   1 
ATOM   483 O  O   . CYS A 1 62 ? -3.284  -1.502  -11.443 1.00 44.64 ? 77  CYS A O   1 
ATOM   484 C  CB  . CYS A 1 62 ? -2.366  0.427   -9.524  1.00 41.60 ? 77  CYS A CB  1 
ATOM   485 S  SG  . CYS A 1 62 ? -3.944  1.053   -8.925  1.00 42.31 ? 77  CYS A SG  1 
ATOM   486 N  N   . SER A 1 63 ? -3.626  0.184   -12.891 1.00 45.15 ? 78  SER A N   1 
ATOM   487 C  CA  . SER A 1 63 ? -4.552  -0.529  -13.765 1.00 47.07 ? 78  SER A CA  1 
ATOM   488 C  C   . SER A 1 63 ? -4.011  -1.858  -14.278 1.00 47.72 ? 78  SER A C   1 
ATOM   489 O  O   . SER A 1 63 ? -4.692  -2.882  -14.225 1.00 48.10 ? 78  SER A O   1 
ATOM   490 C  CB  . SER A 1 63 ? -4.898  0.353   -14.957 1.00 42.69 ? 78  SER A CB  1 
ATOM   491 O  OG  . SER A 1 63 ? -6.005  -0.163  -15.654 1.00 48.36 ? 78  SER A OG  1 
ATOM   492 N  N   . ASN A 1 64 ? -2.776  -1.831  -14.767 1.00 49.86 ? 79  ASN A N   1 
ATOM   493 C  CA  . ASN A 1 64 ? -2.138  -3.018  -15.326 1.00 50.84 ? 79  ASN A CA  1 
ATOM   494 C  C   . ASN A 1 64 ? -0.982  -3.489  -14.442 1.00 51.12 ? 79  ASN A C   1 
ATOM   495 O  O   . ASN A 1 64 ? 0.032   -3.964  -14.941 1.00 53.11 ? 79  ASN A O   1 
ATOM   496 C  CB  . ASN A 1 64 ? -1.606  -2.707  -16.742 1.00 51.26 ? 79  ASN A CB  1 
ATOM   497 C  CG  . ASN A 1 64 ? -2.262  -1.466  -17.381 1.00 50.72 ? 79  ASN A CG  1 
ATOM   498 O  OD1 . ASN A 1 64 ? -3.405  -1.113  -17.076 1.00 52.46 ? 79  ASN A OD1 1 
ATOM   499 N  ND2 . ASN A 1 64 ? -1.540  -0.822  -18.297 1.00 50.94 ? 79  ASN A ND2 1 
ATOM   500 N  N   . ASP A 1 65 ? -1.146  -3.379  -13.132 1.00 51.37 ? 80  ASP A N   1 
ATOM   501 C  CA  . ASP A 1 65 ? -0.096  -3.757  -12.203 1.00 50.48 ? 80  ASP A CA  1 
ATOM   502 C  C   . ASP A 1 65 ? -0.658  -4.657  -11.110 1.00 51.25 ? 80  ASP A C   1 
ATOM   503 O  O   . ASP A 1 65 ? -1.862  -4.691  -10.891 1.00 51.66 ? 80  ASP A O   1 
ATOM   504 C  CB  . ASP A 1 65 ? 0.465   -2.484  -11.567 1.00 49.59 ? 80  ASP A CB  1 
ATOM   505 C  CG  . ASP A 1 65 ? 1.716   -2.727  -10.759 1.00 47.69 ? 80  ASP A CG  1 
ATOM   506 O  OD1 . ASP A 1 65 ? 2.825   -2.631  -11.326 1.00 46.24 ? 80  ASP A OD1 1 
ATOM   507 O  OD2 . ASP A 1 65 ? 1.590   -3.019  -9.557  1.00 48.71 ? 80  ASP A OD2 1 
ATOM   508 N  N   . LEU A 1 66 ? 0.217   -5.380  -10.421 1.00 51.46 ? 81  LEU A N   1 
ATOM   509 C  CA  . LEU A 1 66 ? -0.203  -6.230  -9.328  1.00 51.41 ? 81  LEU A CA  1 
ATOM   510 C  C   . LEU A 1 66 ? -0.963  -5.351  -8.335  1.00 50.48 ? 81  LEU A C   1 
ATOM   511 O  O   . LEU A 1 66 ? -2.049  -5.708  -7.874  1.00 50.14 ? 81  LEU A O   1 
ATOM   512 C  CB  . LEU A 1 66 ? 1.028   -6.864  -8.666  1.00 54.06 ? 81  LEU A CB  1 
ATOM   513 C  CG  . LEU A 1 66 ? 0.830   -7.752  -7.437  1.00 56.55 ? 81  LEU A CG  1 
ATOM   514 C  CD1 . LEU A 1 66 ? -0.196  -8.828  -7.736  1.00 57.80 ? 81  LEU A CD1 1 
ATOM   515 C  CD2 . LEU A 1 66 ? 2.171   -8.387  -7.050  1.00 59.83 ? 81  LEU A CD2 1 
ATOM   516 N  N   . LEU A 1 67 ? -0.386  -4.192  -8.017  1.00 47.71 ? 82  LEU A N   1 
ATOM   517 C  CA  . LEU A 1 67 ? -1.006  -3.254  -7.087  1.00 45.60 ? 82  LEU A CA  1 
ATOM   518 C  C   . LEU A 1 67 ? -2.505  -3.112  -7.386  1.00 43.70 ? 82  LEU A C   1 
ATOM   519 O  O   . LEU A 1 67 ? -3.332  -3.135  -6.476  1.00 41.58 ? 82  LEU A O   1 
ATOM   520 C  CB  . LEU A 1 67 ? -0.328  -1.881  -7.187  1.00 45.96 ? 82  LEU A CB  1 
ATOM   521 C  CG  . LEU A 1 67 ? -0.748  -0.851  -6.137  1.00 44.82 ? 82  LEU A CG  1 
ATOM   522 C  CD1 . LEU A 1 67 ? -0.168  -1.224  -4.783  1.00 46.83 ? 82  LEU A CD1 1 
ATOM   523 C  CD2 . LEU A 1 67 ? -0.274  0.512   -6.570  1.00 42.88 ? 82  LEU A CD2 1 
ATOM   524 N  N   . GLY A 1 68 ? -2.835  -2.975  -8.672  1.00 44.50 ? 83  GLY A N   1 
ATOM   525 C  CA  . GLY A 1 68 ? -4.219  -2.849  -9.099  1.00 44.99 ? 83  GLY A CA  1 
ATOM   526 C  C   . GLY A 1 68 ? -5.089  -4.009  -8.654  1.00 45.93 ? 83  GLY A C   1 
ATOM   527 O  O   . GLY A 1 68 ? -6.259  -3.815  -8.325  1.00 44.87 ? 83  GLY A O   1 
ATOM   528 N  N   . ASP A 1 69 ? -4.528  -5.217  -8.651  1.00 47.28 ? 84  ASP A N   1 
ATOM   529 C  CA  . ASP A 1 69 ? -5.281  -6.389  -8.216  1.00 50.28 ? 84  ASP A CA  1 
ATOM   530 C  C   . ASP A 1 69 ? -5.488  -6.349  -6.705  1.00 49.95 ? 84  ASP A C   1 
ATOM   531 O  O   . ASP A 1 69 ? -6.540  -6.757  -6.218  1.00 49.81 ? 84  ASP A O   1 
ATOM   532 C  CB  . ASP A 1 69 ? -4.560  -7.690  -8.594  1.00 53.31 ? 84  ASP A CB  1 
ATOM   533 C  CG  . ASP A 1 69 ? -4.401  -7.855  -10.092 1.00 56.74 ? 84  ASP A CG  1 
ATOM   534 O  OD1 . ASP A 1 69 ? -5.390  -7.632  -10.821 1.00 59.64 ? 84  ASP A OD1 1 
ATOM   535 O  OD2 . ASP A 1 69 ? -3.295  -8.221  -10.548 1.00 58.71 ? 84  ASP A OD2 1 
ATOM   536 N  N   . LEU A 1 70 ? -4.499  -5.851  -5.967  1.00 48.85 ? 85  LEU A N   1 
ATOM   537 C  CA  . LEU A 1 70 ? -4.619  -5.780  -4.510  1.00 49.39 ? 85  LEU A CA  1 
ATOM   538 C  C   . LEU A 1 70 ? -5.640  -4.750  -4.050  1.00 47.76 ? 85  LEU A C   1 
ATOM   539 O  O   . LEU A 1 70 ? -6.439  -5.009  -3.155  1.00 47.51 ? 85  LEU A O   1 
ATOM   540 C  CB  . LEU A 1 70 ? -3.269  -5.455  -3.867  1.00 51.61 ? 85  LEU A CB  1 
ATOM   541 C  CG  . LEU A 1 70 ? -2.110  -6.415  -4.086  1.00 55.98 ? 85  LEU A CG  1 
ATOM   542 C  CD1 . LEU A 1 70 ? -0.893  -5.865  -3.353  1.00 57.91 ? 85  LEU A CD1 1 
ATOM   543 C  CD2 . LEU A 1 70 ? -2.471  -7.801  -3.574  1.00 57.40 ? 85  LEU A CD2 1 
ATOM   544 N  N   . PHE A 1 71 ? -5.618  -3.583  -4.676  1.00 46.20 ? 86  PHE A N   1 
ATOM   545 C  CA  . PHE A 1 71 ? -6.522  -2.512  -4.304  1.00 45.09 ? 86  PHE A CA  1 
ATOM   546 C  C   . PHE A 1 71 ? -7.875  -2.523  -5.014  1.00 42.88 ? 86  PHE A C   1 
ATOM   547 O  O   . PHE A 1 71 ? -8.820  -1.910  -4.544  1.00 42.32 ? 86  PHE A O   1 
ATOM   548 C  CB  . PHE A 1 71 ? -5.820  -1.166  -4.509  1.00 46.35 ? 86  PHE A CB  1 
ATOM   549 C  CG  . PHE A 1 71 ? -4.763  -0.859  -3.475  1.00 46.48 ? 86  PHE A CG  1 
ATOM   550 C  CD1 . PHE A 1 71 ? -4.312  -1.842  -2.596  1.00 46.93 ? 86  PHE A CD1 1 
ATOM   551 C  CD2 . PHE A 1 71 ? -4.207  0.420   -3.389  1.00 47.17 ? 86  PHE A CD2 1 
ATOM   552 C  CE1 . PHE A 1 71 ? -3.325  -1.561  -1.649  1.00 49.39 ? 86  PHE A CE1 1 
ATOM   553 C  CE2 . PHE A 1 71 ? -3.223  0.710   -2.450  1.00 47.35 ? 86  PHE A CE2 1 
ATOM   554 C  CZ  . PHE A 1 71 ? -2.781  -0.273  -1.580  1.00 47.97 ? 86  PHE A CZ  1 
ATOM   555 N  N   . GLY A 1 72 ? -7.965  -3.208  -6.143  1.00 41.06 ? 87  GLY A N   1 
ATOM   556 C  CA  . GLY A 1 72 ? -9.234  -3.276  -6.839  1.00 40.73 ? 87  GLY A CA  1 
ATOM   557 C  C   . GLY A 1 72 ? -9.683  -1.987  -7.508  1.00 41.05 ? 87  GLY A C   1 
ATOM   558 O  O   . GLY A 1 72 ? -10.877 -1.779  -7.688  1.00 39.96 ? 87  GLY A O   1 
ATOM   559 N  N   . VAL A 1 73 ? -8.750  -1.107  -7.847  1.00 38.56 ? 88  VAL A N   1 
ATOM   560 C  CA  . VAL A 1 73 ? -9.095  0.119   -8.532  1.00 38.99 ? 88  VAL A CA  1 
ATOM   561 C  C   . VAL A 1 73 ? -8.020  0.367   -9.572  1.00 37.81 ? 88  VAL A C   1 
ATOM   562 O  O   . VAL A 1 73 ? -6.906  -0.130  -9.450  1.00 35.79 ? 88  VAL A O   1 
ATOM   563 C  CB  . VAL A 1 73 ? -9.209  1.342   -7.567  1.00 39.63 ? 88  VAL A CB  1 
ATOM   564 C  CG1 . VAL A 1 73 ? -10.229 1.045   -6.483  1.00 37.25 ? 88  VAL A CG1 1 
ATOM   565 C  CG2 . VAL A 1 73 ? -7.853  1.704   -6.975  1.00 39.89 ? 88  VAL A CG2 1 
ATOM   566 N  N   . PRO A 1 74 ? -8.356  1.107   -10.633 1.00 38.77 ? 89  PRO A N   1 
ATOM   567 C  CA  . PRO A 1 74 ? -7.367  1.387   -11.677 1.00 39.87 ? 89  PRO A CA  1 
ATOM   568 C  C   . PRO A 1 74 ? -6.429  2.531   -11.305 1.00 38.67 ? 89  PRO A C   1 
ATOM   569 O  O   . PRO A 1 74 ? -5.316  2.607   -11.814 1.00 40.26 ? 89  PRO A O   1 
ATOM   570 C  CB  . PRO A 1 74 ? -8.235  1.682   -12.899 1.00 38.67 ? 89  PRO A CB  1 
ATOM   571 C  CG  . PRO A 1 74 ? -9.429  2.344   -12.297 1.00 40.51 ? 89  PRO A CG  1 
ATOM   572 C  CD  . PRO A 1 74 ? -9.708  1.518   -11.053 1.00 39.03 ? 89  PRO A CD  1 
ATOM   573 N  N   . SER A 1 75 ? -6.872  3.401   -10.406 1.00 37.97 ? 90  SER A N   1 
ATOM   574 C  CA  . SER A 1 75 ? -6.063  4.530   -9.976  1.00 37.68 ? 90  SER A CA  1 
ATOM   575 C  C   . SER A 1 75 ? -6.688  5.183   -8.749  1.00 37.87 ? 90  SER A C   1 
ATOM   576 O  O   . SER A 1 75 ? -7.895  5.081   -8.528  1.00 39.38 ? 90  SER A O   1 
ATOM   577 C  CB  . SER A 1 75 ? -5.932  5.561   -11.105 1.00 38.03 ? 90  SER A CB  1 
ATOM   578 O  OG  . SER A 1 75 ? -6.791  6.668   -10.900 1.00 39.10 ? 90  SER A OG  1 
ATOM   579 N  N   . PHE A 1 76 ? -5.868  5.854   -7.952  1.00 34.77 ? 91  PHE A N   1 
ATOM   580 C  CA  . PHE A 1 76 ? -6.360  6.494   -6.750  1.00 36.11 ? 91  PHE A CA  1 
ATOM   581 C  C   . PHE A 1 76 ? -5.490  7.698   -6.408  1.00 36.17 ? 91  PHE A C   1 
ATOM   582 O  O   . PHE A 1 76 ? -4.402  7.873   -6.965  1.00 36.12 ? 91  PHE A O   1 
ATOM   583 C  CB  . PHE A 1 76 ? -6.392  5.473   -5.588  1.00 33.33 ? 91  PHE A CB  1 
ATOM   584 C  CG  . PHE A 1 76 ? -5.049  4.880   -5.251  1.00 35.24 ? 91  PHE A CG  1 
ATOM   585 C  CD1 . PHE A 1 76 ? -4.252  5.447   -4.257  1.00 35.37 ? 91  PHE A CD1 1 
ATOM   586 C  CD2 . PHE A 1 76 ? -4.558  3.780   -5.959  1.00 33.50 ? 91  PHE A CD2 1 
ATOM   587 C  CE1 . PHE A 1 76 ? -2.988  4.933   -3.969  1.00 33.52 ? 91  PHE A CE1 1 
ATOM   588 C  CE2 . PHE A 1 76 ? -3.297  3.256   -5.688  1.00 33.49 ? 91  PHE A CE2 1 
ATOM   589 C  CZ  . PHE A 1 76 ? -2.506  3.833   -4.688  1.00 35.16 ? 91  PHE A CZ  1 
ATOM   590 N  N   . SER A 1 77 ? -5.986  8.543   -5.514  1.00 36.93 ? 92  SER A N   1 
ATOM   591 C  CA  . SER A 1 77 ? -5.253  9.730   -5.098  1.00 38.79 ? 92  SER A CA  1 
ATOM   592 C  C   . SER A 1 77 ? -4.643  9.507   -3.713  1.00 38.35 ? 92  SER A C   1 
ATOM   593 O  O   . SER A 1 77 ? -5.341  9.097   -2.778  1.00 39.93 ? 92  SER A O   1 
ATOM   594 C  CB  . SER A 1 77 ? -6.187  10.932  -5.071  1.00 35.07 ? 92  SER A CB  1 
ATOM   595 O  OG  . SER A 1 77 ? -5.516  12.055  -4.537  1.00 40.67 ? 92  SER A OG  1 
ATOM   596 N  N   . VAL A 1 78 ? -3.349  9.786   -3.583  1.00 39.78 ? 93  VAL A N   1 
ATOM   597 C  CA  . VAL A 1 78 ? -2.650  9.596   -2.314  1.00 38.88 ? 93  VAL A CA  1 
ATOM   598 C  C   . VAL A 1 78 ? -3.130  10.597  -1.265  1.00 39.97 ? 93  VAL A C   1 
ATOM   599 O  O   . VAL A 1 78 ? -2.713  10.554  -0.109  1.00 38.77 ? 93  VAL A O   1 
ATOM   600 C  CB  . VAL A 1 78 ? -1.117  9.713   -2.511  1.00 37.82 ? 93  VAL A CB  1 
ATOM   601 C  CG1 . VAL A 1 78 ? -0.687  8.807   -3.652  1.00 38.40 ? 93  VAL A CG1 1 
ATOM   602 C  CG2 . VAL A 1 78 ? -0.717  11.151  -2.799  1.00 38.14 ? 93  VAL A CG2 1 
ATOM   603 N  N   . LYS A 1 79 ? -4.018  11.497  -1.683  1.00 40.74 ? 94  LYS A N   1 
ATOM   604 C  CA  . LYS A 1 79 ? -4.579  12.498  -0.782  1.00 42.73 ? 94  LYS A CA  1 
ATOM   605 C  C   . LYS A 1 79 ? -5.679  11.894  0.089   1.00 42.29 ? 94  LYS A C   1 
ATOM   606 O  O   . LYS A 1 79 ? -5.936  12.373  1.189   1.00 44.02 ? 94  LYS A O   1 
ATOM   607 C  CB  . LYS A 1 79 ? -5.158  13.680  -1.569  1.00 43.37 ? 94  LYS A CB  1 
ATOM   608 C  CG  . LYS A 1 79 ? -4.133  14.506  -2.324  1.00 44.41 ? 94  LYS A CG  1 
ATOM   609 C  CD  . LYS A 1 79 ? -4.757  15.748  -2.942  1.00 45.48 ? 94  LYS A CD  1 
ATOM   610 C  CE  . LYS A 1 79 ? -3.725  16.509  -3.752  1.00 45.86 ? 94  LYS A CE  1 
ATOM   611 N  NZ  . LYS A 1 79 ? -4.278  17.775  -4.287  1.00 46.94 ? 94  LYS A NZ  1 
ATOM   612 N  N   . GLU A 1 80 ? -6.320  10.837  -0.399  1.00 43.50 ? 95  GLU A N   1 
ATOM   613 C  CA  . GLU A 1 80 ? -7.400  10.198  0.356   1.00 45.54 ? 95  GLU A CA  1 
ATOM   614 C  C   . GLU A 1 80 ? -6.873  9.021   1.161   1.00 44.69 ? 95  GLU A C   1 
ATOM   615 O  O   . GLU A 1 80 ? -7.000  7.862   0.762   1.00 41.55 ? 95  GLU A O   1 
ATOM   616 C  CB  . GLU A 1 80 ? -8.508  9.760   -0.606  1.00 46.98 ? 95  GLU A CB  1 
ATOM   617 C  CG  . GLU A 1 80 ? -8.918  10.881  -1.563  1.00 49.32 ? 95  GLU A CG  1 
ATOM   618 C  CD  . GLU A 1 80 ? -9.952  10.463  -2.578  1.00 50.78 ? 95  GLU A CD  1 
ATOM   619 O  OE1 . GLU A 1 80 ? -9.785  9.396   -3.207  1.00 51.15 ? 95  GLU A OE1 1 
ATOM   620 O  OE2 . GLU A 1 80 ? -10.930 11.221  -2.758  1.00 54.33 ? 95  GLU A OE2 1 
ATOM   621 N  N   . HIS A 1 81 ? -6.273  9.356   2.302   1.00 45.68 ? 96  HIS A N   1 
ATOM   622 C  CA  . HIS A 1 81 ? -5.672  8.385   3.195   1.00 45.25 ? 96  HIS A CA  1 
ATOM   623 C  C   . HIS A 1 81 ? -6.609  7.265   3.630   1.00 45.69 ? 96  HIS A C   1 
ATOM   624 O  O   . HIS A 1 81 ? -6.307  6.092   3.412   1.00 44.84 ? 96  HIS A O   1 
ATOM   625 C  CB  . HIS A 1 81 ? -5.070  9.122   4.391   1.00 43.41 ? 96  HIS A CB  1 
ATOM   626 C  CG  . HIS A 1 81 ? -3.910  9.995   4.013   1.00 43.46 ? 96  HIS A CG  1 
ATOM   627 N  ND1 . HIS A 1 81 ? -3.020  10.505  4.942   1.00 44.05 ? 96  HIS A ND1 1 
ATOM   628 C  CD2 . HIS A 1 81 ? -3.486  10.426  2.808   1.00 42.10 ? 96  HIS A CD2 1 
ATOM   629 C  CE1 . HIS A 1 81 ? -2.099  11.212  4.312   1.00 43.63 ? 96  HIS A CE1 1 
ATOM   630 N  NE2 . HIS A 1 81 ? -2.355  11.182  3.018   1.00 42.36 ? 96  HIS A NE2 1 
ATOM   631 N  N   . ARG A 1 82 ? -7.750  7.620   4.216   1.00 45.43 ? 97  ARG A N   1 
ATOM   632 C  CA  . ARG A 1 82 ? -8.716  6.626   4.661   1.00 45.10 ? 97  ARG A CA  1 
ATOM   633 C  C   . ARG A 1 82 ? -9.002  5.604   3.567   1.00 45.36 ? 97  ARG A C   1 
ATOM   634 O  O   . ARG A 1 82 ? -8.975  4.393   3.811   1.00 45.75 ? 97  ARG A O   1 
ATOM   635 C  CB  . ARG A 1 82 ? -10.029 7.300   5.081   1.00 46.83 ? 97  ARG A CB  1 
ATOM   636 C  CG  . ARG A 1 82 ? -11.135 6.302   5.441   1.00 46.56 ? 97  ARG A CG  1 
ATOM   637 C  CD  . ARG A 1 82 ? -10.639 5.304   6.483   1.00 48.99 ? 97  ARG A CD  1 
ATOM   638 N  NE  . ARG A 1 82 ? -10.002 5.982   7.609   1.00 49.68 ? 97  ARG A NE  1 
ATOM   639 C  CZ  . ARG A 1 82 ? -9.322  5.352   8.562   1.00 49.86 ? 97  ARG A CZ  1 
ATOM   640 N  NH1 . ARG A 1 82 ? -9.195  4.028   8.504   1.00 49.32 ? 97  ARG A NH1 1 
ATOM   641 N  NH2 . ARG A 1 82 ? -8.793  6.032   9.574   1.00 47.25 ? 97  ARG A NH2 1 
ATOM   642 N  N   . LYS A 1 83 ? -9.289  6.091   2.363   1.00 44.10 ? 98  LYS A N   1 
ATOM   643 C  CA  . LYS A 1 83 ? -9.562  5.208   1.236   1.00 42.07 ? 98  LYS A CA  1 
ATOM   644 C  C   . LYS A 1 83 ? -8.429  4.206   1.040   1.00 39.15 ? 98  LYS A C   1 
ATOM   645 O  O   . LYS A 1 83 ? -8.663  3.022   0.808   1.00 38.21 ? 98  LYS A O   1 
ATOM   646 C  CB  . LYS A 1 83 ? -9.698  6.001   -0.061  1.00 45.05 ? 98  LYS A CB  1 
ATOM   647 C  CG  . LYS A 1 83 ? -10.808 7.036   -0.084  1.00 48.92 ? 98  LYS A CG  1 
ATOM   648 C  CD  . LYS A 1 83 ? -11.411 7.063   -1.474  1.00 51.61 ? 98  LYS A CD  1 
ATOM   649 C  CE  . LYS A 1 83 ? -12.621 7.977   -1.580  1.00 52.37 ? 98  LYS A CE  1 
ATOM   650 N  NZ  . LYS A 1 83 ? -13.424 7.518   -2.745  1.00 53.51 ? 98  LYS A NZ  1 
ATOM   651 N  N   . ILE A 1 84 ? -7.198  4.697   1.107   1.00 36.80 ? 99  ILE A N   1 
ATOM   652 C  CA  . ILE A 1 84 ? -6.030  3.845   0.915   1.00 36.57 ? 99  ILE A CA  1 
ATOM   653 C  C   . ILE A 1 84 ? -5.954  2.770   1.995   1.00 36.99 ? 99  ILE A C   1 
ATOM   654 O  O   . ILE A 1 84 ? -5.712  1.601   1.718   1.00 36.96 ? 99  ILE A O   1 
ATOM   655 C  CB  . ILE A 1 84 ? -4.724  4.710   0.880   1.00 33.88 ? 99  ILE A CB  1 
ATOM   656 C  CG1 . ILE A 1 84 ? -4.648  5.453   -0.462  1.00 33.12 ? 99  ILE A CG1 1 
ATOM   657 C  CG2 . ILE A 1 84 ? -3.489  3.846   1.081   1.00 31.56 ? 99  ILE A CG2 1 
ATOM   658 C  CD1 . ILE A 1 84 ? -3.554  6.501   -0.557  1.00 32.32 ? 99  ILE A CD1 1 
ATOM   659 N  N   . TYR A 1 85 ? -6.188  3.177   3.230   1.00 39.29 ? 100 TYR A N   1 
ATOM   660 C  CA  . TYR A 1 85 ? -6.147  2.260   4.350   1.00 41.42 ? 100 TYR A CA  1 
ATOM   661 C  C   . TYR A 1 85 ? -7.152  1.111   4.251   1.00 43.05 ? 100 TYR A C   1 
ATOM   662 O  O   . TYR A 1 85 ? -6.776  -0.055  4.395   1.00 40.21 ? 100 TYR A O   1 
ATOM   663 C  CB  . TYR A 1 85 ? -6.366  3.034   5.640   1.00 40.87 ? 100 TYR A CB  1 
ATOM   664 C  CG  . TYR A 1 85 ? -5.085  3.385   6.344   1.00 41.82 ? 100 TYR A CG  1 
ATOM   665 C  CD1 . TYR A 1 85 ? -4.049  4.031   5.673   1.00 43.20 ? 100 TYR A CD1 1 
ATOM   666 C  CD2 . TYR A 1 85 ? -4.911  3.079   7.694   1.00 41.65 ? 100 TYR A CD2 1 
ATOM   667 C  CE1 . TYR A 1 85 ? -2.865  4.374   6.335   1.00 44.33 ? 100 TYR A CE1 1 
ATOM   668 C  CE2 . TYR A 1 85 ? -3.740  3.412   8.362   1.00 43.10 ? 100 TYR A CE2 1 
ATOM   669 C  CZ  . TYR A 1 85 ? -2.720  4.063   7.680   1.00 43.15 ? 100 TYR A CZ  1 
ATOM   670 O  OH  . TYR A 1 85 ? -1.576  4.430   8.346   1.00 42.77 ? 100 TYR A OH  1 
ATOM   671 N  N   . THR A 1 86 ? -8.424  1.427   4.004   1.00 42.93 ? 101 THR A N   1 
ATOM   672 C  CA  . THR A 1 86 ? -9.420  0.361   3.913   1.00 44.17 ? 101 THR A CA  1 
ATOM   673 C  C   . THR A 1 86 ? -9.078  -0.550  2.728   1.00 43.56 ? 101 THR A C   1 
ATOM   674 O  O   . THR A 1 86 ? -9.329  -1.748  2.757   1.00 44.27 ? 101 THR A O   1 
ATOM   675 C  CB  . THR A 1 86 ? -10.889 0.917   3.771   1.00 42.77 ? 101 THR A CB  1 
ATOM   676 O  OG1 . THR A 1 86 ? -11.285 0.889   2.398   1.00 45.71 ? 101 THR A OG1 1 
ATOM   677 C  CG2 . THR A 1 86 ? -10.997 2.340   4.302   1.00 40.45 ? 101 THR A CG2 1 
ATOM   678 N  N   . MET A 1 87 ? -8.469  0.031   1.701   1.00 44.38 ? 102 MET A N   1 
ATOM   679 C  CA  . MET A 1 87 ? -8.081  -0.705  0.503   1.00 43.49 ? 102 MET A CA  1 
ATOM   680 C  C   . MET A 1 87 ? -6.902  -1.636  0.830   1.00 44.38 ? 102 MET A C   1 
ATOM   681 O  O   . MET A 1 87 ? -6.715  -2.672  0.183   1.00 42.98 ? 102 MET A O   1 
ATOM   682 C  CB  . MET A 1 87 ? -7.719  0.311   -0.596  1.00 43.92 ? 102 MET A CB  1 
ATOM   683 C  CG  . MET A 1 87 ? -7.888  -0.164  -2.033  1.00 45.05 ? 102 MET A CG  1 
ATOM   684 S  SD  . MET A 1 87 ? -7.877  1.141   -3.345  1.00 45.01 ? 102 MET A SD  1 
ATOM   685 C  CE  . MET A 1 87 ? -6.993  2.511   -2.567  1.00 42.93 ? 102 MET A CE  1 
ATOM   686 N  N   . ILE A 1 88 ? -6.111  -1.258  1.837   1.00 45.44 ? 103 ILE A N   1 
ATOM   687 C  CA  . ILE A 1 88 ? -4.963  -2.049  2.278   1.00 43.62 ? 103 ILE A CA  1 
ATOM   688 C  C   . ILE A 1 88 ? -5.407  -3.055  3.334   1.00 46.35 ? 103 ILE A C   1 
ATOM   689 O  O   . ILE A 1 88 ? -4.882  -4.155  3.421   1.00 46.67 ? 103 ILE A O   1 
ATOM   690 C  CB  . ILE A 1 88 ? -3.850  -1.167  2.909   1.00 43.27 ? 103 ILE A CB  1 
ATOM   691 C  CG1 . ILE A 1 88 ? -3.204  -0.270  1.847   1.00 39.65 ? 103 ILE A CG1 1 
ATOM   692 C  CG2 . ILE A 1 88 ? -2.779  -2.053  3.557   1.00 41.12 ? 103 ILE A CG2 1 
ATOM   693 C  CD1 . ILE A 1 88 ? -2.206  0.703   2.403   1.00 38.76 ? 103 ILE A CD1 1 
ATOM   694 N  N   . TYR A 1 89 ? -6.376  -2.671  4.142   1.00 48.76 ? 104 TYR A N   1 
ATOM   695 C  CA  . TYR A 1 89 ? -6.877  -3.544  5.197   1.00 52.76 ? 104 TYR A CA  1 
ATOM   696 C  C   . TYR A 1 89 ? -7.370  -4.899  4.717   1.00 55.97 ? 104 TYR A C   1 
ATOM   697 O  O   . TYR A 1 89 ? -7.142  -5.915  5.379   1.00 58.24 ? 104 TYR A O   1 
ATOM   698 C  CB  . TYR A 1 89 ? -7.978  -2.828  5.975   1.00 51.15 ? 104 TYR A CB  1 
ATOM   699 C  CG  . TYR A 1 89 ? -7.443  -1.999  7.113   1.00 50.42 ? 104 TYR A CG  1 
ATOM   700 C  CD1 . TYR A 1 89 ? -8.013  -0.766  7.442   1.00 49.08 ? 104 TYR A CD1 1 
ATOM   701 C  CD2 . TYR A 1 89 ? -6.365  -2.456  7.875   1.00 48.98 ? 104 TYR A CD2 1 
ATOM   702 C  CE1 . TYR A 1 89 ? -7.518  -0.014  8.501   1.00 49.57 ? 104 TYR A CE1 1 
ATOM   703 C  CE2 . TYR A 1 89 ? -5.874  -1.714  8.929   1.00 48.73 ? 104 TYR A CE2 1 
ATOM   704 C  CZ  . TYR A 1 89 ? -6.451  -0.497  9.236   1.00 49.00 ? 104 TYR A CZ  1 
ATOM   705 O  OH  . TYR A 1 89 ? -5.958  0.238   10.289  1.00 50.44 ? 104 TYR A OH  1 
ATOM   706 N  N   . ARG A 1 90 ? -8.006  -4.922  3.553   1.00 58.17 ? 105 ARG A N   1 
ATOM   707 C  CA  . ARG A 1 90 ? -8.544  -6.153  2.997   1.00 60.79 ? 105 ARG A CA  1 
ATOM   708 C  C   . ARG A 1 90 ? -7.531  -7.172  2.529   1.00 61.09 ? 105 ARG A C   1 
ATOM   709 O  O   . ARG A 1 90 ? -7.878  -8.296  2.181   1.00 62.97 ? 105 ARG A O   1 
ATOM   710 C  CB  . ARG A 1 90 ? -9.557  -5.783  1.889   1.00 63.29 ? 105 ARG A CB  1 
ATOM   711 C  CG  . ARG A 1 90 ? -10.643 -4.861  2.427   1.00 65.03 ? 105 ARG A CG  1 
ATOM   712 C  CD  . ARG A 1 90 ? -11.804 -4.698  1.479   1.00 68.39 ? 105 ARG A CD  1 
ATOM   713 N  NE  . ARG A 1 90 ? -11.326 -4.548  0.112   1.00 71.55 ? 105 ARG A NE  1 
ATOM   714 C  CZ  . ARG A 1 90 ? -12.041 -4.088  -0.905  1.00 72.78 ? 105 ARG A CZ  1 
ATOM   715 N  NH1 . ARG A 1 90 ? -13.294 -3.723  -0.724  1.00 73.83 ? 105 ARG A NH1 1 
ATOM   716 N  NH2 . ARG A 1 90 ? -11.483 -3.978  -2.100  1.00 73.36 ? 105 ARG A NH2 1 
ATOM   717 N  N   . ASN A 1 91 ? -6.276  -6.763  2.514   1.00 61.26 ? 106 ASN A N   1 
ATOM   718 C  CA  . ASN A 1 91 ? -5.210  -7.649  2.106   1.00 60.50 ? 106 ASN A CA  1 
ATOM   719 C  C   . ASN A 1 91 ? -4.393  -8.004  3.363   1.00 60.97 ? 106 ASN A C   1 
ATOM   720 O  O   . ASN A 1 91 ? -3.222  -8.375  3.270   1.00 61.34 ? 106 ASN A O   1 
ATOM   721 C  CB  . ASN A 1 91 ? -4.266  -6.973  1.092   1.00 60.11 ? 106 ASN A CB  1 
ATOM   722 C  CG  . ASN A 1 91 ? -4.942  -6.630  -0.219  1.00 58.37 ? 106 ASN A CG  1 
ATOM   723 O  OD1 . ASN A 1 91 ? -5.508  -5.549  -0.372  1.00 58.76 ? 106 ASN A OD1 1 
ATOM   724 N  ND2 . ASN A 1 91 ? -4.926  -7.569  -1.158  1.00 55.18 ? 106 ASN A ND2 1 
ATOM   725 N  N   . LEU A 1 92 ? -4.999  -7.862  4.540   1.00 61.64 ? 107 LEU A N   1 
ATOM   726 C  CA  . LEU A 1 92 ? -4.295  -8.205  5.756   1.00 61.95 ? 107 LEU A CA  1 
ATOM   727 C  C   . LEU A 1 92 ? -5.194  -8.469  6.949   1.00 62.08 ? 107 LEU A C   1 
ATOM   728 O  O   . LEU A 1 92 ? -6.317  -7.971  7.004   1.00 61.81 ? 107 LEU A O   1 
ATOM   729 C  CB  . LEU A 1 92 ? -3.240  -7.122  6.063   1.00 60.48 ? 107 LEU A CB  1 
ATOM   730 C  CG  . LEU A 1 92 ? -3.802  -5.804  6.580   1.00 58.49 ? 107 LEU A CG  1 
ATOM   731 C  CD1 . LEU A 1 92 ? -4.166  -6.039  8.006   1.00 58.81 ? 107 LEU A CD1 1 
ATOM   732 C  CD2 . LEU A 1 92 ? -2.821  -4.638  6.473   1.00 58.08 ? 107 LEU A CD2 1 
ATOM   733 N  N   . VAL A 1 93 ? -4.658  -9.230  7.909   1.00 62.50 ? 108 VAL A N   1 
ATOM   734 C  CA  . VAL A 1 93 ? -5.365  -9.580  9.141   1.00 62.22 ? 108 VAL A CA  1 
ATOM   735 C  C   . VAL A 1 93 ? -4.807  -8.690  10.257  1.00 62.20 ? 108 VAL A C   1 
ATOM   736 O  O   . VAL A 1 93 ? -3.592  -8.541  10.394  1.00 61.61 ? 108 VAL A O   1 
ATOM   737 C  CB  . VAL A 1 93 ? -5.103  -11.035 9.522   1.00 62.63 ? 108 VAL A CB  1 
ATOM   738 C  CG1 . VAL A 1 93 ? -6.041  -11.459 10.617  1.00 64.00 ? 108 VAL A CG1 1 
ATOM   739 C  CG2 . VAL A 1 93 ? -5.239  -11.926 8.291   1.00 64.46 ? 108 VAL A CG2 1 
ATOM   740 N  N   . VAL A 1 94 ? -5.687  -8.106  11.061  1.00 62.60 ? 109 VAL A N   1 
ATOM   741 C  CA  . VAL A 1 94 ? -5.271  -7.236  12.154  1.00 64.00 ? 109 VAL A CA  1 
ATOM   742 C  C   . VAL A 1 94 ? -4.982  -8.004  13.457  1.00 65.83 ? 109 VAL A C   1 
ATOM   743 O  O   . VAL A 1 94 ? -5.887  -8.243  14.257  1.00 66.43 ? 109 VAL A O   1 
ATOM   744 C  CB  . VAL A 1 94 ? -6.342  -6.150  12.399  1.00 63.86 ? 109 VAL A CB  1 
ATOM   745 C  CG1 . VAL A 1 94 ? -6.147  -5.499  13.764  1.00 64.61 ? 109 VAL A CG1 1 
ATOM   746 C  CG2 . VAL A 1 94 ? -6.240  -5.093  11.315  1.00 65.33 ? 109 VAL A CG2 1 
ATOM   747 N  N   . VAL A 1 95 ? -3.708  -8.362  13.661  1.00 67.26 ? 110 VAL A N   1 
ATOM   748 C  CA  . VAL A 1 95 ? -3.248  -9.110  14.848  1.00 67.64 ? 110 VAL A CA  1 
ATOM   749 C  C   . VAL A 1 95 ? -3.394  -8.311  16.143  1.00 67.58 ? 110 VAL A C   1 
ATOM   750 O  O   . VAL A 1 95 ? -2.366  -8.090  16.824  1.00 67.41 ? 110 VAL A O   1 
ATOM   751 C  CB  . VAL A 1 95 ? -1.740  -9.548  14.718  1.00 67.63 ? 110 VAL A CB  1 
ATOM   752 C  CG1 . VAL A 1 95 ? -1.639  -11.068 14.662  1.00 66.77 ? 110 VAL A CG1 1 
ATOM   753 C  CG2 . VAL A 1 95 ? -1.106  -8.924  13.480  1.00 65.55 ? 110 VAL A CG2 1 
HETATM 754 C  C1  . YIN B 2 .  ? 1.392   8.847   1.833   1.00 42.44 ? 1   YIN A C1  1 
HETATM 755 N  N1  . YIN B 2 .  ? 2.176   11.052  1.139   1.00 41.88 ? 1   YIN A N1  1 
HETATM 756 O  O1  . YIN B 2 .  ? 4.526   7.377   -1.160  1.00 43.26 ? 1   YIN A O1  1 
HETATM 757 BR BR1 . YIN B 2 .  ? -2.289  6.608   3.481   1.00 54.05 ? 1   YIN A BR1 1 
HETATM 758 C  C2  . YIN B 2 .  ? 1.571   8.171   3.120   1.00 44.40 ? 1   YIN A C2  1 
HETATM 759 N  N2  . YIN B 2 .  ? 1.846   12.966  0.282   1.00 41.88 ? 1   YIN A N2  1 
HETATM 760 BR BR2 . YIN B 2 .  ? -0.669  3.134   -1.241  1.00 39.33 ? 1   YIN A BR2 1 
HETATM 761 C  C3  . YIN B 2 .  ? 0.465   7.432   3.672   1.00 46.99 ? 1   YIN A C3  1 
HETATM 762 N  N3  . YIN B 2 .  ? 2.689   11.125  -1.288  1.00 40.35 ? 1   YIN A N3  1 
HETATM 763 C  C4  . YIN B 2 .  ? -0.708  7.452   2.866   1.00 48.11 ? 1   YIN A C4  1 
HETATM 764 N  N4  . YIN B 2 .  ? 1.767   11.778  2.157   1.00 42.79 ? 1   YIN A N4  1 
HETATM 765 C  C5  . YIN B 2 .  ? -0.929  8.076   1.624   1.00 46.04 ? 1   YIN A C5  1 
HETATM 766 C  C6  . YIN B 2 .  ? 0.161   8.805   1.088   1.00 41.83 ? 1   YIN A C6  1 
HETATM 767 C  C7  . YIN B 2 .  ? 3.419   7.495   -0.237  1.00 39.97 ? 1   YIN A C7  1 
HETATM 768 C  C8  . YIN B 2 .  ? 1.554   13.002  1.611   1.00 43.55 ? 1   YIN A C8  1 
HETATM 769 C  C9  . YIN B 2 .  ? 3.011   8.971   -0.150  1.00 39.54 ? 1   YIN A C9  1 
HETATM 770 C  C10 . YIN B 2 .  ? 2.518   9.593   1.234   1.00 40.77 ? 1   YIN A C10 1 
HETATM 771 C  C11 . YIN B 2 .  ? 2.243   11.744  -0.034  1.00 41.82 ? 1   YIN A C11 1 
HETATM 772 C  C12 . YIN B 2 .  ? 3.101   9.737   -1.280  1.00 39.04 ? 1   YIN A C12 1 
HETATM 773 C  C13 . YIN B 2 .  ? 3.394   9.852   -3.813  1.00 42.03 ? 1   YIN A C13 1 
HETATM 774 C  C14 . YIN B 2 .  ? 3.953   9.175   -4.972  1.00 43.22 ? 1   YIN A C14 1 
HETATM 775 C  C15 . YIN B 2 .  ? 4.696   7.960   -4.853  1.00 43.88 ? 1   YIN A C15 1 
HETATM 776 C  C16 . YIN B 2 .  ? 4.921   7.347   -3.561  1.00 45.81 ? 1   YIN A C16 1 
HETATM 777 C  C17 . YIN B 2 .  ? 4.374   7.991   -2.403  1.00 43.93 ? 1   YIN A C17 1 
HETATM 778 C  C18 . YIN B 2 .  ? 3.628   9.217   -2.522  1.00 41.43 ? 1   YIN A C18 1 
HETATM 779 C  C19 . YIN B 2 .  ? 2.490   5.282   0.127   1.00 34.74 ? 1   YIN A C19 1 
HETATM 780 C  C20 . YIN B 2 .  ? 2.297   6.528   -0.574  1.00 38.29 ? 1   YIN A C20 1 
HETATM 781 C  C21 . YIN B 2 .  ? 1.191   6.768   -1.499  1.00 35.78 ? 1   YIN A C21 1 
HETATM 782 C  C22 . YIN B 2 .  ? 0.243   5.714   -1.741  1.00 36.42 ? 1   YIN A C22 1 
HETATM 783 C  C23 . YIN B 2 .  ? 0.464   4.474   -1.033  1.00 35.71 ? 1   YIN A C23 1 
HETATM 784 C  C24 . YIN B 2 .  ? 1.551   4.214   -0.108  1.00 36.02 ? 1   YIN A C24 1 
HETATM 785 O  O   . HOH C 3 .  ? -5.945  12.806  4.008   1.00 33.15 ? 3   HOH A O   1 
HETATM 786 O  O   . HOH C 3 .  ? 4.814   5.191   6.349   1.00 33.72 ? 5   HOH A O   1 
HETATM 787 O  O   . HOH C 3 .  ? 8.118   -11.991 11.008  1.00 41.93 ? 7   HOH A O   1 
HETATM 788 O  O   . HOH C 3 .  ? 15.848  7.187   -12.477 1.00 43.43 ? 9   HOH A O   1 
HETATM 789 O  O   . HOH C 3 .  ? 2.158   10.926  -16.328 1.00 44.41 ? 14  HOH A O   1 
HETATM 790 O  O   . HOH C 3 .  ? -7.474  8.794   -10.625 1.00 34.11 ? 15  HOH A O   1 
HETATM 791 O  O   . HOH C 3 .  ? 5.500   -0.469  -13.400 1.00 41.56 ? 112 HOH A O   1 
HETATM 792 O  O   . HOH C 3 .  ? -1.325  14.978  3.196   1.00 41.49 ? 113 HOH A O   1 
HETATM 793 O  O   . HOH C 3 .  ? 2.054   6.197   6.148   1.00 59.27 ? 114 HOH A O   1 
HETATM 794 O  O   . HOH C 3 .  ? 7.554   5.232   0.492   1.00 35.19 ? 115 HOH A O   1 
HETATM 795 O  O   . HOH C 3 .  ? -4.082  -5.791  -12.839 1.00 54.44 ? 116 HOH A O   1 
HETATM 796 O  O   . HOH C 3 .  ? 6.605   -13.488 -2.301  1.00 43.66 ? 117 HOH A O   1 
HETATM 797 O  O   . HOH C 3 .  ? 5.784   8.407   -13.601 1.00 45.28 ? 118 HOH A O   1 
HETATM 798 O  O   . HOH C 3 .  ? -3.115  15.436  4.600   1.00 61.68 ? 119 HOH A O   1 
HETATM 799 O  O   . HOH C 3 .  ? -10.652 5.079   -6.587  1.00 43.88 ? 120 HOH A O   1 
HETATM 800 O  O   . HOH C 3 .  ? -11.790 -0.367  -0.556  1.00 46.50 ? 121 HOH A O   1 
HETATM 801 O  O   . HOH C 3 .  ? -3.367  13.716  11.178  1.00 58.49 ? 122 HOH A O   1 
HETATM 802 O  O   . HOH C 3 .  ? 8.853   -5.964  10.210  1.00 81.90 ? 123 HOH A O   1 
HETATM 803 O  O   . HOH C 3 .  ? 12.772  -9.078  -3.667  1.00 63.80 ? 124 HOH A O   1 
HETATM 804 O  O   . HOH C 3 .  ? 17.602  4.529   1.155   1.00 73.19 ? 125 HOH A O   1 
HETATM 805 O  O   . HOH C 3 .  ? -10.431 8.907   2.034   1.00 36.34 ? 126 HOH A O   1 
HETATM 806 O  O   . HOH C 3 .  ? -5.561  -15.400 2.874   1.00 61.75 ? 127 HOH A O   1 
HETATM 807 O  O   . HOH C 3 .  ? -15.655 14.285  -5.318  1.00 75.81 ? 128 HOH A O   1 
HETATM 808 O  O   . HOH C 3 .  ? 4.843   16.414  -6.536  1.00 48.65 ? 129 HOH A O   1 
HETATM 809 O  O   . HOH C 3 .  ? 1.633   8.095   -17.111 1.00 56.58 ? 130 HOH A O   1 
HETATM 810 O  O   . HOH C 3 .  ? -9.500  9.424   10.799  1.00 68.20 ? 131 HOH A O   1 
HETATM 811 O  O   . HOH C 3 .  ? 4.310   -3.395  -17.447 1.00 67.05 ? 132 HOH A O   1 
HETATM 812 O  O   . HOH C 3 .  ? 14.404  -0.898  -7.204  1.00 53.88 ? 133 HOH A O   1 
HETATM 813 O  O   . HOH C 3 .  ? -1.768  17.640  15.367  1.00 57.52 ? 134 HOH A O   1 
HETATM 814 O  O   . HOH C 3 .  ? 9.037   -1.453  18.768  1.00 63.69 ? 135 HOH A O   1 
HETATM 815 O  O   . HOH C 3 .  ? -9.944  7.589   -6.504  1.00 63.46 ? 136 HOH A O   1 
HETATM 816 O  O   . HOH C 3 .  ? -6.665  -11.316 15.405  1.00 57.19 ? 137 HOH A O   1 
HETATM 817 O  O   . HOH C 3 .  ? -3.884  -13.715 -1.371  1.00 59.99 ? 138 HOH A O   1 
HETATM 818 O  O   . HOH C 3 .  ? 8.686   -15.932 1.541   1.00 72.05 ? 139 HOH A O   1 
HETATM 819 O  O   . HOH C 3 .  ? 10.055  -8.756  -8.132  1.00 55.82 ? 140 HOH A O   1 
HETATM 820 O  O   . HOH C 3 .  ? 9.370   6.653   18.490  1.00 56.50 ? 141 HOH A O   1 
HETATM 821 O  O   . HOH C 3 .  ? 12.924  -4.112  -7.629  1.00 73.17 ? 142 HOH A O   1 
HETATM 822 O  O   . HOH C 3 .  ? -6.410  -4.903  -14.980 1.00 49.83 ? 143 HOH A O   1 
HETATM 823 O  O   . HOH C 3 .  ? 1.201   -3.154  -19.812 1.00 49.83 ? 144 HOH A O   1 
HETATM 824 O  O   . HOH C 3 .  ? 7.138   -5.686  -8.368  1.00 53.74 ? 145 HOH A O   1 
HETATM 825 O  O   . HOH C 3 .  ? -4.681  -12.002 -10.591 1.00 91.52 ? 146 HOH A O   1 
HETATM 826 O  O   . HOH C 3 .  ? 4.151   -4.272  18.007  1.00 58.77 ? 147 HOH A O   1 
HETATM 827 O  O   . HOH C 3 .  ? 17.799  1.151   -1.953  1.00 72.12 ? 148 HOH A O   1 
HETATM 828 O  O   . HOH C 3 .  ? 9.998   -13.342 -11.660 1.00 52.48 ? 149 HOH A O   1 
HETATM 829 O  O   . HOH C 3 .  ? -3.552  22.650  -9.948  1.00 56.14 ? 150 HOH A O   1 
# 
loop_
_pdbx_poly_seq_scheme.asym_id 
_pdbx_poly_seq_scheme.entity_id 
_pdbx_poly_seq_scheme.seq_id 
_pdbx_poly_seq_scheme.mon_id 
_pdbx_poly_seq_scheme.ndb_seq_num 
_pdbx_poly_seq_scheme.pdb_seq_num 
_pdbx_poly_seq_scheme.auth_seq_num 
_pdbx_poly_seq_scheme.pdb_mon_id 
_pdbx_poly_seq_scheme.auth_mon_id 
_pdbx_poly_seq_scheme.pdb_strand_id 
_pdbx_poly_seq_scheme.pdb_ins_code 
_pdbx_poly_seq_scheme.hetero 
A 1 1  GLY 1  16  ?   ?   ?   A . n 
A 1 2  SER 2  17  ?   ?   ?   A . n 
A 1 3  GLN 3  18  18  GLN ALA A . n 
A 1 4  ILE 4  19  19  ILE ILE A . n 
A 1 5  PRO 5  20  20  PRO PRO A . n 
A 1 6  ALA 6  21  21  ALA ALA A . n 
A 1 7  SER 7  22  22  SER SER A . n 
A 1 8  GLU 8  23  23  GLU GLU A . n 
A 1 9  GLN 9  24  24  GLN GLN A . n 
A 1 10 GLU 10 25  25  GLU GLU A . n 
A 1 11 THR 11 26  26  THR THR A . n 
A 1 12 LEU 12 27  27  LEU LEU A . n 
A 1 13 VAL 13 28  28  VAL VAL A . n 
A 1 14 ARG 14 29  29  ARG ARG A . n 
A 1 15 PRO 15 30  30  PRO PRO A . n 
A 1 16 LYS 16 31  31  LYS LYS A . n 
A 1 17 PRO 17 32  32  PRO PRO A . n 
A 1 18 LEU 18 33  33  LEU LEU A . n 
A 1 19 LEU 19 34  34  LEU LEU A . n 
A 1 20 LEU 20 35  35  LEU LEU A . n 
A 1 21 LYS 21 36  36  LYS LYS A . n 
A 1 22 LEU 22 37  37  LEU LEU A . n 
A 1 23 LEU 23 38  38  LEU LEU A . n 
A 1 24 LYS 24 39  39  LYS LYS A . n 
A 1 25 SER 25 40  40  SER SER A . n 
A 1 26 VAL 26 41  41  VAL VAL A . n 
A 1 27 GLY 27 42  42  GLY GLY A . n 
A 1 28 ALA 28 43  43  ALA ALA A . n 
A 1 29 GLN 29 44  44  GLN ALA A . n 
A 1 30 LYS 30 45  45  LYS ALA A . n 
A 1 31 ASP 31 46  46  ASP ASP A . n 
A 1 32 THR 32 47  47  THR THR A . n 
A 1 33 TYR 33 48  48  TYR TYR A . n 
A 1 34 THR 34 49  49  THR THR A . n 
A 1 35 MET 35 50  50  MET MET A . n 
A 1 36 LYS 36 51  51  LYS LYS A . n 
A 1 37 GLU 37 52  52  GLU GLU A . n 
A 1 38 VAL 38 53  53  VAL VAL A . n 
A 1 39 LEU 39 54  54  LEU LEU A . n 
A 1 40 PHE 40 55  55  PHE PHE A . n 
A 1 41 TYR 41 56  56  TYR TYR A . n 
A 1 42 LEU 42 57  57  LEU LEU A . n 
A 1 43 GLY 43 58  58  GLY GLY A . n 
A 1 44 GLN 44 59  59  GLN GLN A . n 
A 1 45 TYR 45 60  60  TYR TYR A . n 
A 1 46 ILE 46 61  61  ILE ILE A . n 
A 1 47 MET 47 62  62  MET MET A . n 
A 1 48 THR 48 63  63  THR THR A . n 
A 1 49 LYS 49 64  64  LYS LYS A . n 
A 1 50 ARG 50 65  65  ARG ARG A . n 
A 1 51 LEU 51 66  66  LEU LEU A . n 
A 1 52 TYR 52 67  67  TYR TYR A . n 
A 1 53 ASP 53 68  68  ASP ASP A . n 
A 1 54 GLU 54 69  69  GLU GLU A . n 
A 1 55 LYS 55 70  70  LYS LYS A . n 
A 1 56 GLN 56 71  71  GLN GLN A . n 
A 1 57 GLN 57 72  72  GLN GLN A . n 
A 1 58 HIS 58 73  73  HIS HIS A . n 
A 1 59 ILE 59 74  74  ILE ILE A . n 
A 1 60 VAL 60 75  75  VAL VAL A . n 
A 1 61 TYR 61 76  76  TYR TYR A . n 
A 1 62 CYS 62 77  77  CYS CYS A . n 
A 1 63 SER 63 78  78  SER SER A . n 
A 1 64 ASN 64 79  79  ASN ASN A . n 
A 1 65 ASP 65 80  80  ASP ASP A . n 
A 1 66 LEU 66 81  81  LEU LEU A . n 
A 1 67 LEU 67 82  82  LEU LEU A . n 
A 1 68 GLY 68 83  83  GLY GLY A . n 
A 1 69 ASP 69 84  84  ASP ASP A . n 
A 1 70 LEU 70 85  85  LEU LEU A . n 
A 1 71 PHE 71 86  86  PHE PHE A . n 
A 1 72 GLY 72 87  87  GLY GLY A . n 
A 1 73 VAL 73 88  88  VAL VAL A . n 
A 1 74 PRO 74 89  89  PRO PRO A . n 
A 1 75 SER 75 90  90  SER SER A . n 
A 1 76 PHE 76 91  91  PHE PHE A . n 
A 1 77 SER 77 92  92  SER SER A . n 
A 1 78 VAL 78 93  93  VAL VAL A . n 
A 1 79 LYS 79 94  94  LYS LYS A . n 
A 1 80 GLU 80 95  95  GLU GLU A . n 
A 1 81 HIS 81 96  96  HIS HIS A . n 
A 1 82 ARG 82 97  97  ARG ARG A . n 
A 1 83 LYS 83 98  98  LYS LYS A . n 
A 1 84 ILE 84 99  99  ILE ILE A . n 
A 1 85 TYR 85 100 100 TYR TYR A . n 
A 1 86 THR 86 101 101 THR THR A . n 
A 1 87 MET 87 102 102 MET MET A . n 
A 1 88 ILE 88 103 103 ILE ILE A . n 
A 1 89 TYR 89 104 104 TYR TYR A . n 
A 1 90 ARG 90 105 105 ARG ARG A . n 
A 1 91 ASN 91 106 106 ASN ASN A . n 
A 1 92 LEU 92 107 107 LEU LEU A . n 
A 1 93 VAL 93 108 108 VAL VAL A . n 
A 1 94 VAL 94 109 109 VAL VAL A . n 
A 1 95 VAL 95 110 110 VAL VAL A . n 
A 1 96 ASN 96 111 ?   ?   ?   A . n 
# 
loop_
_pdbx_nonpoly_scheme.asym_id 
_pdbx_nonpoly_scheme.entity_id 
_pdbx_nonpoly_scheme.mon_id 
_pdbx_nonpoly_scheme.ndb_seq_num 
_pdbx_nonpoly_scheme.pdb_seq_num 
_pdbx_nonpoly_scheme.auth_seq_num 
_pdbx_nonpoly_scheme.pdb_mon_id 
_pdbx_nonpoly_scheme.auth_mon_id 
_pdbx_nonpoly_scheme.pdb_strand_id 
_pdbx_nonpoly_scheme.pdb_ins_code 
B 2 YIN 1  1   1   YIN INH A . 
C 3 HOH 1  3   3   HOH HOH A . 
C 3 HOH 2  5   5   HOH HOH A . 
C 3 HOH 3  7   7   HOH HOH A . 
C 3 HOH 4  9   9   HOH HOH A . 
C 3 HOH 5  14  14  HOH HOH A . 
C 3 HOH 6  15  15  HOH HOH A . 
C 3 HOH 7  112 25  HOH HOH A . 
C 3 HOH 8  113 29  HOH HOH A . 
C 3 HOH 9  114 30  HOH HOH A . 
C 3 HOH 10 115 31  HOH HOH A . 
C 3 HOH 11 116 37  HOH HOH A . 
C 3 HOH 12 117 38  HOH HOH A . 
C 3 HOH 13 118 39  HOH HOH A . 
C 3 HOH 14 119 40  HOH HOH A . 
C 3 HOH 15 120 41  HOH HOH A . 
C 3 HOH 16 121 44  HOH HOH A . 
C 3 HOH 17 122 45  HOH HOH A . 
C 3 HOH 18 123 48  HOH HOH A . 
C 3 HOH 19 124 49  HOH HOH A . 
C 3 HOH 20 125 50  HOH HOH A . 
C 3 HOH 21 126 51  HOH HOH A . 
C 3 HOH 22 127 52  HOH HOH A . 
C 3 HOH 23 128 53  HOH HOH A . 
C 3 HOH 24 129 55  HOH HOH A . 
C 3 HOH 25 130 57  HOH HOH A . 
C 3 HOH 26 131 58  HOH HOH A . 
C 3 HOH 27 132 60  HOH HOH A . 
C 3 HOH 28 133 61  HOH HOH A . 
C 3 HOH 29 134 65  HOH HOH A . 
C 3 HOH 30 135 77  HOH HOH A . 
C 3 HOH 31 136 80  HOH HOH A . 
C 3 HOH 32 137 82  HOH HOH A . 
C 3 HOH 33 138 83  HOH HOH A . 
C 3 HOH 34 139 86  HOH HOH A . 
C 3 HOH 35 140 87  HOH HOH A . 
C 3 HOH 36 141 90  HOH HOH A . 
C 3 HOH 37 142 91  HOH HOH A . 
C 3 HOH 38 143 92  HOH HOH A . 
C 3 HOH 39 144 93  HOH HOH A . 
C 3 HOH 40 145 98  HOH HOH A . 
C 3 HOH 41 146 101 HOH HOH A . 
C 3 HOH 42 147 104 HOH HOH A . 
C 3 HOH 43 148 106 HOH HOH A . 
C 3 HOH 44 149 107 HOH HOH A . 
C 3 HOH 45 150 108 HOH HOH A . 
# 
_pdbx_struct_assembly.id                   1 
_pdbx_struct_assembly.details              author_and_software_defined_assembly 
_pdbx_struct_assembly.method_details       PISA 
_pdbx_struct_assembly.oligomeric_details   monomeric 
_pdbx_struct_assembly.oligomeric_count     1 
# 
_pdbx_struct_assembly_gen.assembly_id       1 
_pdbx_struct_assembly_gen.oper_expression   1 
_pdbx_struct_assembly_gen.asym_id_list      A,B,C 
# 
_pdbx_struct_oper_list.id                   1 
_pdbx_struct_oper_list.type                 'identity operation' 
_pdbx_struct_oper_list.name                 1_555 
_pdbx_struct_oper_list.symmetry_operation   x,y,z 
_pdbx_struct_oper_list.matrix[1][1]         1.0000000000 
_pdbx_struct_oper_list.matrix[1][2]         0.0000000000 
_pdbx_struct_oper_list.matrix[1][3]         0.0000000000 
_pdbx_struct_oper_list.vector[1]            0.0000000000 
_pdbx_struct_oper_list.matrix[2][1]         0.0000000000 
_pdbx_struct_oper_list.matrix[2][2]         1.0000000000 
_pdbx_struct_oper_list.matrix[2][3]         0.0000000000 
_pdbx_struct_oper_list.vector[2]            0.0000000000 
_pdbx_struct_oper_list.matrix[3][1]         0.0000000000 
_pdbx_struct_oper_list.matrix[3][2]         0.0000000000 
_pdbx_struct_oper_list.matrix[3][3]         1.0000000000 
_pdbx_struct_oper_list.vector[3]            0.0000000000 
# 
loop_
_pdbx_audit_revision_history.ordinal 
_pdbx_audit_revision_history.data_content_type 
_pdbx_audit_revision_history.major_revision 
_pdbx_audit_revision_history.minor_revision 
_pdbx_audit_revision_history.revision_date 
1 'Structure model' 1 0 2009-11-17 
2 'Structure model' 1 1 2011-07-13 
3 'Structure model' 1 2 2023-09-06 
# 
_pdbx_audit_revision_details.ordinal             1 
_pdbx_audit_revision_details.revision_ordinal    1 
_pdbx_audit_revision_details.data_content_type   'Structure model' 
_pdbx_audit_revision_details.provider            repository 
_pdbx_audit_revision_details.type                'Initial release' 
_pdbx_audit_revision_details.description         ? 
_pdbx_audit_revision_details.details             ? 
# 
loop_
_pdbx_audit_revision_group.ordinal 
_pdbx_audit_revision_group.revision_ordinal 
_pdbx_audit_revision_group.data_content_type 
_pdbx_audit_revision_group.group 
1 2 'Structure model' 'Version format compliance' 
2 3 'Structure model' 'Data collection'           
3 3 'Structure model' 'Database references'       
4 3 'Structure model' 'Derived calculations'      
5 3 'Structure model' 'Refinement description'    
# 
loop_
_pdbx_audit_revision_category.ordinal 
_pdbx_audit_revision_category.revision_ordinal 
_pdbx_audit_revision_category.data_content_type 
_pdbx_audit_revision_category.category 
1 3 'Structure model' chem_comp_atom                
2 3 'Structure model' chem_comp_bond                
3 3 'Structure model' database_2                    
4 3 'Structure model' pdbx_initial_refinement_model 
5 3 'Structure model' struct_site                   
# 
loop_
_pdbx_audit_revision_item.ordinal 
_pdbx_audit_revision_item.revision_ordinal 
_pdbx_audit_revision_item.data_content_type 
_pdbx_audit_revision_item.item 
1 3 'Structure model' '_database_2.pdbx_DOI'                
2 3 'Structure model' '_database_2.pdbx_database_accession' 
3 3 'Structure model' '_struct_site.pdbx_auth_asym_id'      
4 3 'Structure model' '_struct_site.pdbx_auth_comp_id'      
5 3 'Structure model' '_struct_site.pdbx_auth_seq_id'       
# 
loop_
_software.name 
_software.classification 
_software.version 
_software.citation_id 
_software.pdbx_ordinal 
CrystalClear 'data collection' . ? 1 
AMoRE        phasing           . ? 2 
CNS          refinement        . ? 3 
DENZO        'data reduction'  . ? 4 
SCALEPACK    'data scaling'    . ? 5 
# 
loop_
_pdbx_validate_rmsd_angle.id 
_pdbx_validate_rmsd_angle.PDB_model_num 
_pdbx_validate_rmsd_angle.auth_atom_id_1 
_pdbx_validate_rmsd_angle.auth_asym_id_1 
_pdbx_validate_rmsd_angle.auth_comp_id_1 
_pdbx_validate_rmsd_angle.auth_seq_id_1 
_pdbx_validate_rmsd_angle.PDB_ins_code_1 
_pdbx_validate_rmsd_angle.label_alt_id_1 
_pdbx_validate_rmsd_angle.auth_atom_id_2 
_pdbx_validate_rmsd_angle.auth_asym_id_2 
_pdbx_validate_rmsd_angle.auth_comp_id_2 
_pdbx_validate_rmsd_angle.auth_seq_id_2 
_pdbx_validate_rmsd_angle.PDB_ins_code_2 
_pdbx_validate_rmsd_angle.label_alt_id_2 
_pdbx_validate_rmsd_angle.auth_atom_id_3 
_pdbx_validate_rmsd_angle.auth_asym_id_3 
_pdbx_validate_rmsd_angle.auth_comp_id_3 
_pdbx_validate_rmsd_angle.auth_seq_id_3 
_pdbx_validate_rmsd_angle.PDB_ins_code_3 
_pdbx_validate_rmsd_angle.label_alt_id_3 
_pdbx_validate_rmsd_angle.angle_value 
_pdbx_validate_rmsd_angle.angle_target_value 
_pdbx_validate_rmsd_angle.angle_deviation 
_pdbx_validate_rmsd_angle.angle_standard_deviation 
_pdbx_validate_rmsd_angle.linker_flag 
1 1 C A ARG 29 ? ? N A PRO 30 ? ? CA A PRO 30 ? ? 134.10 119.30 14.80 1.50 Y 
2 1 C A LYS 31 ? ? N A PRO 32 ? ? CA A PRO 32 ? ? 130.21 119.30 10.91 1.50 Y 
# 
loop_
_pdbx_validate_torsion.id 
_pdbx_validate_torsion.PDB_model_num 
_pdbx_validate_torsion.auth_comp_id 
_pdbx_validate_torsion.auth_asym_id 
_pdbx_validate_torsion.auth_seq_id 
_pdbx_validate_torsion.PDB_ins_code 
_pdbx_validate_torsion.label_alt_id 
_pdbx_validate_torsion.phi 
_pdbx_validate_torsion.psi 
1 1 PRO A 32 ? ? -7.08   -44.70 
2 1 GLN A 44 ? ? -160.00 17.91  
3 1 GLN A 72 ? ? -50.42  5.50   
4 1 CYS A 77 ? ? -143.96 17.94  
# 
loop_
_pdbx_unobs_or_zero_occ_atoms.id 
_pdbx_unobs_or_zero_occ_atoms.PDB_model_num 
_pdbx_unobs_or_zero_occ_atoms.polymer_flag 
_pdbx_unobs_or_zero_occ_atoms.occupancy_flag 
_pdbx_unobs_or_zero_occ_atoms.auth_asym_id 
_pdbx_unobs_or_zero_occ_atoms.auth_comp_id 
_pdbx_unobs_or_zero_occ_atoms.auth_seq_id 
_pdbx_unobs_or_zero_occ_atoms.PDB_ins_code 
_pdbx_unobs_or_zero_occ_atoms.auth_atom_id 
_pdbx_unobs_or_zero_occ_atoms.label_alt_id 
_pdbx_unobs_or_zero_occ_atoms.label_asym_id 
_pdbx_unobs_or_zero_occ_atoms.label_comp_id 
_pdbx_unobs_or_zero_occ_atoms.label_seq_id 
_pdbx_unobs_or_zero_occ_atoms.label_atom_id 
1  1 Y 1 A GLN 18 ? CG  ? A GLN 3  CG  
2  1 Y 1 A GLN 18 ? CD  ? A GLN 3  CD  
3  1 Y 1 A GLN 18 ? OE1 ? A GLN 3  OE1 
4  1 Y 1 A GLN 18 ? NE2 ? A GLN 3  NE2 
5  1 Y 1 A GLN 44 ? CG  ? A GLN 29 CG  
6  1 Y 1 A GLN 44 ? CD  ? A GLN 29 CD  
7  1 Y 1 A GLN 44 ? OE1 ? A GLN 29 OE1 
8  1 Y 1 A GLN 44 ? NE2 ? A GLN 29 NE2 
9  1 Y 1 A LYS 45 ? CG  ? A LYS 30 CG  
10 1 Y 1 A LYS 45 ? CD  ? A LYS 30 CD  
11 1 Y 1 A LYS 45 ? CE  ? A LYS 30 CE  
12 1 Y 1 A LYS 45 ? NZ  ? A LYS 30 NZ  
# 
loop_
_pdbx_unobs_or_zero_occ_residues.id 
_pdbx_unobs_or_zero_occ_residues.PDB_model_num 
_pdbx_unobs_or_zero_occ_residues.polymer_flag 
_pdbx_unobs_or_zero_occ_residues.occupancy_flag 
_pdbx_unobs_or_zero_occ_residues.auth_asym_id 
_pdbx_unobs_or_zero_occ_residues.auth_comp_id 
_pdbx_unobs_or_zero_occ_residues.auth_seq_id 
_pdbx_unobs_or_zero_occ_residues.PDB_ins_code 
_pdbx_unobs_or_zero_occ_residues.label_asym_id 
_pdbx_unobs_or_zero_occ_residues.label_comp_id 
_pdbx_unobs_or_zero_occ_residues.label_seq_id 
1 1 Y 1 A GLY 16  ? A GLY 1  
2 1 Y 1 A SER 17  ? A SER 2  
3 1 Y 1 A ASN 111 ? A ASN 96 
# 
loop_
_chem_comp_atom.comp_id 
_chem_comp_atom.atom_id 
_chem_comp_atom.type_symbol 
_chem_comp_atom.pdbx_aromatic_flag 
_chem_comp_atom.pdbx_stereo_config 
_chem_comp_atom.pdbx_ordinal 
ALA N    N  N N 1   
ALA CA   C  N S 2   
ALA C    C  N N 3   
ALA O    O  N N 4   
ALA CB   C  N N 5   
ALA OXT  O  N N 6   
ALA H    H  N N 7   
ALA H2   H  N N 8   
ALA HA   H  N N 9   
ALA HB1  H  N N 10  
ALA HB2  H  N N 11  
ALA HB3  H  N N 12  
ALA HXT  H  N N 13  
ARG N    N  N N 14  
ARG CA   C  N S 15  
ARG C    C  N N 16  
ARG O    O  N N 17  
ARG CB   C  N N 18  
ARG CG   C  N N 19  
ARG CD   C  N N 20  
ARG NE   N  N N 21  
ARG CZ   C  N N 22  
ARG NH1  N  N N 23  
ARG NH2  N  N N 24  
ARG OXT  O  N N 25  
ARG H    H  N N 26  
ARG H2   H  N N 27  
ARG HA   H  N N 28  
ARG HB2  H  N N 29  
ARG HB3  H  N N 30  
ARG HG2  H  N N 31  
ARG HG3  H  N N 32  
ARG HD2  H  N N 33  
ARG HD3  H  N N 34  
ARG HE   H  N N 35  
ARG HH11 H  N N 36  
ARG HH12 H  N N 37  
ARG HH21 H  N N 38  
ARG HH22 H  N N 39  
ARG HXT  H  N N 40  
ASN N    N  N N 41  
ASN CA   C  N S 42  
ASN C    C  N N 43  
ASN O    O  N N 44  
ASN CB   C  N N 45  
ASN CG   C  N N 46  
ASN OD1  O  N N 47  
ASN ND2  N  N N 48  
ASN OXT  O  N N 49  
ASN H    H  N N 50  
ASN H2   H  N N 51  
ASN HA   H  N N 52  
ASN HB2  H  N N 53  
ASN HB3  H  N N 54  
ASN HD21 H  N N 55  
ASN HD22 H  N N 56  
ASN HXT  H  N N 57  
ASP N    N  N N 58  
ASP CA   C  N S 59  
ASP C    C  N N 60  
ASP O    O  N N 61  
ASP CB   C  N N 62  
ASP CG   C  N N 63  
ASP OD1  O  N N 64  
ASP OD2  O  N N 65  
ASP OXT  O  N N 66  
ASP H    H  N N 67  
ASP H2   H  N N 68  
ASP HA   H  N N 69  
ASP HB2  H  N N 70  
ASP HB3  H  N N 71  
ASP HD2  H  N N 72  
ASP HXT  H  N N 73  
CYS N    N  N N 74  
CYS CA   C  N R 75  
CYS C    C  N N 76  
CYS O    O  N N 77  
CYS CB   C  N N 78  
CYS SG   S  N N 79  
CYS OXT  O  N N 80  
CYS H    H  N N 81  
CYS H2   H  N N 82  
CYS HA   H  N N 83  
CYS HB2  H  N N 84  
CYS HB3  H  N N 85  
CYS HG   H  N N 86  
CYS HXT  H  N N 87  
GLN N    N  N N 88  
GLN CA   C  N S 89  
GLN C    C  N N 90  
GLN O    O  N N 91  
GLN CB   C  N N 92  
GLN CG   C  N N 93  
GLN CD   C  N N 94  
GLN OE1  O  N N 95  
GLN NE2  N  N N 96  
GLN OXT  O  N N 97  
GLN H    H  N N 98  
GLN H2   H  N N 99  
GLN HA   H  N N 100 
GLN HB2  H  N N 101 
GLN HB3  H  N N 102 
GLN HG2  H  N N 103 
GLN HG3  H  N N 104 
GLN HE21 H  N N 105 
GLN HE22 H  N N 106 
GLN HXT  H  N N 107 
GLU N    N  N N 108 
GLU CA   C  N S 109 
GLU C    C  N N 110 
GLU O    O  N N 111 
GLU CB   C  N N 112 
GLU CG   C  N N 113 
GLU CD   C  N N 114 
GLU OE1  O  N N 115 
GLU OE2  O  N N 116 
GLU OXT  O  N N 117 
GLU H    H  N N 118 
GLU H2   H  N N 119 
GLU HA   H  N N 120 
GLU HB2  H  N N 121 
GLU HB3  H  N N 122 
GLU HG2  H  N N 123 
GLU HG3  H  N N 124 
GLU HE2  H  N N 125 
GLU HXT  H  N N 126 
GLY N    N  N N 127 
GLY CA   C  N N 128 
GLY C    C  N N 129 
GLY O    O  N N 130 
GLY OXT  O  N N 131 
GLY H    H  N N 132 
GLY H2   H  N N 133 
GLY HA2  H  N N 134 
GLY HA3  H  N N 135 
GLY HXT  H  N N 136 
HIS N    N  N N 137 
HIS CA   C  N S 138 
HIS C    C  N N 139 
HIS O    O  N N 140 
HIS CB   C  N N 141 
HIS CG   C  Y N 142 
HIS ND1  N  Y N 143 
HIS CD2  C  Y N 144 
HIS CE1  C  Y N 145 
HIS NE2  N  Y N 146 
HIS OXT  O  N N 147 
HIS H    H  N N 148 
HIS H2   H  N N 149 
HIS HA   H  N N 150 
HIS HB2  H  N N 151 
HIS HB3  H  N N 152 
HIS HD1  H  N N 153 
HIS HD2  H  N N 154 
HIS HE1  H  N N 155 
HIS HE2  H  N N 156 
HIS HXT  H  N N 157 
HOH O    O  N N 158 
HOH H1   H  N N 159 
HOH H2   H  N N 160 
ILE N    N  N N 161 
ILE CA   C  N S 162 
ILE C    C  N N 163 
ILE O    O  N N 164 
ILE CB   C  N S 165 
ILE CG1  C  N N 166 
ILE CG2  C  N N 167 
ILE CD1  C  N N 168 
ILE OXT  O  N N 169 
ILE H    H  N N 170 
ILE H2   H  N N 171 
ILE HA   H  N N 172 
ILE HB   H  N N 173 
ILE HG12 H  N N 174 
ILE HG13 H  N N 175 
ILE HG21 H  N N 176 
ILE HG22 H  N N 177 
ILE HG23 H  N N 178 
ILE HD11 H  N N 179 
ILE HD12 H  N N 180 
ILE HD13 H  N N 181 
ILE HXT  H  N N 182 
LEU N    N  N N 183 
LEU CA   C  N S 184 
LEU C    C  N N 185 
LEU O    O  N N 186 
LEU CB   C  N N 187 
LEU CG   C  N N 188 
LEU CD1  C  N N 189 
LEU CD2  C  N N 190 
LEU OXT  O  N N 191 
LEU H    H  N N 192 
LEU H2   H  N N 193 
LEU HA   H  N N 194 
LEU HB2  H  N N 195 
LEU HB3  H  N N 196 
LEU HG   H  N N 197 
LEU HD11 H  N N 198 
LEU HD12 H  N N 199 
LEU HD13 H  N N 200 
LEU HD21 H  N N 201 
LEU HD22 H  N N 202 
LEU HD23 H  N N 203 
LEU HXT  H  N N 204 
LYS N    N  N N 205 
LYS CA   C  N S 206 
LYS C    C  N N 207 
LYS O    O  N N 208 
LYS CB   C  N N 209 
LYS CG   C  N N 210 
LYS CD   C  N N 211 
LYS CE   C  N N 212 
LYS NZ   N  N N 213 
LYS OXT  O  N N 214 
LYS H    H  N N 215 
LYS H2   H  N N 216 
LYS HA   H  N N 217 
LYS HB2  H  N N 218 
LYS HB3  H  N N 219 
LYS HG2  H  N N 220 
LYS HG3  H  N N 221 
LYS HD2  H  N N 222 
LYS HD3  H  N N 223 
LYS HE2  H  N N 224 
LYS HE3  H  N N 225 
LYS HZ1  H  N N 226 
LYS HZ2  H  N N 227 
LYS HZ3  H  N N 228 
LYS HXT  H  N N 229 
MET N    N  N N 230 
MET CA   C  N S 231 
MET C    C  N N 232 
MET O    O  N N 233 
MET CB   C  N N 234 
MET CG   C  N N 235 
MET SD   S  N N 236 
MET CE   C  N N 237 
MET OXT  O  N N 238 
MET H    H  N N 239 
MET H2   H  N N 240 
MET HA   H  N N 241 
MET HB2  H  N N 242 
MET HB3  H  N N 243 
MET HG2  H  N N 244 
MET HG3  H  N N 245 
MET HE1  H  N N 246 
MET HE2  H  N N 247 
MET HE3  H  N N 248 
MET HXT  H  N N 249 
PHE N    N  N N 250 
PHE CA   C  N S 251 
PHE C    C  N N 252 
PHE O    O  N N 253 
PHE CB   C  N N 254 
PHE CG   C  Y N 255 
PHE CD1  C  Y N 256 
PHE CD2  C  Y N 257 
PHE CE1  C  Y N 258 
PHE CE2  C  Y N 259 
PHE CZ   C  Y N 260 
PHE OXT  O  N N 261 
PHE H    H  N N 262 
PHE H2   H  N N 263 
PHE HA   H  N N 264 
PHE HB2  H  N N 265 
PHE HB3  H  N N 266 
PHE HD1  H  N N 267 
PHE HD2  H  N N 268 
PHE HE1  H  N N 269 
PHE HE2  H  N N 270 
PHE HZ   H  N N 271 
PHE HXT  H  N N 272 
PRO N    N  N N 273 
PRO CA   C  N S 274 
PRO C    C  N N 275 
PRO O    O  N N 276 
PRO CB   C  N N 277 
PRO CG   C  N N 278 
PRO CD   C  N N 279 
PRO OXT  O  N N 280 
PRO H    H  N N 281 
PRO HA   H  N N 282 
PRO HB2  H  N N 283 
PRO HB3  H  N N 284 
PRO HG2  H  N N 285 
PRO HG3  H  N N 286 
PRO HD2  H  N N 287 
PRO HD3  H  N N 288 
PRO HXT  H  N N 289 
SER N    N  N N 290 
SER CA   C  N S 291 
SER C    C  N N 292 
SER O    O  N N 293 
SER CB   C  N N 294 
SER OG   O  N N 295 
SER OXT  O  N N 296 
SER H    H  N N 297 
SER H2   H  N N 298 
SER HA   H  N N 299 
SER HB2  H  N N 300 
SER HB3  H  N N 301 
SER HG   H  N N 302 
SER HXT  H  N N 303 
THR N    N  N N 304 
THR CA   C  N S 305 
THR C    C  N N 306 
THR O    O  N N 307 
THR CB   C  N R 308 
THR OG1  O  N N 309 
THR CG2  C  N N 310 
THR OXT  O  N N 311 
THR H    H  N N 312 
THR H2   H  N N 313 
THR HA   H  N N 314 
THR HB   H  N N 315 
THR HG1  H  N N 316 
THR HG21 H  N N 317 
THR HG22 H  N N 318 
THR HG23 H  N N 319 
THR HXT  H  N N 320 
TYR N    N  N N 321 
TYR CA   C  N S 322 
TYR C    C  N N 323 
TYR O    O  N N 324 
TYR CB   C  N N 325 
TYR CG   C  Y N 326 
TYR CD1  C  Y N 327 
TYR CD2  C  Y N 328 
TYR CE1  C  Y N 329 
TYR CE2  C  Y N 330 
TYR CZ   C  Y N 331 
TYR OH   O  N N 332 
TYR OXT  O  N N 333 
TYR H    H  N N 334 
TYR H2   H  N N 335 
TYR HA   H  N N 336 
TYR HB2  H  N N 337 
TYR HB3  H  N N 338 
TYR HD1  H  N N 339 
TYR HD2  H  N N 340 
TYR HE1  H  N N 341 
TYR HE2  H  N N 342 
TYR HH   H  N N 343 
TYR HXT  H  N N 344 
VAL N    N  N N 345 
VAL CA   C  N S 346 
VAL C    C  N N 347 
VAL O    O  N N 348 
VAL CB   C  N N 349 
VAL CG1  C  N N 350 
VAL CG2  C  N N 351 
VAL OXT  O  N N 352 
VAL H    H  N N 353 
VAL H2   H  N N 354 
VAL HA   H  N N 355 
VAL HB   H  N N 356 
VAL HG11 H  N N 357 
VAL HG12 H  N N 358 
VAL HG13 H  N N 359 
VAL HG21 H  N N 360 
VAL HG22 H  N N 361 
VAL HG23 H  N N 362 
VAL HXT  H  N N 363 
YIN C1   C  Y N 364 
YIN N1   N  N N 365 
YIN O1   O  N N 366 
YIN BR1  BR N N 367 
YIN C2   C  Y N 368 
YIN N2   N  N N 369 
YIN BR2  BR N N 370 
YIN C3   C  Y N 371 
YIN N3   N  N N 372 
YIN C4   C  Y N 373 
YIN N4   N  N N 374 
YIN C5   C  Y N 375 
YIN C6   C  Y N 376 
YIN C7   C  N R 377 
YIN C8   C  N N 378 
YIN C9   C  N N 379 
YIN C10  C  N S 380 
YIN C11  C  N N 381 
YIN C12  C  N N 382 
YIN C13  C  Y N 383 
YIN C14  C  Y N 384 
YIN C15  C  Y N 385 
YIN C16  C  Y N 386 
YIN C17  C  Y N 387 
YIN C18  C  Y N 388 
YIN C19  C  Y N 389 
YIN C20  C  Y N 390 
YIN C21  C  Y N 391 
YIN C22  C  Y N 392 
YIN C23  C  Y N 393 
YIN C24  C  Y N 394 
YIN H2   H  N N 395 
YIN H3   H  N N 396 
YIN H5   H  N N 397 
YIN H6   H  N N 398 
YIN H7   H  N N 399 
YIN H8   H  N N 400 
YIN H13  H  N N 401 
YIN H14  H  N N 402 
YIN H15  H  N N 403 
YIN H16  H  N N 404 
YIN H19  H  N N 405 
YIN H21  H  N N 406 
YIN H22  H  N N 407 
YIN H24  H  N N 408 
YIN HN2  H  N N 409 
YIN H10  H  N N 410 
# 
loop_
_chem_comp_bond.comp_id 
_chem_comp_bond.atom_id_1 
_chem_comp_bond.atom_id_2 
_chem_comp_bond.value_order 
_chem_comp_bond.pdbx_aromatic_flag 
_chem_comp_bond.pdbx_stereo_config 
_chem_comp_bond.pdbx_ordinal 
ALA N   CA   sing N N 1   
ALA N   H    sing N N 2   
ALA N   H2   sing N N 3   
ALA CA  C    sing N N 4   
ALA CA  CB   sing N N 5   
ALA CA  HA   sing N N 6   
ALA C   O    doub N N 7   
ALA C   OXT  sing N N 8   
ALA CB  HB1  sing N N 9   
ALA CB  HB2  sing N N 10  
ALA CB  HB3  sing N N 11  
ALA OXT HXT  sing N N 12  
ARG N   CA   sing N N 13  
ARG N   H    sing N N 14  
ARG N   H2   sing N N 15  
ARG CA  C    sing N N 16  
ARG CA  CB   sing N N 17  
ARG CA  HA   sing N N 18  
ARG C   O    doub N N 19  
ARG C   OXT  sing N N 20  
ARG CB  CG   sing N N 21  
ARG CB  HB2  sing N N 22  
ARG CB  HB3  sing N N 23  
ARG CG  CD   sing N N 24  
ARG CG  HG2  sing N N 25  
ARG CG  HG3  sing N N 26  
ARG CD  NE   sing N N 27  
ARG CD  HD2  sing N N 28  
ARG CD  HD3  sing N N 29  
ARG NE  CZ   sing N N 30  
ARG NE  HE   sing N N 31  
ARG CZ  NH1  sing N N 32  
ARG CZ  NH2  doub N N 33  
ARG NH1 HH11 sing N N 34  
ARG NH1 HH12 sing N N 35  
ARG NH2 HH21 sing N N 36  
ARG NH2 HH22 sing N N 37  
ARG OXT HXT  sing N N 38  
ASN N   CA   sing N N 39  
ASN N   H    sing N N 40  
ASN N   H2   sing N N 41  
ASN CA  C    sing N N 42  
ASN CA  CB   sing N N 43  
ASN CA  HA   sing N N 44  
ASN C   O    doub N N 45  
ASN C   OXT  sing N N 46  
ASN CB  CG   sing N N 47  
ASN CB  HB2  sing N N 48  
ASN CB  HB3  sing N N 49  
ASN CG  OD1  doub N N 50  
ASN CG  ND2  sing N N 51  
ASN ND2 HD21 sing N N 52  
ASN ND2 HD22 sing N N 53  
ASN OXT HXT  sing N N 54  
ASP N   CA   sing N N 55  
ASP N   H    sing N N 56  
ASP N   H2   sing N N 57  
ASP CA  C    sing N N 58  
ASP CA  CB   sing N N 59  
ASP CA  HA   sing N N 60  
ASP C   O    doub N N 61  
ASP C   OXT  sing N N 62  
ASP CB  CG   sing N N 63  
ASP CB  HB2  sing N N 64  
ASP CB  HB3  sing N N 65  
ASP CG  OD1  doub N N 66  
ASP CG  OD2  sing N N 67  
ASP OD2 HD2  sing N N 68  
ASP OXT HXT  sing N N 69  
CYS N   CA   sing N N 70  
CYS N   H    sing N N 71  
CYS N   H2   sing N N 72  
CYS CA  C    sing N N 73  
CYS CA  CB   sing N N 74  
CYS CA  HA   sing N N 75  
CYS C   O    doub N N 76  
CYS C   OXT  sing N N 77  
CYS CB  SG   sing N N 78  
CYS CB  HB2  sing N N 79  
CYS CB  HB3  sing N N 80  
CYS SG  HG   sing N N 81  
CYS OXT HXT  sing N N 82  
GLN N   CA   sing N N 83  
GLN N   H    sing N N 84  
GLN N   H2   sing N N 85  
GLN CA  C    sing N N 86  
GLN CA  CB   sing N N 87  
GLN CA  HA   sing N N 88  
GLN C   O    doub N N 89  
GLN C   OXT  sing N N 90  
GLN CB  CG   sing N N 91  
GLN CB  HB2  sing N N 92  
GLN CB  HB3  sing N N 93  
GLN CG  CD   sing N N 94  
GLN CG  HG2  sing N N 95  
GLN CG  HG3  sing N N 96  
GLN CD  OE1  doub N N 97  
GLN CD  NE2  sing N N 98  
GLN NE2 HE21 sing N N 99  
GLN NE2 HE22 sing N N 100 
GLN OXT HXT  sing N N 101 
GLU N   CA   sing N N 102 
GLU N   H    sing N N 103 
GLU N   H2   sing N N 104 
GLU CA  C    sing N N 105 
GLU CA  CB   sing N N 106 
GLU CA  HA   sing N N 107 
GLU C   O    doub N N 108 
GLU C   OXT  sing N N 109 
GLU CB  CG   sing N N 110 
GLU CB  HB2  sing N N 111 
GLU CB  HB3  sing N N 112 
GLU CG  CD   sing N N 113 
GLU CG  HG2  sing N N 114 
GLU CG  HG3  sing N N 115 
GLU CD  OE1  doub N N 116 
GLU CD  OE2  sing N N 117 
GLU OE2 HE2  sing N N 118 
GLU OXT HXT  sing N N 119 
GLY N   CA   sing N N 120 
GLY N   H    sing N N 121 
GLY N   H2   sing N N 122 
GLY CA  C    sing N N 123 
GLY CA  HA2  sing N N 124 
GLY CA  HA3  sing N N 125 
GLY C   O    doub N N 126 
GLY C   OXT  sing N N 127 
GLY OXT HXT  sing N N 128 
HIS N   CA   sing N N 129 
HIS N   H    sing N N 130 
HIS N   H2   sing N N 131 
HIS CA  C    sing N N 132 
HIS CA  CB   sing N N 133 
HIS CA  HA   sing N N 134 
HIS C   O    doub N N 135 
HIS C   OXT  sing N N 136 
HIS CB  CG   sing N N 137 
HIS CB  HB2  sing N N 138 
HIS CB  HB3  sing N N 139 
HIS CG  ND1  sing Y N 140 
HIS CG  CD2  doub Y N 141 
HIS ND1 CE1  doub Y N 142 
HIS ND1 HD1  sing N N 143 
HIS CD2 NE2  sing Y N 144 
HIS CD2 HD2  sing N N 145 
HIS CE1 NE2  sing Y N 146 
HIS CE1 HE1  sing N N 147 
HIS NE2 HE2  sing N N 148 
HIS OXT HXT  sing N N 149 
HOH O   H1   sing N N 150 
HOH O   H2   sing N N 151 
ILE N   CA   sing N N 152 
ILE N   H    sing N N 153 
ILE N   H2   sing N N 154 
ILE CA  C    sing N N 155 
ILE CA  CB   sing N N 156 
ILE CA  HA   sing N N 157 
ILE C   O    doub N N 158 
ILE C   OXT  sing N N 159 
ILE CB  CG1  sing N N 160 
ILE CB  CG2  sing N N 161 
ILE CB  HB   sing N N 162 
ILE CG1 CD1  sing N N 163 
ILE CG1 HG12 sing N N 164 
ILE CG1 HG13 sing N N 165 
ILE CG2 HG21 sing N N 166 
ILE CG2 HG22 sing N N 167 
ILE CG2 HG23 sing N N 168 
ILE CD1 HD11 sing N N 169 
ILE CD1 HD12 sing N N 170 
ILE CD1 HD13 sing N N 171 
ILE OXT HXT  sing N N 172 
LEU N   CA   sing N N 173 
LEU N   H    sing N N 174 
LEU N   H2   sing N N 175 
LEU CA  C    sing N N 176 
LEU CA  CB   sing N N 177 
LEU CA  HA   sing N N 178 
LEU C   O    doub N N 179 
LEU C   OXT  sing N N 180 
LEU CB  CG   sing N N 181 
LEU CB  HB2  sing N N 182 
LEU CB  HB3  sing N N 183 
LEU CG  CD1  sing N N 184 
LEU CG  CD2  sing N N 185 
LEU CG  HG   sing N N 186 
LEU CD1 HD11 sing N N 187 
LEU CD1 HD12 sing N N 188 
LEU CD1 HD13 sing N N 189 
LEU CD2 HD21 sing N N 190 
LEU CD2 HD22 sing N N 191 
LEU CD2 HD23 sing N N 192 
LEU OXT HXT  sing N N 193 
LYS N   CA   sing N N 194 
LYS N   H    sing N N 195 
LYS N   H2   sing N N 196 
LYS CA  C    sing N N 197 
LYS CA  CB   sing N N 198 
LYS CA  HA   sing N N 199 
LYS C   O    doub N N 200 
LYS C   OXT  sing N N 201 
LYS CB  CG   sing N N 202 
LYS CB  HB2  sing N N 203 
LYS CB  HB3  sing N N 204 
LYS CG  CD   sing N N 205 
LYS CG  HG2  sing N N 206 
LYS CG  HG3  sing N N 207 
LYS CD  CE   sing N N 208 
LYS CD  HD2  sing N N 209 
LYS CD  HD3  sing N N 210 
LYS CE  NZ   sing N N 211 
LYS CE  HE2  sing N N 212 
LYS CE  HE3  sing N N 213 
LYS NZ  HZ1  sing N N 214 
LYS NZ  HZ2  sing N N 215 
LYS NZ  HZ3  sing N N 216 
LYS OXT HXT  sing N N 217 
MET N   CA   sing N N 218 
MET N   H    sing N N 219 
MET N   H2   sing N N 220 
MET CA  C    sing N N 221 
MET CA  CB   sing N N 222 
MET CA  HA   sing N N 223 
MET C   O    doub N N 224 
MET C   OXT  sing N N 225 
MET CB  CG   sing N N 226 
MET CB  HB2  sing N N 227 
MET CB  HB3  sing N N 228 
MET CG  SD   sing N N 229 
MET CG  HG2  sing N N 230 
MET CG  HG3  sing N N 231 
MET SD  CE   sing N N 232 
MET CE  HE1  sing N N 233 
MET CE  HE2  sing N N 234 
MET CE  HE3  sing N N 235 
MET OXT HXT  sing N N 236 
PHE N   CA   sing N N 237 
PHE N   H    sing N N 238 
PHE N   H2   sing N N 239 
PHE CA  C    sing N N 240 
PHE CA  CB   sing N N 241 
PHE CA  HA   sing N N 242 
PHE C   O    doub N N 243 
PHE C   OXT  sing N N 244 
PHE CB  CG   sing N N 245 
PHE CB  HB2  sing N N 246 
PHE CB  HB3  sing N N 247 
PHE CG  CD1  doub Y N 248 
PHE CG  CD2  sing Y N 249 
PHE CD1 CE1  sing Y N 250 
PHE CD1 HD1  sing N N 251 
PHE CD2 CE2  doub Y N 252 
PHE CD2 HD2  sing N N 253 
PHE CE1 CZ   doub Y N 254 
PHE CE1 HE1  sing N N 255 
PHE CE2 CZ   sing Y N 256 
PHE CE2 HE2  sing N N 257 
PHE CZ  HZ   sing N N 258 
PHE OXT HXT  sing N N 259 
PRO N   CA   sing N N 260 
PRO N   CD   sing N N 261 
PRO N   H    sing N N 262 
PRO CA  C    sing N N 263 
PRO CA  CB   sing N N 264 
PRO CA  HA   sing N N 265 
PRO C   O    doub N N 266 
PRO C   OXT  sing N N 267 
PRO CB  CG   sing N N 268 
PRO CB  HB2  sing N N 269 
PRO CB  HB3  sing N N 270 
PRO CG  CD   sing N N 271 
PRO CG  HG2  sing N N 272 
PRO CG  HG3  sing N N 273 
PRO CD  HD2  sing N N 274 
PRO CD  HD3  sing N N 275 
PRO OXT HXT  sing N N 276 
SER N   CA   sing N N 277 
SER N   H    sing N N 278 
SER N   H2   sing N N 279 
SER CA  C    sing N N 280 
SER CA  CB   sing N N 281 
SER CA  HA   sing N N 282 
SER C   O    doub N N 283 
SER C   OXT  sing N N 284 
SER CB  OG   sing N N 285 
SER CB  HB2  sing N N 286 
SER CB  HB3  sing N N 287 
SER OG  HG   sing N N 288 
SER OXT HXT  sing N N 289 
THR N   CA   sing N N 290 
THR N   H    sing N N 291 
THR N   H2   sing N N 292 
THR CA  C    sing N N 293 
THR CA  CB   sing N N 294 
THR CA  HA   sing N N 295 
THR C   O    doub N N 296 
THR C   OXT  sing N N 297 
THR CB  OG1  sing N N 298 
THR CB  CG2  sing N N 299 
THR CB  HB   sing N N 300 
THR OG1 HG1  sing N N 301 
THR CG2 HG21 sing N N 302 
THR CG2 HG22 sing N N 303 
THR CG2 HG23 sing N N 304 
THR OXT HXT  sing N N 305 
TYR N   CA   sing N N 306 
TYR N   H    sing N N 307 
TYR N   H2   sing N N 308 
TYR CA  C    sing N N 309 
TYR CA  CB   sing N N 310 
TYR CA  HA   sing N N 311 
TYR C   O    doub N N 312 
TYR C   OXT  sing N N 313 
TYR CB  CG   sing N N 314 
TYR CB  HB2  sing N N 315 
TYR CB  HB3  sing N N 316 
TYR CG  CD1  doub Y N 317 
TYR CG  CD2  sing Y N 318 
TYR CD1 CE1  sing Y N 319 
TYR CD1 HD1  sing N N 320 
TYR CD2 CE2  doub Y N 321 
TYR CD2 HD2  sing N N 322 
TYR CE1 CZ   doub Y N 323 
TYR CE1 HE1  sing N N 324 
TYR CE2 CZ   sing Y N 325 
TYR CE2 HE2  sing N N 326 
TYR CZ  OH   sing N N 327 
TYR OH  HH   sing N N 328 
TYR OXT HXT  sing N N 329 
VAL N   CA   sing N N 330 
VAL N   H    sing N N 331 
VAL N   H2   sing N N 332 
VAL CA  C    sing N N 333 
VAL CA  CB   sing N N 334 
VAL CA  HA   sing N N 335 
VAL C   O    doub N N 336 
VAL C   OXT  sing N N 337 
VAL CB  CG1  sing N N 338 
VAL CB  CG2  sing N N 339 
VAL CB  HB   sing N N 340 
VAL CG1 HG11 sing N N 341 
VAL CG1 HG12 sing N N 342 
VAL CG1 HG13 sing N N 343 
VAL CG2 HG21 sing N N 344 
VAL CG2 HG22 sing N N 345 
VAL CG2 HG23 sing N N 346 
VAL OXT HXT  sing N N 347 
YIN C1  C2   doub Y N 348 
YIN C1  C6   sing Y N 349 
YIN C1  C10  sing N N 350 
YIN N1  N4   sing N N 351 
YIN N1  C10  sing N N 352 
YIN N1  C11  sing N N 353 
YIN O1  C7   sing N N 354 
YIN O1  C17  sing N N 355 
YIN BR1 C4   sing N N 356 
YIN C2  C3   sing Y N 357 
YIN C2  H2   sing N N 358 
YIN N2  C8   sing N N 359 
YIN N2  C11  sing N N 360 
YIN BR2 C23  sing N N 361 
YIN C3  C4   doub Y N 362 
YIN C3  H3   sing N N 363 
YIN N3  C11  doub N N 364 
YIN N3  C12  sing N N 365 
YIN C4  C5   sing Y N 366 
YIN N4  C8   doub N N 367 
YIN C5  C6   doub Y N 368 
YIN C5  H5   sing N N 369 
YIN C6  H6   sing N N 370 
YIN C7  C9   sing N N 371 
YIN C7  C20  sing N N 372 
YIN C7  H7   sing N N 373 
YIN C8  H8   sing N N 374 
YIN C9  C10  sing N N 375 
YIN C9  C12  doub N N 376 
YIN C12 C18  sing N N 377 
YIN C13 C14  doub Y N 378 
YIN C13 C18  sing Y N 379 
YIN C13 H13  sing N N 380 
YIN C14 C15  sing Y N 381 
YIN C14 H14  sing N N 382 
YIN C15 C16  doub Y N 383 
YIN C15 H15  sing N N 384 
YIN C16 C17  sing Y N 385 
YIN C16 H16  sing N N 386 
YIN C17 C18  doub Y N 387 
YIN C19 C20  doub Y N 388 
YIN C19 C24  sing Y N 389 
YIN C19 H19  sing N N 390 
YIN C20 C21  sing Y N 391 
YIN C21 C22  doub Y N 392 
YIN C21 H21  sing N N 393 
YIN C22 C23  sing Y N 394 
YIN C22 H22  sing N N 395 
YIN C23 C24  doub Y N 396 
YIN C24 H24  sing N N 397 
YIN N2  HN2  sing N N 398 
YIN C10 H10  sing N N 399 
# 
loop_
_pdbx_entity_nonpoly.entity_id 
_pdbx_entity_nonpoly.name 
_pdbx_entity_nonpoly.comp_id 
2 '(6R,7S)-6,7-bis(4-bromophenyl)-7,11-dihydro-6H-chromeno[4,3-d][1,2,4]triazolo[1,5-a]pyrimidine' YIN 
3 water                                                                                            HOH 
# 
_pdbx_initial_refinement_model.id               1 
_pdbx_initial_refinement_model.entity_id_list   ? 
_pdbx_initial_refinement_model.type             'experimental model' 
_pdbx_initial_refinement_model.source_name      PDB 
_pdbx_initial_refinement_model.accession_code   1T4E 
_pdbx_initial_refinement_model.details          'PDB ENTRY 1T4E' 
# 
